data_2OG3
# 
_entry.id   2OG3 
# 
_audit_conform.dict_name       mmcif_pdbx.dic 
_audit_conform.dict_version    5.377 
_audit_conform.dict_location   http://mmcif.pdb.org/dictionaries/ascii/mmcif_pdbx.dic 
# 
loop_
_database_2.database_id 
_database_2.database_code 
_database_2.pdbx_database_accession 
_database_2.pdbx_DOI 
PDB   2OG3         pdb_00002og3 10.2210/pdb2og3/pdb 
RCSB  RCSB041091   ?            ?                   
WWPDB D_1000041091 ?            ?                   
# 
_pdbx_database_related.db_name        PDB 
_pdbx_database_related.db_id          2ofz 
_pdbx_database_related.details        'structure of rna binding domain of SARS N protein in monoclinic crystal form.' 
_pdbx_database_related.content_type   unspecified 
# 
_pdbx_database_status.status_code                     REL 
_pdbx_database_status.entry_id                        2OG3 
_pdbx_database_status.recvd_initial_deposition_date   2007-01-05 
_pdbx_database_status.deposit_site                    RCSB 
_pdbx_database_status.process_site                    RCSB 
_pdbx_database_status.status_code_sf                  REL 
_pdbx_database_status.status_code_mr                  ? 
_pdbx_database_status.SG_entry                        ? 
_pdbx_database_status.pdb_format_compatible           Y 
_pdbx_database_status.status_code_cs                  ? 
_pdbx_database_status.status_code_nmr_data            ? 
_pdbx_database_status.methods_development_category    ? 
# 
loop_
_audit_author.name 
_audit_author.pdbx_ordinal 
'Saikatendu, K.'  1 
'Joseph, J.'      2 
'Subramanian, V.' 3 
'Neuman, B.'      4 
'Buchmeier, M.'   5 
'Stevens, R.C.'   6 
'Kuhn, P.'        7 
# 
_citation.id                        primary 
_citation.title                     
;Ribonucleocapsid formation of severe acute respiratory syndrome coronavirus through molecular action of the N-terminal domain of N protein.
;
_citation.journal_abbrev            J.Virol. 
_citation.journal_volume            81 
_citation.page_first                3913 
_citation.page_last                 3921 
_citation.year                      2007 
_citation.journal_id_ASTM           JOVIAM 
_citation.country                   US 
_citation.journal_id_ISSN           0022-538X 
_citation.journal_id_CSD            0825 
_citation.book_publisher            ? 
_citation.pdbx_database_id_PubMed   17229691 
_citation.pdbx_database_id_DOI      10.1128/JVI.02236-06 
# 
loop_
_citation_author.citation_id 
_citation_author.name 
_citation_author.ordinal 
_citation_author.identifier_ORCID 
primary 'Saikatendu, K.S.' 1 ? 
primary 'Joseph, J.S.'     2 ? 
primary 'Subramanian, V.'  3 ? 
primary 'Neuman, B.W.'     4 ? 
primary 'Buchmeier, M.J.'  5 ? 
primary 'Stevens, R.C.'    6 ? 
primary 'Kuhn, P.'         7 ? 
# 
_cell.entry_id           2OG3 
_cell.length_a           110.001 
_cell.length_b           110.001 
_cell.length_c           110.001 
_cell.angle_alpha        90.00 
_cell.angle_beta         90.00 
_cell.angle_gamma        90.00 
_cell.Z_PDB              24 
_cell.pdbx_unique_axis   ? 
_cell.length_a_esd       ? 
_cell.length_b_esd       ? 
_cell.length_c_esd       ? 
_cell.angle_alpha_esd    ? 
_cell.angle_beta_esd     ? 
_cell.angle_gamma_esd    ? 
# 
_symmetry.entry_id                         2OG3 
_symmetry.space_group_name_H-M             'I 21 3' 
_symmetry.pdbx_full_space_group_name_H-M   ? 
_symmetry.cell_setting                     ? 
_symmetry.Int_Tables_number                199 
_symmetry.space_group_name_Hall            ? 
# 
loop_
_entity.id 
_entity.type 
_entity.src_method 
_entity.pdbx_description 
_entity.formula_weight 
_entity.pdbx_number_of_molecules 
_entity.pdbx_ec 
_entity.pdbx_mutation 
_entity.pdbx_fragment 
_entity.details 
1 polymer man 'Nucleocapsid protein' 15392.127 1   ? ? 'rna binding domain of N protein' ? 
2 water   nat water                  18.015    243 ? ? ?                                 ? 
# 
_entity_name_com.entity_id   1 
_entity_name_com.name        'N structural protein, NC' 
# 
_entity_poly.entity_id                      1 
_entity_poly.type                           'polypeptide(L)' 
_entity_poly.nstd_linkage                   no 
_entity_poly.nstd_monomer                   no 
_entity_poly.pdbx_seq_one_letter_code       
;MGSDKIHHHHHHNTASWFTALTQHGKEELRFPRGQGVPINTNSGPDDQIGYYRRATRRVRGGDGKMKELSPRWYFYYLGT
GPEASLPYGANKEGIVWVATEGALNTPKDHIGTRNPNNNAATVLQLPQGTTLPKGFYA
;
_entity_poly.pdbx_seq_one_letter_code_can   
;MGSDKIHHHHHHNTASWFTALTQHGKEELRFPRGQGVPINTNSGPDDQIGYYRRATRRVRGGDGKMKELSPRWYFYYLGT
GPEASLPYGANKEGIVWVATEGALNTPKDHIGTRNPNNNAATVLQLPQGTTLPKGFYA
;
_entity_poly.pdbx_strand_id                 A 
_entity_poly.pdbx_target_identifier         ? 
# 
loop_
_entity_poly_seq.entity_id 
_entity_poly_seq.num 
_entity_poly_seq.mon_id 
_entity_poly_seq.hetero 
1 1   MET n 
1 2   GLY n 
1 3   SER n 
1 4   ASP n 
1 5   LYS n 
1 6   ILE n 
1 7   HIS n 
1 8   HIS n 
1 9   HIS n 
1 10  HIS n 
1 11  HIS n 
1 12  HIS n 
1 13  ASN n 
1 14  THR n 
1 15  ALA n 
1 16  SER n 
1 17  TRP n 
1 18  PHE n 
1 19  THR n 
1 20  ALA n 
1 21  LEU n 
1 22  THR n 
1 23  GLN n 
1 24  HIS n 
1 25  GLY n 
1 26  LYS n 
1 27  GLU n 
1 28  GLU n 
1 29  LEU n 
1 30  ARG n 
1 31  PHE n 
1 32  PRO n 
1 33  ARG n 
1 34  GLY n 
1 35  GLN n 
1 36  GLY n 
1 37  VAL n 
1 38  PRO n 
1 39  ILE n 
1 40  ASN n 
1 41  THR n 
1 42  ASN n 
1 43  SER n 
1 44  GLY n 
1 45  PRO n 
1 46  ASP n 
1 47  ASP n 
1 48  GLN n 
1 49  ILE n 
1 50  GLY n 
1 51  TYR n 
1 52  TYR n 
1 53  ARG n 
1 54  ARG n 
1 55  ALA n 
1 56  THR n 
1 57  ARG n 
1 58  ARG n 
1 59  VAL n 
1 60  ARG n 
1 61  GLY n 
1 62  GLY n 
1 63  ASP n 
1 64  GLY n 
1 65  LYS n 
1 66  MET n 
1 67  LYS n 
1 68  GLU n 
1 69  LEU n 
1 70  SER n 
1 71  PRO n 
1 72  ARG n 
1 73  TRP n 
1 74  TYR n 
1 75  PHE n 
1 76  TYR n 
1 77  TYR n 
1 78  LEU n 
1 79  GLY n 
1 80  THR n 
1 81  GLY n 
1 82  PRO n 
1 83  GLU n 
1 84  ALA n 
1 85  SER n 
1 86  LEU n 
1 87  PRO n 
1 88  TYR n 
1 89  GLY n 
1 90  ALA n 
1 91  ASN n 
1 92  LYS n 
1 93  GLU n 
1 94  GLY n 
1 95  ILE n 
1 96  VAL n 
1 97  TRP n 
1 98  VAL n 
1 99  ALA n 
1 100 THR n 
1 101 GLU n 
1 102 GLY n 
1 103 ALA n 
1 104 LEU n 
1 105 ASN n 
1 106 THR n 
1 107 PRO n 
1 108 LYS n 
1 109 ASP n 
1 110 HIS n 
1 111 ILE n 
1 112 GLY n 
1 113 THR n 
1 114 ARG n 
1 115 ASN n 
1 116 PRO n 
1 117 ASN n 
1 118 ASN n 
1 119 ASN n 
1 120 ALA n 
1 121 ALA n 
1 122 THR n 
1 123 VAL n 
1 124 LEU n 
1 125 GLN n 
1 126 LEU n 
1 127 PRO n 
1 128 GLN n 
1 129 GLY n 
1 130 THR n 
1 131 THR n 
1 132 LEU n 
1 133 PRO n 
1 134 LYS n 
1 135 GLY n 
1 136 PHE n 
1 137 TYR n 
1 138 ALA n 
# 
_entity_src_gen.entity_id                          1 
_entity_src_gen.pdbx_src_id                        1 
_entity_src_gen.pdbx_alt_source_flag               sample 
_entity_src_gen.pdbx_seq_type                      ? 
_entity_src_gen.pdbx_beg_seq_num                   ? 
_entity_src_gen.pdbx_end_seq_num                   ? 
_entity_src_gen.gene_src_common_name               ? 
_entity_src_gen.gene_src_genus                     Coronavirus 
_entity_src_gen.pdbx_gene_src_gene                 N 
_entity_src_gen.gene_src_species                   'SARS coronavirus' 
_entity_src_gen.gene_src_strain                    tor-2 
_entity_src_gen.gene_src_tissue                    ? 
_entity_src_gen.gene_src_tissue_fraction           ? 
_entity_src_gen.gene_src_details                   ? 
_entity_src_gen.pdbx_gene_src_fragment             ? 
_entity_src_gen.pdbx_gene_src_scientific_name      'SARS coronavirus Tor2' 
_entity_src_gen.pdbx_gene_src_ncbi_taxonomy_id     227984 
_entity_src_gen.pdbx_gene_src_variant              ? 
_entity_src_gen.pdbx_gene_src_cell_line            ? 
_entity_src_gen.pdbx_gene_src_atcc                 ? 
_entity_src_gen.pdbx_gene_src_organ                ? 
_entity_src_gen.pdbx_gene_src_organelle            ? 
_entity_src_gen.pdbx_gene_src_cell                 ? 
_entity_src_gen.pdbx_gene_src_cellular_location    ? 
_entity_src_gen.host_org_common_name               ? 
_entity_src_gen.pdbx_host_org_scientific_name      'Escherichia coli' 
_entity_src_gen.pdbx_host_org_ncbi_taxonomy_id     562 
_entity_src_gen.host_org_genus                     Escherichia 
_entity_src_gen.pdbx_host_org_gene                 ? 
_entity_src_gen.pdbx_host_org_organ                ? 
_entity_src_gen.host_org_species                   ? 
_entity_src_gen.pdbx_host_org_tissue               ? 
_entity_src_gen.pdbx_host_org_tissue_fraction      ? 
_entity_src_gen.pdbx_host_org_strain               dl41 
_entity_src_gen.pdbx_host_org_variant              ? 
_entity_src_gen.pdbx_host_org_cell_line            ? 
_entity_src_gen.pdbx_host_org_atcc                 ? 
_entity_src_gen.pdbx_host_org_culture_collection   ? 
_entity_src_gen.pdbx_host_org_cell                 ? 
_entity_src_gen.pdbx_host_org_organelle            ? 
_entity_src_gen.pdbx_host_org_cellular_location    ? 
_entity_src_gen.pdbx_host_org_vector_type          plasmid 
_entity_src_gen.pdbx_host_org_vector               ? 
_entity_src_gen.host_org_details                   ? 
_entity_src_gen.expression_system_id               ? 
_entity_src_gen.plasmid_name                       pmh1-f 
_entity_src_gen.plasmid_details                    ? 
_entity_src_gen.pdbx_description                   ? 
# 
_struct_ref.id                         1 
_struct_ref.db_name                    UNP 
_struct_ref.db_code                    NCAP_CVHSA 
_struct_ref.pdbx_db_accession          P59595 
_struct_ref.entity_id                  1 
_struct_ref.pdbx_seq_one_letter_code   
;NTASWFTALTQHGKEELRFPRGQGVPINTNSGPDDQIGYYRRATRRVRGGDGKMKELSPRWYFYYLGTGPEASLPYGANK
EGIVWVATEGALNTPKDHIGTRNPNNNAATVLQLPQGTTLPKGFYA
;
_struct_ref.pdbx_align_begin           49 
_struct_ref.pdbx_db_isoform            ? 
# 
_struct_ref_seq.align_id                      1 
_struct_ref_seq.ref_id                        1 
_struct_ref_seq.pdbx_PDB_id_code              2OG3 
_struct_ref_seq.pdbx_strand_id                A 
_struct_ref_seq.seq_align_beg                 13 
_struct_ref_seq.pdbx_seq_align_beg_ins_code   ? 
_struct_ref_seq.seq_align_end                 93 
_struct_ref_seq.pdbx_seq_align_end_ins_code   ? 
_struct_ref_seq.pdbx_db_accession             P59595 
_struct_ref_seq.db_align_beg                  49 
_struct_ref_seq.pdbx_db_align_beg_ins_code    ? 
_struct_ref_seq.db_align_end                  174 
_struct_ref_seq.pdbx_db_align_end_ins_code    ? 
_struct_ref_seq.pdbx_auth_seq_align_beg       49 
_struct_ref_seq.pdbx_auth_seq_align_end       129 
# 
loop_
_struct_ref_seq_dif.align_id 
_struct_ref_seq_dif.pdbx_pdb_id_code 
_struct_ref_seq_dif.mon_id 
_struct_ref_seq_dif.pdbx_pdb_strand_id 
_struct_ref_seq_dif.seq_num 
_struct_ref_seq_dif.pdbx_pdb_ins_code 
_struct_ref_seq_dif.pdbx_seq_db_name 
_struct_ref_seq_dif.pdbx_seq_db_accession_code 
_struct_ref_seq_dif.db_mon_id 
_struct_ref_seq_dif.pdbx_seq_db_seq_num 
_struct_ref_seq_dif.details 
_struct_ref_seq_dif.pdbx_auth_seq_num 
_struct_ref_seq_dif.pdbx_ordinal 
1 2OG3 MET A 1  ? UNP P59595 ? ? 'cloning artifact' -8 1  
1 2OG3 GLY A 2  ? UNP P59595 ? ? 'cloning artifact' -7 2  
1 2OG3 SER A 3  ? UNP P59595 ? ? 'cloning artifact' -6 3  
1 2OG3 ASP A 4  ? UNP P59595 ? ? 'cloning artifact' -5 4  
1 2OG3 LYS A 5  ? UNP P59595 ? ? 'cloning artifact' -4 5  
1 2OG3 ILE A 6  ? UNP P59595 ? ? 'cloning artifact' -3 6  
1 2OG3 HIS A 7  ? UNP P59595 ? ? 'expression tag'   -2 7  
1 2OG3 HIS A 8  ? UNP P59595 ? ? 'expression tag'   -1 8  
1 2OG3 HIS A 9  ? UNP P59595 ? ? 'expression tag'   0  9  
1 2OG3 HIS A 10 ? UNP P59595 ? ? 'expression tag'   1  10 
1 2OG3 HIS A 11 ? UNP P59595 ? ? 'expression tag'   2  11 
1 2OG3 HIS A 12 ? UNP P59595 ? ? 'expression tag'   3  12 
# 
loop_
_chem_comp.id 
_chem_comp.type 
_chem_comp.mon_nstd_flag 
_chem_comp.name 
_chem_comp.pdbx_synonyms 
_chem_comp.formula 
_chem_comp.formula_weight 
ALA 'L-peptide linking' y ALANINE         ? 'C3 H7 N O2'     89.093  
ARG 'L-peptide linking' y ARGININE        ? 'C6 H15 N4 O2 1' 175.209 
ASN 'L-peptide linking' y ASPARAGINE      ? 'C4 H8 N2 O3'    132.118 
ASP 'L-peptide linking' y 'ASPARTIC ACID' ? 'C4 H7 N O4'     133.103 
GLN 'L-peptide linking' y GLUTAMINE       ? 'C5 H10 N2 O3'   146.144 
GLU 'L-peptide linking' y 'GLUTAMIC ACID' ? 'C5 H9 N O4'     147.129 
GLY 'peptide linking'   y GLYCINE         ? 'C2 H5 N O2'     75.067  
HIS 'L-peptide linking' y HISTIDINE       ? 'C6 H10 N3 O2 1' 156.162 
HOH non-polymer         . WATER           ? 'H2 O'           18.015  
ILE 'L-peptide linking' y ISOLEUCINE      ? 'C6 H13 N O2'    131.173 
LEU 'L-peptide linking' y LEUCINE         ? 'C6 H13 N O2'    131.173 
LYS 'L-peptide linking' y LYSINE          ? 'C6 H15 N2 O2 1' 147.195 
MET 'L-peptide linking' y METHIONINE      ? 'C5 H11 N O2 S'  149.211 
PHE 'L-peptide linking' y PHENYLALANINE   ? 'C9 H11 N O2'    165.189 
PRO 'L-peptide linking' y PROLINE         ? 'C5 H9 N O2'     115.130 
SER 'L-peptide linking' y SERINE          ? 'C3 H7 N O3'     105.093 
THR 'L-peptide linking' y THREONINE       ? 'C4 H9 N O3'     119.119 
TRP 'L-peptide linking' y TRYPTOPHAN      ? 'C11 H12 N2 O2'  204.225 
TYR 'L-peptide linking' y TYROSINE        ? 'C9 H11 N O3'    181.189 
VAL 'L-peptide linking' y VALINE          ? 'C5 H11 N O2'    117.146 
# 
_exptl.entry_id          2OG3 
_exptl.method            'X-RAY DIFFRACTION' 
_exptl.crystals_number   1 
# 
_exptl_crystal.id                    1 
_exptl_crystal.density_meas          ? 
_exptl_crystal.density_Matthews      3.60 
_exptl_crystal.density_percent_sol   65.84 
_exptl_crystal.description           ? 
_exptl_crystal.F_000                 ? 
_exptl_crystal.preparation           ? 
# 
_exptl_crystal_grow.crystal_id      1 
_exptl_crystal_grow.method          'VAPOR DIFFUSION' 
_exptl_crystal_grow.temp            277 
_exptl_crystal_grow.temp_details    ? 
_exptl_crystal_grow.pH              8.0 
_exptl_crystal_grow.pdbx_details    
'40% MPD and 0.1 M Tris pH 8.0, typically crystals appear within 2 weeks, VAPOR DIFFUSION, temperature 277K' 
_exptl_crystal_grow.pdbx_pH_range   . 
# 
_diffrn.id                     1 
_diffrn.ambient_temp           100 
_diffrn.ambient_temp_details   ? 
_diffrn.crystal_id             1 
# 
_diffrn_detector.diffrn_id              1 
_diffrn_detector.detector               CCD 
_diffrn_detector.type                   ? 
_diffrn_detector.pdbx_collection_date   2005-05-23 
_diffrn_detector.details                mirrors 
# 
_diffrn_radiation.diffrn_id                        1 
_diffrn_radiation.wavelength_id                    1 
_diffrn_radiation.pdbx_monochromatic_or_laue_m_l   M 
_diffrn_radiation.monochromator                    'Si 111 CHANNEL' 
_diffrn_radiation.pdbx_diffrn_protocol             'SINGLE WAVELENGTH' 
_diffrn_radiation.pdbx_scattering_type             x-ray 
# 
_diffrn_radiation_wavelength.id           1 
_diffrn_radiation_wavelength.wavelength   0.9797 
_diffrn_radiation_wavelength.wt           1.0 
# 
_diffrn_source.diffrn_id                   1 
_diffrn_source.source                      SYNCHROTRON 
_diffrn_source.type                        'SSRL BEAMLINE BL11-1' 
_diffrn_source.pdbx_synchrotron_site       SSRL 
_diffrn_source.pdbx_synchrotron_beamline   BL11-1 
_diffrn_source.pdbx_wavelength             ? 
_diffrn_source.pdbx_wavelength_list        0.9797 
# 
_reflns.entry_id                     2OG3 
_reflns.observed_criterion_sigma_F   0.0 
_reflns.observed_criterion_sigma_I   0.0 
_reflns.d_resolution_high            1.85 
_reflns.d_resolution_low             38.9 
_reflns.number_all                   18018 
_reflns.number_obs                   17989 
_reflns.percent_possible_obs         99.78 
_reflns.pdbx_Rmerge_I_obs            0.075 
_reflns.pdbx_Rsym_value              0.068 
_reflns.pdbx_netI_over_sigmaI        29.33 
_reflns.B_iso_Wilson_estimate        29.190 
_reflns.pdbx_redundancy              4.1 
_reflns.R_free_details               ? 
_reflns.limit_h_max                  ? 
_reflns.limit_h_min                  ? 
_reflns.limit_k_max                  ? 
_reflns.limit_k_min                  ? 
_reflns.limit_l_max                  ? 
_reflns.limit_l_min                  ? 
_reflns.observed_criterion_F_max     ? 
_reflns.observed_criterion_F_min     ? 
_reflns.pdbx_chi_squared             ? 
_reflns.pdbx_scaling_rejects         ? 
_reflns.pdbx_diffrn_id               1 
_reflns.pdbx_ordinal                 1 
# 
_reflns_shell.d_res_high             1.85 
_reflns_shell.d_res_low              1.89 
_reflns_shell.percent_possible_all   100 
_reflns_shell.Rmerge_I_obs           0.47 
_reflns_shell.pdbx_Rsym_value        0.44 
_reflns_shell.meanI_over_sigI_obs    1.91 
_reflns_shell.pdbx_redundancy        1.9 
_reflns_shell.percent_possible_obs   ? 
_reflns_shell.number_unique_all      1330 
_reflns_shell.number_measured_all    ? 
_reflns_shell.number_measured_obs    ? 
_reflns_shell.number_unique_obs      ? 
_reflns_shell.pdbx_chi_squared       ? 
_reflns_shell.pdbx_diffrn_id         ? 
_reflns_shell.pdbx_ordinal           1 
# 
_refine.entry_id                                 2OG3 
_refine.ls_number_reflns_obs                     17989 
_refine.ls_number_reflns_all                     17989 
_refine.pdbx_ls_sigma_I                          0.0 
_refine.pdbx_ls_sigma_F                          0.0 
_refine.pdbx_data_cutoff_high_absF               ? 
_refine.pdbx_data_cutoff_low_absF                ? 
_refine.pdbx_data_cutoff_high_rms_absF           ? 
_refine.ls_d_res_low                             38.90 
_refine.ls_d_res_high                            1.85 
_refine.ls_percent_reflns_obs                    99.78 
_refine.ls_R_factor_obs                          0.20133 
_refine.ls_R_factor_all                          0.1961 
_refine.ls_R_factor_R_work                       0.19904 
_refine.ls_R_factor_R_free                       0.24711 
_refine.ls_R_factor_R_free_error                 ? 
_refine.ls_R_factor_R_free_error_details         ? 
_refine.ls_percent_reflns_R_free                 5.1 
_refine.ls_number_reflns_R_free                  976 
_refine.ls_number_parameters                     ? 
_refine.ls_number_restraints                     ? 
_refine.occupancy_min                            ? 
_refine.occupancy_max                            ? 
_refine.correlation_coeff_Fo_to_Fc               0.957 
_refine.correlation_coeff_Fo_to_Fc_free          0.936 
_refine.B_iso_mean                               29.190 
_refine.aniso_B[1][1]                            ? 
_refine.aniso_B[2][2]                            ? 
_refine.aniso_B[3][3]                            ? 
_refine.aniso_B[1][2]                            ? 
_refine.aniso_B[1][3]                            ? 
_refine.aniso_B[2][3]                            ? 
_refine.solvent_model_details                    MASK 
_refine.solvent_model_param_ksol                 ? 
_refine.solvent_model_param_bsol                 ? 
_refine.pdbx_solvent_vdw_probe_radii             1.40 
_refine.pdbx_solvent_ion_probe_radii             0.80 
_refine.pdbx_solvent_shrinkage_radii             0.80 
_refine.pdbx_ls_cross_valid_method               THROUGHOUT 
_refine.details                                  'HYDROGENS HAVE BEEN ADDED IN THE RIDING POSITIONS' 
_refine.pdbx_starting_model                      'pdb entry 2ofz' 
_refine.pdbx_method_to_determine_struct          'MOLECULAR REPLACEMENT' 
_refine.pdbx_isotropic_thermal_model             isotropic 
_refine.pdbx_stereochemistry_target_values       'MAXIMUM LIKELIHOOD' 
_refine.pdbx_stereochem_target_val_spec_case     ? 
_refine.pdbx_R_Free_selection_details            RANDOM 
_refine.pdbx_overall_ESU_R                       0.110 
_refine.pdbx_overall_ESU_R_Free                  0.118 
_refine.overall_SU_ML                            0.087 
_refine.overall_SU_B                             5.243 
_refine.ls_redundancy_reflns_obs                 ? 
_refine.B_iso_min                                ? 
_refine.B_iso_max                                ? 
_refine.overall_SU_R_Cruickshank_DPI             ? 
_refine.overall_SU_R_free                        ? 
_refine.ls_wR_factor_R_free                      ? 
_refine.ls_wR_factor_R_work                      ? 
_refine.overall_FOM_free_R_set                   ? 
_refine.overall_FOM_work_R_set                   ? 
_refine.pdbx_refine_id                           'X-RAY DIFFRACTION' 
_refine.pdbx_diffrn_id                           1 
_refine.pdbx_TLS_residual_ADP_flag               ? 
_refine.pdbx_overall_phase_error                 ? 
_refine.pdbx_overall_SU_R_free_Cruickshank_DPI   ? 
_refine.pdbx_overall_SU_R_Blow_DPI               ? 
_refine.pdbx_overall_SU_R_free_Blow_DPI          ? 
# 
_refine_analyze.entry_id                        2OG3 
_refine_analyze.Luzzati_coordinate_error_obs    0.110 
_refine_analyze.Luzzati_sigma_a_obs             0.197 
_refine_analyze.Luzzati_d_res_low_obs           ? 
_refine_analyze.Luzzati_coordinate_error_free   ? 
_refine_analyze.Luzzati_sigma_a_free            ? 
_refine_analyze.Luzzati_d_res_low_free          ? 
_refine_analyze.number_disordered_residues      ? 
_refine_analyze.occupancy_sum_non_hydrogen      ? 
_refine_analyze.occupancy_sum_hydrogen          ? 
_refine_analyze.pdbx_Luzzati_d_res_high_obs     ? 
_refine_analyze.pdbx_refine_id                  'X-RAY DIFFRACTION' 
# 
_refine_hist.pdbx_refine_id                   'X-RAY DIFFRACTION' 
_refine_hist.cycle_id                         LAST 
_refine_hist.pdbx_number_atoms_protein        889 
_refine_hist.pdbx_number_atoms_nucleic_acid   0 
_refine_hist.pdbx_number_atoms_ligand         0 
_refine_hist.number_atoms_solvent             243 
_refine_hist.number_atoms_total               1132 
_refine_hist.d_res_high                       1.85 
_refine_hist.d_res_low                        38.90 
# 
loop_
_refine_ls_restr.type 
_refine_ls_restr.dev_ideal 
_refine_ls_restr.dev_ideal_target 
_refine_ls_restr.weight 
_refine_ls_restr.number 
_refine_ls_restr.pdbx_refine_id 
_refine_ls_restr.pdbx_restraint_function 
r_bond_refined_d             0.015  0.022  ? 938  'X-RAY DIFFRACTION' ? 
r_angle_refined_deg          1.431  1.935  ? 1283 'X-RAY DIFFRACTION' ? 
r_dihedral_angle_1_deg       6.377  5.000  ? 116  'X-RAY DIFFRACTION' ? 
r_dihedral_angle_2_deg       32.272 24.000 ? 45   'X-RAY DIFFRACTION' ? 
r_dihedral_angle_3_deg       16.017 15.000 ? 129  'X-RAY DIFFRACTION' ? 
r_dihedral_angle_4_deg       22.427 15.000 ? 6    'X-RAY DIFFRACTION' ? 
r_chiral_restr               0.117  0.200  ? 132  'X-RAY DIFFRACTION' ? 
r_gen_planes_refined         0.006  0.020  ? 753  'X-RAY DIFFRACTION' ? 
r_nbd_refined                0.207  0.200  ? 438  'X-RAY DIFFRACTION' ? 
r_nbtor_refined              0.302  0.200  ? 641  'X-RAY DIFFRACTION' ? 
r_xyhbond_nbd_refined        0.197  0.200  ? 147  'X-RAY DIFFRACTION' ? 
r_metal_ion_refined          0.053  0.200  ? 1    'X-RAY DIFFRACTION' ? 
r_symmetry_vdw_refined       0.180  0.200  ? 31   'X-RAY DIFFRACTION' ? 
r_symmetry_hbond_refined     0.262  0.200  ? 35   'X-RAY DIFFRACTION' ? 
r_symmetry_metal_ion_refined 0.020  0.200  ? 1    'X-RAY DIFFRACTION' ? 
r_mcbond_it                  1.012  1.500  ? 592  'X-RAY DIFFRACTION' ? 
r_mcangle_it                 1.658  2.000  ? 931  'X-RAY DIFFRACTION' ? 
r_scbond_it                  2.292  3.000  ? 404  'X-RAY DIFFRACTION' ? 
r_scangle_it                 3.685  4.500  ? 352  'X-RAY DIFFRACTION' ? 
# 
_refine_ls_shell.pdbx_total_number_of_bins_used   20 
_refine_ls_shell.d_res_high                       1.851 
_refine_ls_shell.d_res_low                        1.899 
_refine_ls_shell.number_reflns_R_work             1330 
_refine_ls_shell.R_factor_R_work                  0.281 
_refine_ls_shell.percent_reflns_obs               100.00 
_refine_ls_shell.R_factor_R_free                  0.37 
_refine_ls_shell.R_factor_R_free_error            ? 
_refine_ls_shell.percent_reflns_R_free            ? 
_refine_ls_shell.number_reflns_R_free             65 
_refine_ls_shell.number_reflns_all                ? 
_refine_ls_shell.R_factor_all                     ? 
_refine_ls_shell.number_reflns_obs                ? 
_refine_ls_shell.redundancy_reflns_obs            ? 
_refine_ls_shell.pdbx_refine_id                   'X-RAY DIFFRACTION' 
# 
_struct.entry_id                  2OG3 
_struct.title                     'structure of the rna binding domain of n protein from SARS coronavirus in cubic crystal form' 
_struct.pdbx_model_details        ? 
_struct.pdbx_CASP_flag            ? 
_struct.pdbx_model_type_details   ? 
# 
_struct_keywords.entry_id        2OG3 
_struct_keywords.pdbx_keywords   'VIRAL PROTEIN' 
_struct_keywords.text            'n protein, nucleocapsid, rna binding domain, sars coronavirus, Viral Protein' 
# 
loop_
_struct_asym.id 
_struct_asym.pdbx_blank_PDB_chainid_flag 
_struct_asym.pdbx_modified 
_struct_asym.entity_id 
_struct_asym.details 
A N N 1 ? 
B N N 2 ? 
# 
_struct_biol.id                    1 
_struct_biol.details               'unknown. forms large homo polymers with genomic and subgenomic rna' 
_struct_biol.pdbx_parent_biol_id   ? 
# 
_struct_conf.conf_type_id            HELX_P 
_struct_conf.id                      HELX_P1 
_struct_conf.pdbx_PDB_helix_id       1 
_struct_conf.beg_label_comp_id       GLY 
_struct_conf.beg_label_asym_id       A 
_struct_conf.beg_label_seq_id        44 
_struct_conf.pdbx_beg_PDB_ins_code   ? 
_struct_conf.end_label_comp_id       ASP 
_struct_conf.end_label_asym_id       A 
_struct_conf.end_label_seq_id        47 
_struct_conf.pdbx_end_PDB_ins_code   ? 
_struct_conf.beg_auth_comp_id        GLY 
_struct_conf.beg_auth_asym_id        A 
_struct_conf.beg_auth_seq_id         80 
_struct_conf.end_auth_comp_id        ASP 
_struct_conf.end_auth_asym_id        A 
_struct_conf.end_auth_seq_id         83 
_struct_conf.pdbx_PDB_helix_class    5 
_struct_conf.details                 ? 
_struct_conf.pdbx_PDB_helix_length   4 
# 
_struct_conf_type.id          HELX_P 
_struct_conf_type.criteria    ? 
_struct_conf_type.reference   ? 
# 
_struct_sheet.id               A 
_struct_sheet.type             ? 
_struct_sheet.number_strands   4 
_struct_sheet.details          ? 
# 
loop_
_struct_sheet_order.sheet_id 
_struct_sheet_order.range_id_1 
_struct_sheet_order.range_id_2 
_struct_sheet_order.offset 
_struct_sheet_order.sense 
A 1 2 ? anti-parallel 
A 2 3 ? anti-parallel 
A 3 4 ? anti-parallel 
# 
loop_
_struct_sheet_range.sheet_id 
_struct_sheet_range.id 
_struct_sheet_range.beg_label_comp_id 
_struct_sheet_range.beg_label_asym_id 
_struct_sheet_range.beg_label_seq_id 
_struct_sheet_range.pdbx_beg_PDB_ins_code 
_struct_sheet_range.end_label_comp_id 
_struct_sheet_range.end_label_asym_id 
_struct_sheet_range.end_label_seq_id 
_struct_sheet_range.pdbx_end_PDB_ins_code 
_struct_sheet_range.beg_auth_comp_id 
_struct_sheet_range.beg_auth_asym_id 
_struct_sheet_range.beg_auth_seq_id 
_struct_sheet_range.end_auth_comp_id 
_struct_sheet_range.end_auth_asym_id 
_struct_sheet_range.end_auth_seq_id 
A 1 LEU A 21 ? THR A 22 ? LEU A 57  THR A 58  
A 2 ARG A 72 ? TYR A 77 ? ARG A 108 TYR A 113 
A 3 ILE A 49 ? ARG A 54 ? ILE A 85  ARG A 90  
A 4 ILE A 95 ? ALA A 99 ? ILE A 131 ALA A 135 
# 
loop_
_pdbx_struct_sheet_hbond.sheet_id 
_pdbx_struct_sheet_hbond.range_id_1 
_pdbx_struct_sheet_hbond.range_id_2 
_pdbx_struct_sheet_hbond.range_1_label_atom_id 
_pdbx_struct_sheet_hbond.range_1_label_comp_id 
_pdbx_struct_sheet_hbond.range_1_label_asym_id 
_pdbx_struct_sheet_hbond.range_1_label_seq_id 
_pdbx_struct_sheet_hbond.range_1_PDB_ins_code 
_pdbx_struct_sheet_hbond.range_1_auth_atom_id 
_pdbx_struct_sheet_hbond.range_1_auth_comp_id 
_pdbx_struct_sheet_hbond.range_1_auth_asym_id 
_pdbx_struct_sheet_hbond.range_1_auth_seq_id 
_pdbx_struct_sheet_hbond.range_2_label_atom_id 
_pdbx_struct_sheet_hbond.range_2_label_comp_id 
_pdbx_struct_sheet_hbond.range_2_label_asym_id 
_pdbx_struct_sheet_hbond.range_2_label_seq_id 
_pdbx_struct_sheet_hbond.range_2_PDB_ins_code 
_pdbx_struct_sheet_hbond.range_2_auth_atom_id 
_pdbx_struct_sheet_hbond.range_2_auth_comp_id 
_pdbx_struct_sheet_hbond.range_2_auth_asym_id 
_pdbx_struct_sheet_hbond.range_2_auth_seq_id 
A 1 2 N LEU A 21 ? N LEU A 57  O TRP A 73 ? O TRP A 109 
A 2 3 O TYR A 76 ? O TYR A 112 N TYR A 51 ? N TYR A 87  
A 3 4 N TYR A 52 ? N TYR A 88  O VAL A 96 ? O VAL A 132 
# 
_atom_sites.entry_id                    2OG3 
_atom_sites.fract_transf_matrix[1][1]   -0.00063111 
_atom_sites.fract_transf_matrix[1][2]   0.00577591 
_atom_sites.fract_transf_matrix[1][3]   -0.00699191 
_atom_sites.fract_transf_matrix[2][1]   0.00808201 
_atom_sites.fract_transf_matrix[2][2]   -0.00282159 
_atom_sites.fract_transf_matrix[2][3]   -0.00306038 
_atom_sites.fract_transf_matrix[3][1]   -0.00411449 
_atom_sites.fract_transf_matrix[3][2]   -0.00642835 
_atom_sites.fract_transf_matrix[3][3]   -0.00493898 
_atom_sites.fract_transf_vector[1]      0.065572 
_atom_sites.fract_transf_vector[2]      -0.126932 
_atom_sites.fract_transf_vector[3]      0.226449 
# 
loop_
_atom_type.symbol 
C 
N 
O 
# 
loop_
_atom_site.group_PDB 
_atom_site.id 
_atom_site.type_symbol 
_atom_site.label_atom_id 
_atom_site.label_alt_id 
_atom_site.label_comp_id 
_atom_site.label_asym_id 
_atom_site.label_entity_id 
_atom_site.label_seq_id 
_atom_site.pdbx_PDB_ins_code 
_atom_site.Cartn_x 
_atom_site.Cartn_y 
_atom_site.Cartn_z 
_atom_site.occupancy 
_atom_site.B_iso_or_equiv 
_atom_site.pdbx_formal_charge 
_atom_site.auth_seq_id 
_atom_site.auth_comp_id 
_atom_site.auth_asym_id 
_atom_site.auth_atom_id 
_atom_site.pdbx_PDB_model_num 
ATOM   1    N N   . THR A 1 14  ? 1.973   -5.987  14.966  1.00 32.31  ? 50  THR A N   1 
ATOM   2    C CA  . THR A 1 14  ? 1.558   -5.961  13.523  1.00 32.09  ? 50  THR A CA  1 
ATOM   3    C C   . THR A 1 14  ? 1.950   -4.636  12.847  1.00 30.18  ? 50  THR A C   1 
ATOM   4    O O   . THR A 1 14  ? 1.888   -3.550  13.477  1.00 30.96  ? 50  THR A O   1 
ATOM   5    C CB  . THR A 1 14  ? 0.061   -6.210  13.370  1.00 32.74  ? 50  THR A CB  1 
ATOM   6    O OG1 . THR A 1 14  ? -0.303  -6.015  12.008  1.00 36.58  ? 50  THR A OG1 1 
ATOM   7    C CG2 . THR A 1 14  ? -0.757  -5.252  14.258  1.00 34.98  ? 50  THR A CG2 1 
ATOM   8    N N   . ALA A 1 15  ? 2.371   -4.726  11.586  1.00 26.23  ? 51  ALA A N   1 
ATOM   9    C CA  . ALA A 1 15  ? 2.889   -3.565  10.861  1.00 23.32  ? 51  ALA A CA  1 
ATOM   10   C C   . ALA A 1 15  ? 2.823   -3.760  9.346   1.00 20.99  ? 51  ALA A C   1 
ATOM   11   O O   . ALA A 1 15  ? 2.756   -4.891  8.861   1.00 20.16  ? 51  ALA A O   1 
ATOM   12   C CB  . ALA A 1 15  ? 4.326   -3.292  11.261  1.00 23.00  ? 51  ALA A CB  1 
ATOM   13   N N   . SER A 1 16  ? 2.901   -2.651  8.614   1.00 19.47  ? 52  SER A N   1 
ATOM   14   C CA  . SER A 1 16  ? 3.085   -2.715  7.151   1.00 18.56  ? 52  SER A CA  1 
ATOM   15   C C   . SER A 1 16  ? 4.406   -3.403  6.859   1.00 18.36  ? 52  SER A C   1 
ATOM   16   O O   . SER A 1 16  ? 5.377   -3.237  7.610   1.00 18.23  ? 52  SER A O   1 
ATOM   17   C CB  . SER A 1 16  ? 3.125   -1.308  6.553   1.00 17.97  ? 52  SER A CB  1 
ATOM   18   O OG  . SER A 1 16  ? 3.355   -1.376  5.144   1.00 17.42  ? 52  SER A OG  1 
ATOM   19   N N   . TRP A 1 17  ? 4.455   -4.161  5.763   1.00 17.82  ? 53  TRP A N   1 
ATOM   20   C CA  . TRP A 1 17  ? 5.701   -4.760  5.295   1.00 17.22  ? 53  TRP A CA  1 
ATOM   21   C C   . TRP A 1 17  ? 6.744   -3.728  4.843   1.00 16.50  ? 53  TRP A C   1 
ATOM   22   O O   . TRP A 1 17  ? 7.947   -4.015  4.849   1.00 17.95  ? 53  TRP A O   1 
ATOM   23   C CB  . TRP A 1 17  ? 5.400   -5.737  4.144   1.00 17.25  ? 53  TRP A CB  1 
ATOM   24   C CG  . TRP A 1 17  ? 4.940   -7.065  4.635   1.00 18.58  ? 53  TRP A CG  1 
ATOM   25   C CD1 . TRP A 1 17  ? 3.676   -7.606  4.548   1.00 19.51  ? 53  TRP A CD1 1 
ATOM   26   C CD2 . TRP A 1 17  ? 5.747   -8.040  5.279   1.00 18.38  ? 53  TRP A CD2 1 
ATOM   27   N NE1 . TRP A 1 17  ? 3.663   -8.859  5.126   1.00 20.40  ? 53  TRP A NE1 1 
ATOM   28   C CE2 . TRP A 1 17  ? 4.917   -9.149  5.577   1.00 19.21  ? 53  TRP A CE2 1 
ATOM   29   C CE3 . TRP A 1 17  ? 7.092   -8.074  5.676   1.00 20.24  ? 53  TRP A CE3 1 
ATOM   30   C CZ2 . TRP A 1 17  ? 5.393   -10.285 6.252   1.00 19.15  ? 53  TRP A CZ2 1 
ATOM   31   C CZ3 . TRP A 1 17  ? 7.572   -9.200  6.326   1.00 19.26  ? 53  TRP A CZ3 1 
ATOM   32   C CH2 . TRP A 1 17  ? 6.712   -10.295 6.618   1.00 20.57  ? 53  TRP A CH2 1 
ATOM   33   N N   . PHE A 1 18  ? 6.277   -2.543  4.484   1.00 15.89  ? 54  PHE A N   1 
ATOM   34   C CA  . PHE A 1 18  ? 7.077   -1.505  3.840   1.00 16.09  ? 54  PHE A CA  1 
ATOM   35   C C   . PHE A 1 18  ? 7.170   -0.259  4.686   1.00 16.86  ? 54  PHE A C   1 
ATOM   36   O O   . PHE A 1 18  ? 6.326   -0.012  5.586   1.00 15.83  ? 54  PHE A O   1 
ATOM   37   C CB  . PHE A 1 18  ? 6.484   -1.136  2.471   1.00 16.04  ? 54  PHE A CB  1 
ATOM   38   C CG  . PHE A 1 18  ? 6.194   -2.332  1.640   1.00 19.00  ? 54  PHE A CG  1 
ATOM   39   C CD1 . PHE A 1 18  ? 7.218   -2.948  0.924   1.00 17.15  ? 54  PHE A CD1 1 
ATOM   40   C CD2 . PHE A 1 18  ? 4.887   -2.869  1.592   1.00 16.72  ? 54  PHE A CD2 1 
ATOM   41   C CE1 . PHE A 1 18  ? 6.970   -4.102  0.165   1.00 19.28  ? 54  PHE A CE1 1 
ATOM   42   C CE2 . PHE A 1 18  ? 4.635   -4.052  0.832   1.00 17.82  ? 54  PHE A CE2 1 
ATOM   43   C CZ  . PHE A 1 18  ? 5.667   -4.659  0.130   1.00 16.87  ? 54  PHE A CZ  1 
ATOM   44   N N   . THR A 1 19  ? 8.185   0.538   4.374   1.00 16.62  ? 55  THR A N   1 
ATOM   45   C CA  . THR A 1 19  ? 8.340   1.866   4.964   1.00 17.81  ? 55  THR A CA  1 
ATOM   46   C C   . THR A 1 19  ? 7.199   2.771   4.452   1.00 18.72  ? 55  THR A C   1 
ATOM   47   O O   . THR A 1 19  ? 6.532   2.441   3.458   1.00 17.10  ? 55  THR A O   1 
ATOM   48   C CB  . THR A 1 19  ? 9.717   2.485   4.621   1.00 18.23  ? 55  THR A CB  1 
ATOM   49   O OG1 . THR A 1 19  ? 9.876   2.554   3.183   1.00 17.64  ? 55  THR A OG1 1 
ATOM   50   C CG2 . THR A 1 19  ? 10.831  1.645   5.233   1.00 19.05  ? 55  THR A CG2 1 
ATOM   51   N N   . ALA A 1 20  ? 6.977   3.911   5.119   1.00 18.86  ? 56  ALA A N   1 
ATOM   52   C CA  . ALA A 1 20  ? 5.863   4.805   4.744   1.00 19.67  ? 56  ALA A CA  1 
ATOM   53   C C   . ALA A 1 20  ? 6.183   5.662   3.545   1.00 19.47  ? 56  ALA A C   1 
ATOM   54   O O   . ALA A 1 20  ? 7.354   5.942   3.264   1.00 19.91  ? 56  ALA A O   1 
ATOM   55   C CB  . ALA A 1 20  ? 5.465   5.701   5.943   1.00 20.65  ? 56  ALA A CB  1 
ATOM   56   N N   . LEU A 1 21  ? 5.151   6.067   2.815   1.00 19.67  ? 57  LEU A N   1 
ATOM   57   C CA  . LEU A 1 21  ? 5.248   7.210   1.926   1.00 19.78  ? 57  LEU A CA  1 
ATOM   58   C C   . LEU A 1 21  ? 4.852   8.442   2.731   1.00 21.00  ? 57  LEU A C   1 
ATOM   59   O O   . LEU A 1 21  ? 3.723   8.513   3.268   1.00 20.97  ? 57  LEU A O   1 
ATOM   60   C CB  . LEU A 1 21  ? 4.290   7.069   0.740   1.00 20.17  ? 57  LEU A CB  1 
ATOM   61   C CG  . LEU A 1 21  ? 4.707   6.179   -0.415  1.00 20.83  ? 57  LEU A CG  1 
ATOM   62   C CD1 . LEU A 1 21  ? 3.630   6.256   -1.492  1.00 19.75  ? 57  LEU A CD1 1 
ATOM   63   C CD2 . LEU A 1 21  ? 6.082   6.657   -0.990  1.00 24.01  ? 57  LEU A CD2 1 
ATOM   64   N N   . THR A 1 22  ? 5.766   9.408   2.818   1.00 20.62  ? 58  THR A N   1 
ATOM   65   C CA  . THR A 1 22  ? 5.543   10.626  3.622   1.00 20.02  ? 58  THR A CA  1 
ATOM   66   C C   . THR A 1 22  ? 4.979   11.772  2.796   1.00 19.86  ? 58  THR A C   1 
ATOM   67   O O   . THR A 1 22  ? 5.524   12.155  1.758   1.00 19.80  ? 58  THR A O   1 
ATOM   68   C CB  . THR A 1 22  ? 6.824   11.070  4.346   1.00 20.66  ? 58  THR A CB  1 
ATOM   69   O OG1 . THR A 1 22  ? 7.265   10.005  5.196   1.00 21.61  ? 58  THR A OG1 1 
ATOM   70   C CG2 . THR A 1 22  ? 6.574   12.322  5.204   1.00 19.62  ? 58  THR A CG2 1 
ATOM   71   N N   . GLN A 1 23  ? 3.858   12.301  3.268   1.00 19.64  ? 59  GLN A N   1 
ATOM   72   C CA  . GLN A 1 23  ? 3.211   13.438  2.648   1.00 19.81  ? 59  GLN A CA  1 
ATOM   73   C C   . GLN A 1 23  ? 3.871   14.727  3.115   1.00 20.37  ? 59  GLN A C   1 
ATOM   74   O O   . GLN A 1 23  ? 3.624   15.153  4.232   1.00 20.17  ? 59  GLN A O   1 
ATOM   75   C CB  . GLN A 1 23  ? 1.736   13.441  3.037   1.00 19.13  ? 59  GLN A CB  1 
ATOM   76   C CG  . GLN A 1 23  ? 0.893   14.431  2.260   1.00 20.43  ? 59  GLN A CG  1 
ATOM   77   C CD  . GLN A 1 23  ? -0.494  14.544  2.815   1.00 21.54  ? 59  GLN A CD  1 
ATOM   78   O OE1 . GLN A 1 23  ? -1.137  13.535  3.105   1.00 21.73  ? 59  GLN A OE1 1 
ATOM   79   N NE2 . GLN A 1 23  ? -0.972  15.775  2.968   1.00 20.98  ? 59  GLN A NE2 1 
ATOM   80   N N   . HIS A 1 24  ? 4.680   15.349  2.258   1.00 20.79  ? 60  HIS A N   1 
ATOM   81   C CA  . HIS A 1 24  ? 5.350   16.624  2.608   1.00 21.74  ? 60  HIS A CA  1 
ATOM   82   C C   . HIS A 1 24  ? 4.577   17.899  2.256   1.00 22.68  ? 60  HIS A C   1 
ATOM   83   O O   . HIS A 1 24  ? 4.985   19.005  2.649   1.00 22.72  ? 60  HIS A O   1 
ATOM   84   C CB  . HIS A 1 24  ? 6.743   16.693  1.996   1.00 21.53  ? 60  HIS A CB  1 
ATOM   85   C CG  . HIS A 1 24  ? 7.625   15.551  2.385   1.00 22.01  ? 60  HIS A CG  1 
ATOM   86   N ND1 . HIS A 1 24  ? 8.339   15.532  3.562   1.00 22.47  ? 60  HIS A ND1 1 
ATOM   87   C CD2 . HIS A 1 24  ? 7.897   14.382  1.760   1.00 22.78  ? 60  HIS A CD2 1 
ATOM   88   C CE1 . HIS A 1 24  ? 9.020   14.402  3.642   1.00 23.57  ? 60  HIS A CE1 1 
ATOM   89   N NE2 . HIS A 1 24  ? 8.761   13.682  2.566   1.00 24.22  ? 60  HIS A NE2 1 
ATOM   90   N N   . GLY A 1 25  ? 3.492   17.768  1.497   1.00 23.64  ? 61  GLY A N   1 
ATOM   91   C CA  . GLY A 1 25  ? 2.710   18.924  1.073   1.00 24.87  ? 61  GLY A CA  1 
ATOM   92   C C   . GLY A 1 25  ? 1.250   18.821  1.446   1.00 25.99  ? 61  GLY A C   1 
ATOM   93   O O   . GLY A 1 25  ? 0.863   18.001  2.286   1.00 26.11  ? 61  GLY A O   1 
ATOM   94   N N   . LYS A 1 26  ? 0.439   19.658  0.814   1.00 27.14  ? 62  LYS A N   1 
ATOM   95   C CA  . LYS A 1 26  ? -1.002  19.689  1.065   1.00 28.76  ? 62  LYS A CA  1 
ATOM   96   C C   . LYS A 1 26  ? -1.775  18.588  0.334   1.00 28.54  ? 62  LYS A C   1 
ATOM   97   O O   . LYS A 1 26  ? -2.850  18.166  0.790   1.00 29.08  ? 62  LYS A O   1 
ATOM   98   C CB  . LYS A 1 26  ? -1.586  21.075  0.732   1.00 28.84  ? 62  LYS A CB  1 
ATOM   99   C CG  . LYS A 1 26  ? -1.166  21.631  -0.640  1.00 30.56  ? 62  LYS A CG  1 
ATOM   100  C CD  . LYS A 1 26  ? -2.089  22.744  -1.156  1.00 30.54  ? 62  LYS A CD  1 
ATOM   101  C CE  . LYS A 1 26  ? -1.988  24.029  -0.336  1.00 33.69  ? 62  LYS A CE  1 
ATOM   102  N NZ  . LYS A 1 26  ? -2.894  24.004  0.869   1.00 35.70  ? 62  LYS A NZ  1 
ATOM   103  N N   . GLU A 1 27  ? -1.222  18.119  -0.786  1.00 28.03  ? 63  GLU A N   1 
ATOM   104  C CA  . GLU A 1 27  ? -1.887  17.115  -1.610  1.00 27.11  ? 63  GLU A CA  1 
ATOM   105  C C   . GLU A 1 27  ? -1.932  15.772  -0.883  1.00 26.23  ? 63  GLU A C   1 
ATOM   106  O O   . GLU A 1 27  ? -0.931  15.319  -0.328  1.00 24.97  ? 63  GLU A O   1 
ATOM   107  C CB  . GLU A 1 27  ? -1.181  16.965  -2.962  1.00 27.33  ? 63  GLU A CB  1 
ATOM   108  C CG  . GLU A 1 27  ? -1.175  18.207  -3.859  1.00 30.04  ? 63  GLU A CG  1 
ATOM   109  C CD  . GLU A 1 27  ? -0.156  19.282  -3.429  1.00 33.72  ? 63  GLU A CD  1 
ATOM   110  O OE1 . GLU A 1 27  ? 0.694   19.011  -2.543  1.00 34.46  ? 63  GLU A OE1 1 
ATOM   111  O OE2 . GLU A 1 27  ? -0.203  20.414  -3.980  1.00 36.67  ? 63  GLU A OE2 1 
ATOM   112  N N   . GLU A 1 28  ? -3.103  15.141  -0.869  1.00 25.41  ? 64  GLU A N   1 
ATOM   113  C CA  . GLU A 1 28  ? -3.215  13.788  -0.335  1.00 25.75  ? 64  GLU A CA  1 
ATOM   114  C C   . GLU A 1 28  ? -2.585  12.749  -1.284  1.00 22.91  ? 64  GLU A C   1 
ATOM   115  O O   . GLU A 1 28  ? -2.392  13.012  -2.476  1.00 21.94  ? 64  GLU A O   1 
ATOM   116  C CB  . GLU A 1 28  ? -4.680  13.431  -0.083  1.00 25.59  ? 64  GLU A CB  1 
ATOM   117  C CG  . GLU A 1 28  ? -5.183  13.764  1.322   1.00 29.65  ? 64  GLU A CG  1 
ATOM   118  C CD  . GLU A 1 28  ? -6.479  13.013  1.675   1.00 30.03  ? 64  GLU A CD  1 
ATOM   119  O OE1 . GLU A 1 28  ? -6.912  12.107  0.910   1.00 35.89  ? 64  GLU A OE1 1 
ATOM   120  O OE2 . GLU A 1 28  ? -7.061  13.336  2.729   1.00 36.33  ? 64  GLU A OE2 1 
ATOM   121  N N   . LEU A 1 29  ? -2.280  11.578  -0.741  1.00 21.32  ? 65  LEU A N   1 
ATOM   122  C CA  . LEU A 1 29  ? -1.823  10.443  -1.559  1.00 19.89  ? 65  LEU A CA  1 
ATOM   123  C C   . LEU A 1 29  ? -2.928  10.026  -2.513  1.00 20.74  ? 65  LEU A C   1 
ATOM   124  O O   . LEU A 1 29  ? -4.086  9.933   -2.116  1.00 21.06  ? 65  LEU A O   1 
ATOM   125  C CB  . LEU A 1 29  ? -1.434  9.233   -0.688  1.00 19.87  ? 65  LEU A CB  1 
ATOM   126  C CG  . LEU A 1 29  ? -0.713  8.086   -1.441  1.00 18.51  ? 65  LEU A CG  1 
ATOM   127  C CD1 . LEU A 1 29  ? 0.464   8.652   -2.249  1.00 17.18  ? 65  LEU A CD1 1 
ATOM   128  C CD2 . LEU A 1 29  ? -0.179  7.019   -0.499  1.00 17.94  ? 65  LEU A CD2 1 
ATOM   129  N N   . ARG A 1 30  ? -2.566  9.804   -3.771  1.00 20.71  ? 66  ARG A N   1 
ATOM   130  C CA  . ARG A 1 30  ? -3.430  9.165   -4.763  1.00 21.13  ? 66  ARG A CA  1 
ATOM   131  C C   . ARG A 1 30  ? -2.529  8.634   -5.886  1.00 20.75  ? 66  ARG A C   1 
ATOM   132  O O   . ARG A 1 30  ? -1.395  9.083   -6.035  1.00 20.31  ? 66  ARG A O   1 
ATOM   133  C CB  . ARG A 1 30  ? -4.472  10.136  -5.332  1.00 21.70  ? 66  ARG A CB  1 
ATOM   134  C CG  . ARG A 1 30  ? -3.896  11.330  -6.106  1.00 24.60  ? 66  ARG A CG  1 
ATOM   135  C CD  . ARG A 1 30  ? -4.877  11.861  -7.128  1.00 31.17  ? 66  ARG A CD  1 
ATOM   136  N NE  . ARG A 1 30  ? -5.283  10.834  -8.103  1.00 36.15  ? 66  ARG A NE  1 
ATOM   137  C CZ  . ARG A 1 30  ? -4.707  10.613  -9.292  1.00 37.18  ? 66  ARG A CZ  1 
ATOM   138  N NH1 . ARG A 1 30  ? -3.665  11.333  -9.701  1.00 40.24  ? 66  ARG A NH1 1 
ATOM   139  N NH2 . ARG A 1 30  ? -5.181  9.663   -10.086 1.00 36.49  ? 66  ARG A NH2 1 
ATOM   140  N N   . PHE A 1 31  ? -3.062  7.701   -6.669  1.00 20.24  ? 67  PHE A N   1 
ATOM   141  C CA  . PHE A 1 31  ? -2.370  7.133   -7.816  1.00 19.21  ? 67  PHE A CA  1 
ATOM   142  C C   . PHE A 1 31  ? -3.370  6.925   -8.950  1.00 20.05  ? 67  PHE A C   1 
ATOM   143  O O   . PHE A 1 31  ? -4.520  6.508   -8.695  1.00 19.55  ? 67  PHE A O   1 
ATOM   144  C CB  . PHE A 1 31  ? -1.804  5.751   -7.457  1.00 19.05  ? 67  PHE A CB  1 
ATOM   145  C CG  . PHE A 1 31  ? -0.609  5.798   -6.561  1.00 17.47  ? 67  PHE A CG  1 
ATOM   146  C CD1 . PHE A 1 31  ? 0.645   6.092   -7.093  1.00 17.60  ? 67  PHE A CD1 1 
ATOM   147  C CD2 . PHE A 1 31  ? -0.732  5.554   -5.195  1.00 16.25  ? 67  PHE A CD2 1 
ATOM   148  C CE1 . PHE A 1 31  ? 1.750   6.159   -6.298  1.00 15.73  ? 67  PHE A CE1 1 
ATOM   149  C CE2 . PHE A 1 31  ? 0.390   5.587   -4.388  1.00 18.20  ? 67  PHE A CE2 1 
ATOM   150  C CZ  . PHE A 1 31  ? 1.641   5.918   -4.937  1.00 16.63  ? 67  PHE A CZ  1 
ATOM   151  N N   . PRO A 1 32  ? -2.902  7.082   -10.203 1.00 20.03  ? 68  PRO A N   1 
ATOM   152  C CA  . PRO A 1 32  ? -3.679  6.603   -11.337 1.00 20.16  ? 68  PRO A CA  1 
ATOM   153  C C   . PRO A 1 32  ? -3.833  5.114   -11.208 1.00 20.38  ? 68  PRO A C   1 
ATOM   154  O O   . PRO A 1 32  ? -2.975  4.434   -10.655 1.00 19.01  ? 68  PRO A O   1 
ATOM   155  C CB  . PRO A 1 32  ? -2.792  6.899   -12.555 1.00 21.45  ? 68  PRO A CB  1 
ATOM   156  C CG  . PRO A 1 32  ? -1.778  7.882   -12.088 1.00 20.63  ? 68  PRO A CG  1 
ATOM   157  C CD  . PRO A 1 32  ? -1.601  7.639   -10.602 1.00 19.01  ? 68  PRO A CD  1 
ATOM   158  N N   . ARG A 1 33  ? -4.935  4.612   -11.739 1.00 20.91  ? 69  ARG A N   1 
ATOM   159  C CA  . ARG A 1 33  ? -5.270  3.196   -11.721 1.00 21.67  ? 69  ARG A CA  1 
ATOM   160  C C   . ARG A 1 33  ? -4.128  2.414   -12.417 1.00 19.26  ? 69  ARG A C   1 
ATOM   161  O O   . ARG A 1 33  ? -3.673  2.827   -13.477 1.00 19.85  ? 69  ARG A O   1 
ATOM   162  C CB  . ARG A 1 33  ? -6.602  3.098   -12.475 1.00 23.27  ? 69  ARG A CB  1 
ATOM   163  C CG  . ARG A 1 33  ? -7.136  1.747   -12.770 1.00 29.78  ? 69  ARG A CG  1 
ATOM   164  C CD  . ARG A 1 33  ? -7.883  1.251   -11.601 1.00 35.67  ? 69  ARG A CD  1 
ATOM   165  N NE  . ARG A 1 33  ? -7.186  0.077   -11.124 1.00 44.94  ? 69  ARG A NE  1 
ATOM   166  C CZ  . ARG A 1 33  ? -6.266  0.060   -10.174 0.33 46.00  ? 69  ARG A CZ  1 
ATOM   167  N NH1 . ARG A 1 33  ? -5.896  1.150   -9.512  1.00 48.36  ? 69  ARG A NH1 1 
ATOM   168  N NH2 . ARG A 1 33  ? -5.735  -1.093  -9.882  1.00 50.65  ? 69  ARG A NH2 1 
ATOM   169  N N   . GLY A 1 34  ? -3.635  1.359   -11.781 1.00 17.86  ? 70  GLY A N   1 
ATOM   170  C CA  . GLY A 1 34  ? -2.493  0.594   -12.283 1.00 15.93  ? 70  GLY A CA  1 
ATOM   171  C C   . GLY A 1 34  ? -1.174  0.889   -11.584 1.00 15.47  ? 70  GLY A C   1 
ATOM   172  O O   . GLY A 1 34  ? -0.230  0.084   -11.682 1.00 16.58  ? 70  GLY A O   1 
ATOM   173  N N   . GLN A 1 35  ? -1.108  2.010   -10.860 1.00 14.54  ? 71  GLN A N   1 
ATOM   174  C CA  . GLN A 1 35  ? 0.133   2.495   -10.203 1.00 14.36  ? 71  GLN A CA  1 
ATOM   175  C C   . GLN A 1 35  ? 0.030   2.392   -8.698  1.00 14.42  ? 71  GLN A C   1 
ATOM   176  O O   . GLN A 1 35  ? -1.092  2.408   -8.147  1.00 14.56  ? 71  GLN A O   1 
ATOM   177  C CB  . GLN A 1 35  ? 0.325   3.971   -10.513 1.00 13.79  ? 71  GLN A CB  1 
ATOM   178  C CG  . GLN A 1 35  ? 0.357   4.263   -11.982 1.00 18.26  ? 71  GLN A CG  1 
ATOM   179  C CD  . GLN A 1 35  ? 1.677   4.813   -12.412 1.00 22.16  ? 71  GLN A CD  1 
ATOM   180  O OE1 . GLN A 1 35  ? 2.350   4.234   -13.247 1.00 33.55  ? 71  GLN A OE1 1 
ATOM   181  N NE2 . GLN A 1 35  ? 2.051   5.918   -11.851 1.00 16.05  ? 71  GLN A NE2 1 
ATOM   182  N N   . GLY A 1 36  ? 1.186   2.349   -8.032  1.00 13.03  ? 72  GLY A N   1 
ATOM   183  C CA  . GLY A 1 36  ? 1.251   2.569   -6.571  1.00 13.92  ? 72  GLY A CA  1 
ATOM   184  C C   . GLY A 1 36  ? 1.434   1.386   -5.671  1.00 14.42  ? 72  GLY A C   1 
ATOM   185  O O   . GLY A 1 36  ? 1.663   1.548   -4.469  1.00 14.59  ? 72  GLY A O   1 
ATOM   186  N N   . VAL A 1 37  ? 1.333   0.170   -6.211  1.00 14.53  ? 73  VAL A N   1 
ATOM   187  C CA  . VAL A 1 37  ? 1.566   -1.015  -5.379  1.00 13.77  ? 73  VAL A CA  1 
ATOM   188  C C   . VAL A 1 37  ? 3.061   -1.109  -5.191  1.00 14.42  ? 73  VAL A C   1 
ATOM   189  O O   . VAL A 1 37  ? 3.802   -1.161  -6.188  1.00 12.62  ? 73  VAL A O   1 
ATOM   190  C CB  . VAL A 1 37  ? 1.026   -2.315  -6.083  1.00 14.52  ? 73  VAL A CB  1 
ATOM   191  C CG1 . VAL A 1 37  ? 1.351   -3.598  -5.259  1.00 14.16  ? 73  VAL A CG1 1 
ATOM   192  C CG2 . VAL A 1 37  ? -0.510  -2.188  -6.327  1.00 13.66  ? 73  VAL A CG2 1 
ATOM   193  N N   . PRO A 1 38  ? 3.536   -1.187  -3.929  1.00 13.29  ? 74  PRO A N   1 
ATOM   194  C CA  . PRO A 1 38  ? 4.971   -1.384  -3.732  1.00 15.26  ? 74  PRO A CA  1 
ATOM   195  C C   . PRO A 1 38  ? 5.507   -2.639  -4.430  1.00 15.28  ? 74  PRO A C   1 
ATOM   196  O O   . PRO A 1 38  ? 4.857   -3.664  -4.451  1.00 16.48  ? 74  PRO A O   1 
ATOM   197  C CB  . PRO A 1 38  ? 5.088   -1.580  -2.197  1.00 14.66  ? 74  PRO A CB  1 
ATOM   198  C CG  . PRO A 1 38  ? 3.981   -0.746  -1.641  1.00 14.14  ? 74  PRO A CG  1 
ATOM   199  C CD  . PRO A 1 38  ? 2.831   -1.135  -2.632  1.00 14.93  ? 74  PRO A CD  1 
ATOM   200  N N   . ILE A 1 39  ? 6.728   -2.559  -4.936  1.00 14.87  ? 75  ILE A N   1 
ATOM   201  C CA  . ILE A 1 39  ? 7.408   -3.751  -5.456  1.00 14.55  ? 75  ILE A CA  1 
ATOM   202  C C   . ILE A 1 39  ? 7.695   -4.702  -4.319  1.00 14.35  ? 75  ILE A C   1 
ATOM   203  O O   . ILE A 1 39  ? 8.187   -4.280  -3.245  1.00 15.22  ? 75  ILE A O   1 
ATOM   204  C CB  . ILE A 1 39  ? 8.738   -3.374  -6.188  1.00 14.24  ? 75  ILE A CB  1 
ATOM   205  C CG1 . ILE A 1 39  ? 8.432   -2.386  -7.322  1.00 12.96  ? 75  ILE A CG1 1 
ATOM   206  C CG2 . ILE A 1 39  ? 9.424   -4.680  -6.705  1.00 14.27  ? 75  ILE A CG2 1 
ATOM   207  C CD1 . ILE A 1 39  ? 9.656   -1.694  -8.006  1.00 16.01  ? 75  ILE A CD1 1 
ATOM   208  N N   . ASN A 1 40  ? 7.390   -5.990  -4.537  1.00 14.42  ? 76  ASN A N   1 
ATOM   209  C CA  . ASN A 1 40  ? 7.684   -7.030  -3.551  1.00 15.75  ? 76  ASN A CA  1 
ATOM   210  C C   . ASN A 1 40  ? 7.958   -8.340  -4.267  1.00 15.86  ? 76  ASN A C   1 
ATOM   211  O O   . ASN A 1 40  ? 7.033   -9.058  -4.662  1.00 16.24  ? 76  ASN A O   1 
ATOM   212  C CB  . ASN A 1 40  ? 6.504   -7.224  -2.569  1.00 15.53  ? 76  ASN A CB  1 
ATOM   213  C CG  . ASN A 1 40  ? 6.802   -8.239  -1.503  1.00 17.87  ? 76  ASN A CG  1 
ATOM   214  O OD1 . ASN A 1 40  ? 7.898   -8.807  -1.453  1.00 18.24  ? 76  ASN A OD1 1 
ATOM   215  N ND2 . ASN A 1 40  ? 5.811   -8.496  -0.628  1.00 19.62  ? 76  ASN A ND2 1 
ATOM   216  N N   . THR A 1 41  ? 9.230   -8.673  -4.408  1.00 17.26  ? 77  THR A N   1 
ATOM   217  C CA  . THR A 1 41  ? 9.580   -9.866  -5.177  1.00 18.86  ? 77  THR A CA  1 
ATOM   218  C C   . THR A 1 41  ? 9.257   -11.184 -4.419  1.00 20.36  ? 77  THR A C   1 
ATOM   219  O O   . THR A 1 41  ? 9.407   -12.273 -4.976  1.00 21.40  ? 77  THR A O   1 
ATOM   220  C CB  . THR A 1 41  ? 11.047  -9.815  -5.724  1.00 19.65  ? 77  THR A CB  1 
ATOM   221  O OG1 . THR A 1 41  ? 11.949  -9.432  -4.689  1.00 18.09  ? 77  THR A OG1 1 
ATOM   222  C CG2 . THR A 1 41  ? 11.190  -8.813  -6.895  1.00 18.93  ? 77  THR A CG2 1 
ATOM   223  N N   . ASN A 1 42  ? 8.863   -11.077 -3.156  1.00 20.74  ? 78  ASN A N   1 
ATOM   224  C CA  . ASN A 1 42  ? 8.301   -12.204 -2.410  1.00 22.87  ? 78  ASN A CA  1 
ATOM   225  C C   . ASN A 1 42  ? 6.803   -12.376 -2.685  1.00 23.79  ? 78  ASN A C   1 
ATOM   226  O O   . ASN A 1 42  ? 6.117   -13.058 -1.903  1.00 26.06  ? 78  ASN A O   1 
ATOM   227  C CB  . ASN A 1 42  ? 8.404   -11.963 -0.900  1.00 23.35  ? 78  ASN A CB  1 
ATOM   228  C CG  . ASN A 1 42  ? 9.806   -11.793 -0.429  1.00 25.55  ? 78  ASN A CG  1 
ATOM   229  O OD1 . ASN A 1 42  ? 10.710  -12.477 -0.888  1.00 26.81  ? 78  ASN A OD1 1 
ATOM   230  N ND2 . ASN A 1 42  ? 10.008  -10.847 0.469   1.00 28.47  ? 78  ASN A ND2 1 
ATOM   231  N N   . SER A 1 43  ? 6.267   -11.731 -3.719  1.00 22.12  ? 79  SER A N   1 
ATOM   232  C CA  . SER A 1 43  ? 4.822   -11.846 -3.991  1.00 21.93  ? 79  SER A CA  1 
ATOM   233  C C   . SER A 1 43  ? 4.661   -12.082 -5.483  1.00 21.65  ? 79  SER A C   1 
ATOM   234  O O   . SER A 1 43  ? 5.617   -11.887 -6.257  1.00 21.91  ? 79  SER A O   1 
ATOM   235  C CB  . SER A 1 43  ? 4.098   -10.562 -3.536  1.00 21.87  ? 79  SER A CB  1 
ATOM   236  O OG  . SER A 1 43  ? 4.456   -9.468  -4.392  1.00 20.41  ? 79  SER A OG  1 
ATOM   237  N N   . GLY A 1 44  ? 3.481   -12.527 -5.906  1.00 21.00  ? 80  GLY A N   1 
ATOM   238  C CA  . GLY A 1 44  ? 3.248   -12.833 -7.308  1.00 20.68  ? 80  GLY A CA  1 
ATOM   239  C C   . GLY A 1 44  ? 2.217   -11.921 -7.953  1.00 19.30  ? 80  GLY A C   1 
ATOM   240  O O   . GLY A 1 44  ? 1.627   -11.090 -7.280  1.00 17.98  ? 80  GLY A O   1 
ATOM   241  N N   . PRO A 1 45  ? 1.973   -12.087 -9.264  1.00 19.23  ? 81  PRO A N   1 
ATOM   242  C CA  . PRO A 1 45  ? 1.076   -11.170 -9.950  1.00 18.03  ? 81  PRO A CA  1 
ATOM   243  C C   . PRO A 1 45  ? -0.331  -11.060 -9.356  1.00 17.06  ? 81  PRO A C   1 
ATOM   244  O O   . PRO A 1 45  ? -0.919  -9.992  -9.407  1.00 15.05  ? 81  PRO A O   1 
ATOM   245  C CB  . PRO A 1 45  ? 0.994   -11.744 -11.374 1.00 19.04  ? 81  PRO A CB  1 
ATOM   246  C CG  . PRO A 1 45  ? 1.453   -13.139 -11.244 1.00 19.75  ? 81  PRO A CG  1 
ATOM   247  C CD  . PRO A 1 45  ? 2.533   -13.076 -10.212 1.00 20.08  ? 81  PRO A CD  1 
ATOM   248  N N   . ASP A 1 46  ? -0.861  -12.166 -8.825  1.00 16.58  ? 82  ASP A N   1 
ATOM   249  C CA  . ASP A 1 46  ? -2.193  -12.178 -8.234  1.00 18.09  ? 82  ASP A CA  1 
ATOM   250  C C   . ASP A 1 46  ? -2.264  -11.276 -6.977  1.00 16.57  ? 82  ASP A C   1 
ATOM   251  O O   . ASP A 1 46  ? -3.344  -10.796 -6.634  1.00 17.01  ? 82  ASP A O   1 
ATOM   252  C CB  . ASP A 1 46  ? -2.564  -13.606 -7.771  1.00 17.85  ? 82  ASP A CB  1 
ATOM   253  C CG  . ASP A 1 46  ? -2.734  -14.588 -8.932  1.00 24.25  ? 82  ASP A CG  1 
ATOM   254  O OD1 . ASP A 1 46  ? -2.877  -14.136 -10.085 1.00 23.25  ? 82  ASP A OD1 1 
ATOM   255  O OD2 . ASP A 1 46  ? -2.740  -15.815 -8.665  1.00 28.37  ? 82  ASP A OD2 1 
ATOM   256  N N   . ASP A 1 47  ? -1.110  -11.089 -6.326  1.00 16.23  ? 83  ASP A N   1 
ATOM   257  C CA  . ASP A 1 47  ? -1.001  -10.453 -4.987  1.00 16.17  ? 83  ASP A CA  1 
ATOM   258  C C   . ASP A 1 47  ? -0.970  -8.906  -5.030  1.00 15.74  ? 83  ASP A C   1 
ATOM   259  O O   . ASP A 1 47  ? -1.037  -8.241  -3.976  1.00 15.59  ? 83  ASP A O   1 
ATOM   260  C CB  . ASP A 1 47  ? 0.289   -10.914 -4.271  1.00 14.88  ? 83  ASP A CB  1 
ATOM   261  C CG  . ASP A 1 47  ? 0.357   -12.424 -4.042  1.00 17.41  ? 83  ASP A CG  1 
ATOM   262  O OD1 . ASP A 1 47  ? -0.693  -13.024 -3.737  1.00 19.91  ? 83  ASP A OD1 1 
ATOM   263  O OD2 . ASP A 1 47  ? 1.462   -13.003 -4.205  1.00 18.79  ? 83  ASP A OD2 1 
ATOM   264  N N   . GLN A 1 48  ? -0.903  -8.334  -6.239  1.00 14.43  ? 84  GLN A N   1 
ATOM   265  C CA  . GLN A 1 48  ? -0.484  -6.929  -6.424  1.00 14.69  ? 84  GLN A CA  1 
ATOM   266  C C   . GLN A 1 48  ? -1.644  -5.961  -6.269  1.00 14.01  ? 84  GLN A C   1 
ATOM   267  O O   . GLN A 1 48  ? -2.059  -5.272  -7.224  1.00 13.74  ? 84  GLN A O   1 
ATOM   268  C CB  . GLN A 1 48  ? 0.202   -6.747  -7.792  1.00 14.54  ? 84  GLN A CB  1 
ATOM   269  C CG  . GLN A 1 48  ? 1.423   -7.696  -7.996  1.00 14.91  ? 84  GLN A CG  1 
ATOM   270  C CD  . GLN A 1 48  ? 2.463   -7.543  -6.905  1.00 16.51  ? 84  GLN A CD  1 
ATOM   271  O OE1 . GLN A 1 48  ? 2.943   -6.422  -6.637  1.00 15.64  ? 84  GLN A OE1 1 
ATOM   272  N NE2 . GLN A 1 48  ? 2.791   -8.650  -6.238  1.00 14.74  ? 84  GLN A NE2 1 
ATOM   273  N N   . ILE A 1 49  ? -2.133  -5.876  -5.037  1.00 14.67  ? 85  ILE A N   1 
ATOM   274  C CA  . ILE A 1 49  ? -3.361  -5.130  -4.761  1.00 14.11  ? 85  ILE A CA  1 
ATOM   275  C C   . ILE A 1 49  ? -3.491  -4.859  -3.245  1.00 13.37  ? 85  ILE A C   1 
ATOM   276  O O   . ILE A 1 49  ? -3.193  -5.709  -2.419  1.00 13.72  ? 85  ILE A O   1 
ATOM   277  C CB  . ILE A 1 49  ? -4.617  -5.902  -5.329  1.00 14.92  ? 85  ILE A CB  1 
ATOM   278  C CG1 . ILE A 1 49  ? -5.907  -5.164  -5.019  1.00 15.49  ? 85  ILE A CG1 1 
ATOM   279  C CG2 . ILE A 1 49  ? -4.661  -7.368  -4.852  1.00 14.40  ? 85  ILE A CG2 1 
ATOM   280  C CD1 . ILE A 1 49  ? -7.139  -5.622  -5.897  1.00 14.79  ? 85  ILE A CD1 1 
ATOM   281  N N   . GLY A 1 50  ? -3.901  -3.649  -2.907  1.00 14.55  ? 86  GLY A N   1 
ATOM   282  C CA  . GLY A 1 50  ? -3.999  -3.261  -1.504  1.00 15.38  ? 86  GLY A CA  1 
ATOM   283  C C   . GLY A 1 50  ? -4.415  -1.816  -1.319  1.00 14.77  ? 86  GLY A C   1 
ATOM   284  O O   . GLY A 1 50  ? -5.005  -1.186  -2.198  1.00 14.71  ? 86  GLY A O   1 
ATOM   285  N N   . TYR A 1 51  ? -4.145  -1.292  -0.125  1.00 15.52  ? 87  TYR A N   1 
ATOM   286  C CA  . TYR A 1 51  ? -4.535  0.079   0.178   1.00 15.75  ? 87  TYR A CA  1 
ATOM   287  C C   . TYR A 1 51  ? -3.389  0.742   0.933   1.00 14.87  ? 87  TYR A C   1 
ATOM   288  O O   . TYR A 1 51  ? -2.596  0.063   1.598   1.00 15.15  ? 87  TYR A O   1 
ATOM   289  C CB  . TYR A 1 51  ? -5.845  0.133   1.026   1.00 15.61  ? 87  TYR A CB  1 
ATOM   290  C CG  . TYR A 1 51  ? -5.730  -0.614  2.313   1.00 15.67  ? 87  TYR A CG  1 
ATOM   291  C CD1 . TYR A 1 51  ? -5.374  0.045   3.507   1.00 15.77  ? 87  TYR A CD1 1 
ATOM   292  C CD2 . TYR A 1 51  ? -5.953  -2.006  2.365   1.00 14.71  ? 87  TYR A CD2 1 
ATOM   293  C CE1 . TYR A 1 51  ? -5.241  -0.674  4.705   1.00 16.74  ? 87  TYR A CE1 1 
ATOM   294  C CE2 . TYR A 1 51  ? -5.806  -2.720  3.565   1.00 14.84  ? 87  TYR A CE2 1 
ATOM   295  C CZ  . TYR A 1 51  ? -5.471  -2.036  4.729   1.00 15.87  ? 87  TYR A CZ  1 
ATOM   296  O OH  . TYR A 1 51  ? -5.358  -2.715  5.916   1.00 16.25  ? 87  TYR A OH  1 
ATOM   297  N N   . TYR A 1 52  ? -3.310  2.063   0.807   1.00 15.86  ? 88  TYR A N   1 
ATOM   298  C CA  . TYR A 1 52  ? -2.504  2.866   1.733   1.00 15.49  ? 88  TYR A CA  1 
ATOM   299  C C   . TYR A 1 52  ? -3.464  3.406   2.783   1.00 15.74  ? 88  TYR A C   1 
ATOM   300  O O   . TYR A 1 52  ? -4.584  3.824   2.461   1.00 16.18  ? 88  TYR A O   1 
ATOM   301  C CB  . TYR A 1 52  ? -1.852  4.045   1.024   1.00 14.03  ? 88  TYR A CB  1 
ATOM   302  C CG  . TYR A 1 52  ? -0.653  3.663   0.179   1.00 15.19  ? 88  TYR A CG  1 
ATOM   303  C CD1 . TYR A 1 52  ? 0.636   3.752   0.687   1.00 14.69  ? 88  TYR A CD1 1 
ATOM   304  C CD2 . TYR A 1 52  ? -0.833  3.210   -1.152  1.00 15.55  ? 88  TYR A CD2 1 
ATOM   305  C CE1 . TYR A 1 52  ? 1.758   3.415   -0.124  1.00 14.97  ? 88  TYR A CE1 1 
ATOM   306  C CE2 . TYR A 1 52  ? 0.245   2.841   -1.950  1.00 14.92  ? 88  TYR A CE2 1 
ATOM   307  C CZ  . TYR A 1 52  ? 1.540   2.948   -1.439  1.00 15.47  ? 88  TYR A CZ  1 
ATOM   308  O OH  . TYR A 1 52  ? 2.606   2.610   -2.265  1.00 13.55  ? 88  TYR A OH  1 
ATOM   309  N N   . ARG A 1 53  ? -3.007  3.384   4.024   1.00 16.71  ? 89  ARG A N   1 
ATOM   310  C CA  . ARG A 1 53  ? -3.781  3.962   5.120   1.00 17.87  ? 89  ARG A CA  1 
ATOM   311  C C   . ARG A 1 53  ? -2.921  5.039   5.759   1.00 18.22  ? 89  ARG A C   1 
ATOM   312  O O   . ARG A 1 53  ? -1.781  4.756   6.194   1.00 17.99  ? 89  ARG A O   1 
ATOM   313  C CB  . ARG A 1 53  ? -4.092  2.895   6.146   1.00 18.94  ? 89  ARG A CB  1 
ATOM   314  C CG  . ARG A 1 53  ? -4.789  3.464   7.385   1.00 21.31  ? 89  ARG A CG  1 
ATOM   315  C CD  . ARG A 1 53  ? -5.147  2.353   8.314   1.00 25.60  ? 89  ARG A CD  1 
ATOM   316  N NE  . ARG A 1 53  ? -5.851  2.894   9.468   1.00 30.29  ? 89  ARG A NE  1 
ATOM   317  C CZ  . ARG A 1 53  ? -5.255  3.215   10.615  1.00 32.18  ? 89  ARG A CZ  1 
ATOM   318  N NH1 . ARG A 1 53  ? -3.939  3.036   10.764  1.00 31.33  ? 89  ARG A NH1 1 
ATOM   319  N NH2 . ARG A 1 53  ? -5.975  3.709   11.612  1.00 31.86  ? 89  ARG A NH2 1 
ATOM   320  N N   . ARG A 1 54  ? -3.460  6.249   5.807   1.00 18.95  ? 90  ARG A N   1 
ATOM   321  C CA  . ARG A 1 54  ? -2.823  7.363   6.522   1.00 20.48  ? 90  ARG A CA  1 
ATOM   322  C C   . ARG A 1 54  ? -2.818  7.086   8.027   1.00 21.77  ? 90  ARG A C   1 
ATOM   323  O O   . ARG A 1 54  ? -3.873  6.778   8.631   1.00 20.80  ? 90  ARG A O   1 
ATOM   324  C CB  . ARG A 1 54  ? -3.550  8.671   6.224   1.00 20.72  ? 90  ARG A CB  1 
ATOM   325  C CG  . ARG A 1 54  ? -2.874  9.935   6.828   1.00 21.90  ? 90  ARG A CG  1 
ATOM   326  C CD  . ARG A 1 54  ? -3.608  11.170  6.412   1.00 26.20  ? 90  ARG A CD  1 
ATOM   327  N NE  . ARG A 1 54  ? -5.006  11.132  6.830   1.00 29.58  ? 90  ARG A NE  1 
ATOM   328  C CZ  . ARG A 1 54  ? -6.032  11.553  6.092   1.00 32.09  ? 90  ARG A CZ  1 
ATOM   329  N NH1 . ARG A 1 54  ? -5.832  12.060  4.880   1.00 33.93  ? 90  ARG A NH1 1 
ATOM   330  N NH2 . ARG A 1 54  ? -7.273  11.466  6.571   1.00 34.02  ? 90  ARG A NH2 1 
ATOM   331  N N   . ALA A 1 55  ? -1.634  7.183   8.626   1.00 23.03  ? 91  ALA A N   1 
ATOM   332  C CA  . ALA A 1 55  ? -1.439  6.806   10.040  1.00 24.17  ? 91  ALA A CA  1 
ATOM   333  C C   . ALA A 1 55  ? -2.027  7.849   10.991  1.00 25.09  ? 91  ALA A C   1 
ATOM   334  O O   . ALA A 1 55  ? -2.421  8.938   10.559  1.00 26.58  ? 91  ALA A O   1 
ATOM   335  C CB  . ALA A 1 55  ? 0.054   6.591   10.357  1.00 23.95  ? 91  ALA A CB  1 
ATOM   336  N N   . LEU A 1 69  ? 3.743   16.557  12.614  1.00 37.91  ? 105 LEU A N   1 
ATOM   337  C CA  . LEU A 1 69  ? 4.641   16.248  11.499  1.00 37.52  ? 105 LEU A CA  1 
ATOM   338  C C   . LEU A 1 69  ? 3.901   15.571  10.345  1.00 36.83  ? 105 LEU A C   1 
ATOM   339  O O   . LEU A 1 69  ? 2.793   15.048  10.527  1.00 37.53  ? 105 LEU A O   1 
ATOM   340  C CB  . LEU A 1 69  ? 5.840   15.404  11.960  1.00 37.92  ? 105 LEU A CB  1 
ATOM   341  C CG  . LEU A 1 69  ? 6.772   16.015  13.026  1.00 38.86  ? 105 LEU A CG  1 
ATOM   342  C CD1 . LEU A 1 69  ? 8.084   15.240  13.127  1.00 40.14  ? 105 LEU A CD1 1 
ATOM   343  C CD2 . LEU A 1 69  ? 7.055   17.515  12.801  1.00 39.86  ? 105 LEU A CD2 1 
ATOM   344  N N   . SER A 1 70  ? 4.534   15.591  9.171   1.00 35.11  ? 106 SER A N   1 
ATOM   345  C CA  . SER A 1 70  ? 3.960   15.117  7.906   1.00 33.03  ? 106 SER A CA  1 
ATOM   346  C C   . SER A 1 70  ? 3.215   13.786  8.038   1.00 30.97  ? 106 SER A C   1 
ATOM   347  O O   . SER A 1 70  ? 3.722   12.859  8.669   1.00 30.62  ? 106 SER A O   1 
ATOM   348  C CB  . SER A 1 70  ? 5.071   14.978  6.871   1.00 33.26  ? 106 SER A CB  1 
ATOM   349  O OG  . SER A 1 70  ? 5.930   16.110  6.875   1.00 35.50  ? 106 SER A OG  1 
ATOM   350  N N   . PRO A 1 71  ? 1.997   13.701  7.471   1.00 28.95  ? 107 PRO A N   1 
ATOM   351  C CA  . PRO A 1 71  ? 1.268   12.425  7.448   1.00 27.57  ? 107 PRO A CA  1 
ATOM   352  C C   . PRO A 1 71  ? 2.098   11.292  6.811   1.00 26.20  ? 107 PRO A C   1 
ATOM   353  O O   . PRO A 1 71  ? 2.776   11.506  5.806   1.00 25.82  ? 107 PRO A O   1 
ATOM   354  C CB  . PRO A 1 71  ? 0.048   12.737  6.584   1.00 27.53  ? 107 PRO A CB  1 
ATOM   355  C CG  . PRO A 1 71  ? -0.132  14.228  6.691   1.00 28.50  ? 107 PRO A CG  1 
ATOM   356  C CD  . PRO A 1 71  ? 1.239   14.797  6.838   1.00 28.44  ? 107 PRO A CD  1 
ATOM   357  N N   . ARG A 1 72  ? 2.074   10.114  7.419   1.00 24.63  ? 108 ARG A N   1 
ATOM   358  C CA  . ARG A 1 72  ? 2.713   8.943   6.823   1.00 23.11  ? 108 ARG A CA  1 
ATOM   359  C C   . ARG A 1 72  ? 1.623   7.976   6.328   1.00 22.10  ? 108 ARG A C   1 
ATOM   360  O O   . ARG A 1 72  ? 0.679   7.676   7.060   1.00 21.04  ? 108 ARG A O   1 
ATOM   361  C CB  . ARG A 1 72  ? 3.651   8.276   7.822   1.00 23.36  ? 108 ARG A CB  1 
ATOM   362  C CG  . ARG A 1 72  ? 4.715   9.232   8.376   1.00 26.20  ? 108 ARG A CG  1 
ATOM   363  C CD  . ARG A 1 72  ? 4.981   8.891   9.834   1.00 29.78  ? 108 ARG A CD  1 
ATOM   364  N NE  . ARG A 1 72  ? 5.786   7.684   9.987   1.00 33.78  ? 108 ARG A NE  1 
ATOM   365  C CZ  . ARG A 1 72  ? 6.775   7.333   9.162   1.00 37.05  ? 108 ARG A CZ  1 
ATOM   366  N N   . TRP A 1 73  ? 1.751   7.537   5.068   1.00 19.81  ? 109 TRP A N   1 
ATOM   367  C CA  . TRP A 1 73  ? 0.817   6.581   4.474   1.00 19.02  ? 109 TRP A CA  1 
ATOM   368  C C   . TRP A 1 73  ? 1.502   5.205   4.384   1.00 18.96  ? 109 TRP A C   1 
ATOM   369  O O   . TRP A 1 73  ? 2.634   5.091   3.865   1.00 17.74  ? 109 TRP A O   1 
ATOM   370  C CB  . TRP A 1 73  ? 0.387   7.068   3.099   1.00 18.27  ? 109 TRP A CB  1 
ATOM   371  C CG  . TRP A 1 73  ? -0.365  8.392   3.074   1.00 18.40  ? 109 TRP A CG  1 
ATOM   372  C CD1 . TRP A 1 73  ? 0.166   9.655   3.199   1.00 17.88  ? 109 TRP A CD1 1 
ATOM   373  C CD2 . TRP A 1 73  ? -1.766  8.573   2.832   1.00 18.42  ? 109 TRP A CD2 1 
ATOM   374  N NE1 . TRP A 1 73  ? -0.822  10.595  3.076   1.00 19.12  ? 109 TRP A NE1 1 
ATOM   375  C CE2 . TRP A 1 73  ? -2.019  9.960   2.868   1.00 18.64  ? 109 TRP A CE2 1 
ATOM   376  C CE3 . TRP A 1 73  ? -2.852  7.683   2.654   1.00 19.08  ? 109 TRP A CE3 1 
ATOM   377  C CZ2 . TRP A 1 73  ? -3.298  10.493  2.676   1.00 19.24  ? 109 TRP A CZ2 1 
ATOM   378  C CZ3 . TRP A 1 73  ? -4.108  8.209   2.450   1.00 18.10  ? 109 TRP A CZ3 1 
ATOM   379  C CH2 . TRP A 1 73  ? -4.327  9.599   2.468   1.00 18.45  ? 109 TRP A CH2 1 
ATOM   380  N N   . TYR A 1 74  ? 0.831   4.158   4.894   1.00 17.47  ? 110 TYR A N   1 
ATOM   381  C CA  . TYR A 1 74  ? 1.431   2.836   4.919   1.00 16.49  ? 110 TYR A CA  1 
ATOM   382  C C   . TYR A 1 74  ? 0.633   1.878   4.038   1.00 16.54  ? 110 TYR A C   1 
ATOM   383  O O   . TYR A 1 74  ? -0.596  1.868   4.099   1.00 15.81  ? 110 TYR A O   1 
ATOM   384  C CB  . TYR A 1 74  ? 1.446   2.277   6.327   1.00 17.75  ? 110 TYR A CB  1 
ATOM   385  C CG  . TYR A 1 74  ? 2.403   2.986   7.249   1.00 18.47  ? 110 TYR A CG  1 
ATOM   386  C CD1 . TYR A 1 74  ? 3.731   2.583   7.331   1.00 20.58  ? 110 TYR A CD1 1 
ATOM   387  C CD2 . TYR A 1 74  ? 1.966   4.054   8.052   1.00 20.92  ? 110 TYR A CD2 1 
ATOM   388  C CE1 . TYR A 1 74  ? 4.638   3.237   8.219   1.00 20.94  ? 110 TYR A CE1 1 
ATOM   389  C CE2 . TYR A 1 74  ? 2.859   4.713   8.919   1.00 21.60  ? 110 TYR A CE2 1 
ATOM   390  C CZ  . TYR A 1 74  ? 4.176   4.289   8.998   1.00 21.85  ? 110 TYR A CZ  1 
ATOM   391  O OH  . TYR A 1 74  ? 5.058   4.943   9.845   1.00 23.13  ? 110 TYR A OH  1 
ATOM   392  N N   . PHE A 1 75  ? 1.331   1.067   3.252   1.00 15.09  ? 111 PHE A N   1 
ATOM   393  C CA  . PHE A 1 75  ? 0.622   0.095   2.404   1.00 14.83  ? 111 PHE A CA  1 
ATOM   394  C C   . PHE A 1 75  ? 0.348   -1.246  3.095   1.00 13.96  ? 111 PHE A C   1 
ATOM   395  O O   . PHE A 1 75  ? 1.247   -1.823  3.701   1.00 14.34  ? 111 PHE A O   1 
ATOM   396  C CB  . PHE A 1 75  ? 1.432   -0.163  1.115   1.00 14.38  ? 111 PHE A CB  1 
ATOM   397  C CG  . PHE A 1 75  ? 0.844   -1.217  0.253   1.00 15.43  ? 111 PHE A CG  1 
ATOM   398  C CD1 . PHE A 1 75  ? -0.133  -0.877  -0.686  1.00 15.09  ? 111 PHE A CD1 1 
ATOM   399  C CD2 . PHE A 1 75  ? 1.277   -2.552  0.362   1.00 16.11  ? 111 PHE A CD2 1 
ATOM   400  C CE1 . PHE A 1 75  ? -0.715  -1.881  -1.491  1.00 15.88  ? 111 PHE A CE1 1 
ATOM   401  C CE2 . PHE A 1 75  ? 0.699   -3.575  -0.461  1.00 17.67  ? 111 PHE A CE2 1 
ATOM   402  C CZ  . PHE A 1 75  ? -0.279  -3.212  -1.380  1.00 14.56  ? 111 PHE A CZ  1 
ATOM   403  N N   . TYR A 1 76  ? -0.879  -1.768  2.921   1.00 14.73  ? 112 TYR A N   1 
ATOM   404  C CA  . TYR A 1 76  ? -1.245  -3.115  3.331   1.00 15.26  ? 112 TYR A CA  1 
ATOM   405  C C   . TYR A 1 76  ? -1.882  -3.870  2.145   1.00 15.55  ? 112 TYR A C   1 
ATOM   406  O O   . TYR A 1 76  ? -2.683  -3.305  1.420   1.00 15.95  ? 112 TYR A O   1 
ATOM   407  C CB  . TYR A 1 76  ? -2.262  -3.066  4.475   1.00 16.12  ? 112 TYR A CB  1 
ATOM   408  C CG  . TYR A 1 76  ? -1.693  -2.475  5.743   1.00 14.97  ? 112 TYR A CG  1 
ATOM   409  C CD1 . TYR A 1 76  ? -1.096  -3.287  6.690   1.00 18.17  ? 112 TYR A CD1 1 
ATOM   410  C CD2 . TYR A 1 76  ? -1.747  -1.091  5.972   1.00 17.41  ? 112 TYR A CD2 1 
ATOM   411  C CE1 . TYR A 1 76  ? -0.559  -2.741  7.877   1.00 18.91  ? 112 TYR A CE1 1 
ATOM   412  C CE2 . TYR A 1 76  ? -1.194  -0.537  7.138   1.00 17.66  ? 112 TYR A CE2 1 
ATOM   413  C CZ  . TYR A 1 76  ? -0.620  -1.380  8.067   1.00 17.48  ? 112 TYR A CZ  1 
ATOM   414  O OH  . TYR A 1 76  ? -0.099  -0.869  9.241   1.00 20.63  ? 112 TYR A OH  1 
ATOM   415  N N   . TYR A 1 77  ? -1.552  -5.147  2.007   1.00 16.11  ? 113 TYR A N   1 
ATOM   416  C CA  . TYR A 1 77  ? -2.209  -5.963  0.985   1.00 16.25  ? 113 TYR A CA  1 
ATOM   417  C C   . TYR A 1 77  ? -3.702  -6.098  1.267   1.00 15.67  ? 113 TYR A C   1 
ATOM   418  O O   . TYR A 1 77  ? -4.142  -6.084  2.435   1.00 15.07  ? 113 TYR A O   1 
ATOM   419  C CB  . TYR A 1 77  ? -1.554  -7.336  0.907   1.00 16.21  ? 113 TYR A CB  1 
ATOM   420  C CG  . TYR A 1 77  ? -0.191  -7.243  0.274   1.00 16.80  ? 113 TYR A CG  1 
ATOM   421  C CD1 . TYR A 1 77  ? -0.053  -7.220  -1.127  1.00 15.30  ? 113 TYR A CD1 1 
ATOM   422  C CD2 . TYR A 1 77  ? 0.958   -7.142  1.053   1.00 15.17  ? 113 TYR A CD2 1 
ATOM   423  C CE1 . TYR A 1 77  ? 1.226   -7.139  -1.739  1.00 15.77  ? 113 TYR A CE1 1 
ATOM   424  C CE2 . TYR A 1 77  ? 2.239   -7.053  0.438   1.00 17.46  ? 113 TYR A CE2 1 
ATOM   425  C CZ  . TYR A 1 77  ? 2.340   -7.022  -0.944  1.00 16.83  ? 113 TYR A CZ  1 
ATOM   426  O OH  . TYR A 1 77  ? 3.581   -6.908  -1.530  1.00 17.14  ? 113 TYR A OH  1 
ATOM   427  N N   . LEU A 1 78  ? -4.474  -6.211  0.178   1.00 14.82  ? 114 LEU A N   1 
ATOM   428  C CA  . LEU A 1 78  ? -5.913  -6.445  0.294   1.00 15.02  ? 114 LEU A CA  1 
ATOM   429  C C   . LEU A 1 78  ? -6.161  -7.610  1.267   1.00 14.54  ? 114 LEU A C   1 
ATOM   430  O O   . LEU A 1 78  ? -5.477  -8.621  1.206   1.00 14.94  ? 114 LEU A O   1 
ATOM   431  C CB  . LEU A 1 78  ? -6.458  -6.806  -1.098  1.00 15.37  ? 114 LEU A CB  1 
ATOM   432  C CG  . LEU A 1 78  ? -7.974  -7.044  -1.167  1.00 14.68  ? 114 LEU A CG  1 
ATOM   433  C CD1 . LEU A 1 78  ? -8.729  -5.750  -0.842  1.00 12.80  ? 114 LEU A CD1 1 
ATOM   434  C CD2 . LEU A 1 78  ? -8.211  -7.502  -2.618  1.00 14.95  ? 114 LEU A CD2 1 
ATOM   435  N N   . GLY A 1 79  ? -7.111  -7.437  2.176   1.00 15.04  ? 115 GLY A N   1 
ATOM   436  C CA  . GLY A 1 79  ? -7.522  -8.480  3.094   1.00 16.15  ? 115 GLY A CA  1 
ATOM   437  C C   . GLY A 1 79  ? -6.595  -8.654  4.286   1.00 16.52  ? 115 GLY A C   1 
ATOM   438  O O   . GLY A 1 79  ? -6.712  -9.642  5.007   1.00 16.65  ? 115 GLY A O   1 
ATOM   439  N N   . THR A 1 80  ? -5.668  -7.714  4.464   1.00 17.02  ? 116 THR A N   1 
ATOM   440  C CA  . THR A 1 80  ? -4.721  -7.737  5.584   1.00 17.03  ? 116 THR A CA  1 
ATOM   441  C C   . THR A 1 80  ? -4.735  -6.379  6.269   1.00 16.74  ? 116 THR A C   1 
ATOM   442  O O   . THR A 1 80  ? -5.226  -5.385  5.721   1.00 16.43  ? 116 THR A O   1 
ATOM   443  C CB  . THR A 1 80  ? -3.231  -7.973  5.147   1.00 17.80  ? 116 THR A CB  1 
ATOM   444  O OG1 . THR A 1 80  ? -2.748  -6.785  4.512   1.00 16.66  ? 116 THR A OG1 1 
ATOM   445  C CG2 . THR A 1 80  ? -3.082  -9.159  4.211   1.00 17.69  ? 116 THR A CG2 1 
ATOM   446  N N   . GLY A 1 81  ? -4.138  -6.325  7.463   1.00 17.28  ? 117 GLY A N   1 
ATOM   447  C CA  . GLY A 1 81  ? -3.920  -5.046  8.144   1.00 18.08  ? 117 GLY A CA  1 
ATOM   448  C C   . GLY A 1 81  ? -5.138  -4.487  8.866   1.00 18.79  ? 117 GLY A C   1 
ATOM   449  O O   . GLY A 1 81  ? -6.127  -5.239  9.101   1.00 18.94  ? 117 GLY A O   1 
ATOM   450  N N   . PRO A 1 82  ? -5.083  -3.180  9.245   1.00 18.61  ? 118 PRO A N   1 
ATOM   451  C CA  . PRO A 1 82  ? -6.150  -2.521  10.009  1.00 19.15  ? 118 PRO A CA  1 
ATOM   452  C C   . PRO A 1 82  ? -7.503  -2.555  9.283   1.00 18.75  ? 118 PRO A C   1 
ATOM   453  O O   . PRO A 1 82  ? -8.544  -2.598  9.952   1.00 18.30  ? 118 PRO A O   1 
ATOM   454  C CB  . PRO A 1 82  ? -5.675  -1.057  10.122  1.00 19.32  ? 118 PRO A CB  1 
ATOM   455  C CG  . PRO A 1 82  ? -4.223  -1.107  9.889   1.00 20.73  ? 118 PRO A CG  1 
ATOM   456  C CD  . PRO A 1 82  ? -3.971  -2.251  8.969   1.00 19.25  ? 118 PRO A CD  1 
ATOM   457  N N   . GLU A 1 83  ? -7.484  -2.495  7.953   1.00 17.72  ? 119 GLU A N   1 
ATOM   458  C CA  . GLU A 1 83  ? -8.696  -2.592  7.114   1.00 17.96  ? 119 GLU A CA  1 
ATOM   459  C C   . GLU A 1 83  ? -8.823  -3.943  6.394   1.00 16.99  ? 119 GLU A C   1 
ATOM   460  O O   . GLU A 1 83  ? -9.266  -4.002  5.244   1.00 16.81  ? 119 GLU A O   1 
ATOM   461  C CB  . GLU A 1 83  ? -8.736  -1.468  6.078   1.00 18.57  ? 119 GLU A CB  1 
ATOM   462  C CG  . GLU A 1 83  ? -8.616  -0.062  6.659   1.00 23.38  ? 119 GLU A CG  1 
ATOM   463  C CD  . GLU A 1 83  ? -9.687  0.299   7.674   1.00 30.98  ? 119 GLU A CD  1 
ATOM   464  O OE1 . GLU A 1 83  ? -10.900 0.067   7.431   1.00 31.36  ? 119 GLU A OE1 1 
ATOM   465  O OE2 . GLU A 1 83  ? -9.301  0.851   8.726   1.00 36.17  ? 119 GLU A OE2 1 
ATOM   466  N N   . ALA A 1 84  ? -8.455  -5.020  7.071   1.00 16.25  ? 120 ALA A N   1 
ATOM   467  C CA  . ALA A 1 84  ? -8.446  -6.345  6.447   1.00 15.73  ? 120 ALA A CA  1 
ATOM   468  C C   . ALA A 1 84  ? -9.818  -6.707  5.854   1.00 15.14  ? 120 ALA A C   1 
ATOM   469  O O   . ALA A 1 84  ? -9.885  -7.403  4.856   1.00 15.82  ? 120 ALA A O   1 
ATOM   470  C CB  . ALA A 1 84  ? -8.047  -7.385  7.442   1.00 14.51  ? 120 ALA A CB  1 
ATOM   471  N N   . SER A 1 85  ? -10.904 -6.256  6.474   1.00 14.87  ? 121 SER A N   1 
ATOM   472  C CA  . SER A 1 85  ? -12.252 -6.631  6.004   1.00 14.64  ? 121 SER A CA  1 
ATOM   473  C C   . SER A 1 85  ? -12.797 -5.723  4.898   1.00 15.48  ? 121 SER A C   1 
ATOM   474  O O   . SER A 1 85  ? -13.834 -6.025  4.298   1.00 15.21  ? 121 SER A O   1 
ATOM   475  C CB  . SER A 1 85  ? -13.249 -6.684  7.178   1.00 14.38  ? 121 SER A CB  1 
ATOM   476  O OG  . SER A 1 85  ? -13.397 -5.414  7.794   1.00 12.37  ? 121 SER A OG  1 
ATOM   477  N N   . LEU A 1 86  ? -12.086 -4.631  4.601   1.00 15.31  ? 122 LEU A N   1 
ATOM   478  C CA  . LEU A 1 86  ? -12.616 -3.600  3.734   1.00 16.15  ? 122 LEU A CA  1 
ATOM   479  C C   . LEU A 1 86  ? -12.447 -4.074  2.288   1.00 16.68  ? 122 LEU A C   1 
ATOM   480  O O   . LEU A 1 86  ? -11.325 -4.354  1.859   1.00 16.26  ? 122 LEU A O   1 
ATOM   481  C CB  . LEU A 1 86  ? -11.827 -2.304  3.930   1.00 16.32  ? 122 LEU A CB  1 
ATOM   482  C CG  . LEU A 1 86  ? -12.437 -0.896  3.972   1.00 20.10  ? 122 LEU A CG  1 
ATOM   483  C CD1 . LEU A 1 86  ? -11.564 0.094   3.286   1.00 20.48  ? 122 LEU A CD1 1 
ATOM   484  C CD2 . LEU A 1 86  ? -13.905 -0.708  3.590   1.00 19.74  ? 122 LEU A CD2 1 
ATOM   485  N N   . PRO A 1 87  ? -13.564 -4.187  1.535   1.00 17.28  ? 123 PRO A N   1 
ATOM   486  C CA  . PRO A 1 87  ? -13.476 -4.653  0.146   1.00 17.03  ? 123 PRO A CA  1 
ATOM   487  C C   . PRO A 1 87  ? -12.856 -3.594  -0.792  1.00 16.88  ? 123 PRO A C   1 
ATOM   488  O O   . PRO A 1 87  ? -13.029 -2.400  -0.591  1.00 15.33  ? 123 PRO A O   1 
ATOM   489  C CB  . PRO A 1 87  ? -14.944 -4.927  -0.230  1.00 17.34  ? 123 PRO A CB  1 
ATOM   490  C CG  . PRO A 1 87  ? -15.721 -4.070  0.606   1.00 17.54  ? 123 PRO A CG  1 
ATOM   491  C CD  . PRO A 1 87  ? -14.957 -3.890  1.913   1.00 18.00  ? 123 PRO A CD  1 
ATOM   492  N N   . TYR A 1 88  ? -12.105 -4.073  -1.779  1.00 18.32  ? 124 TYR A N   1 
ATOM   493  C CA  . TYR A 1 88  ? -11.360 -3.190  -2.684  1.00 19.12  ? 124 TYR A CA  1 
ATOM   494  C C   . TYR A 1 88  ? -12.272 -2.136  -3.266  1.00 20.28  ? 124 TYR A C   1 
ATOM   495  O O   . TYR A 1 88  ? -13.311 -2.468  -3.859  1.00 22.28  ? 124 TYR A O   1 
ATOM   496  C CB  . TYR A 1 88  ? -10.744 -3.971  -3.849  1.00 18.91  ? 124 TYR A CB  1 
ATOM   497  C CG  . TYR A 1 88  ? -9.842  -3.051  -4.667  1.00 17.76  ? 124 TYR A CG  1 
ATOM   498  C CD1 . TYR A 1 88  ? -8.521  -2.884  -4.301  1.00 19.07  ? 124 TYR A CD1 1 
ATOM   499  C CD2 . TYR A 1 88  ? -10.328 -2.302  -5.746  1.00 20.76  ? 124 TYR A CD2 1 
ATOM   500  C CE1 . TYR A 1 88  ? -7.666  -2.017  -5.016  1.00 17.01  ? 124 TYR A CE1 1 
ATOM   501  C CE2 . TYR A 1 88  ? -9.473  -1.419  -6.461  1.00 19.66  ? 124 TYR A CE2 1 
ATOM   502  C CZ  . TYR A 1 88  ? -8.141  -1.307  -6.078  1.00 17.34  ? 124 TYR A CZ  1 
ATOM   503  O OH  . TYR A 1 88  ? -7.264  -0.453  -6.746  1.00 18.38  ? 124 TYR A OH  1 
ATOM   504  N N   . GLY A 1 89  ? -11.895 -0.865  -3.105  1.00 20.23  ? 125 GLY A N   1 
ATOM   505  C CA  . GLY A 1 89  ? -12.575 0.220   -3.779  1.00 18.97  ? 125 GLY A CA  1 
ATOM   506  C C   . GLY A 1 89  ? -13.572 0.928   -2.900  1.00 20.55  ? 125 GLY A C   1 
ATOM   507  O O   . GLY A 1 89  ? -14.121 1.967   -3.273  1.00 18.57  ? 125 GLY A O   1 
ATOM   508  N N   . ALA A 1 90  ? -13.818 0.352   -1.725  1.00 20.59  ? 126 ALA A N   1 
ATOM   509  C CA  . ALA A 1 90  ? -14.789 0.920   -0.812  1.00 22.29  ? 126 ALA A CA  1 
ATOM   510  C C   . ALA A 1 90  ? -14.281 2.277   -0.384  1.00 23.40  ? 126 ALA A C   1 
ATOM   511  O O   . ALA A 1 90  ? -13.131 2.423   -0.024  1.00 24.55  ? 126 ALA A O   1 
ATOM   512  C CB  . ALA A 1 90  ? -15.020 -0.033  0.400   1.00 21.70  ? 126 ALA A CB  1 
ATOM   513  N N   A ASN A 1 91  ? -15.135 3.288   -0.469  0.50 24.62  ? 127 ASN A N   1 
ATOM   514  N N   B ASN A 1 91  ? -15.143 3.289   -0.464  0.50 24.68  ? 127 ASN A N   1 
ATOM   515  C CA  A ASN A 1 91  ? -14.749 4.620   -0.025  0.50 25.26  ? 127 ASN A CA  1 
ATOM   516  C CA  B ASN A 1 91  ? -14.793 4.655   -0.053  0.50 25.39  ? 127 ASN A CA  1 
ATOM   517  C C   A ASN A 1 91  ? -14.656 4.657   1.495   0.50 25.75  ? 127 ASN A C   1 
ATOM   518  C C   B ASN A 1 91  ? -14.704 4.774   1.480   0.50 25.87  ? 127 ASN A C   1 
ATOM   519  O O   A ASN A 1 91  ? -15.582 4.221   2.201   0.50 26.12  ? 127 ASN A O   1 
ATOM   520  O O   B ASN A 1 91  ? -15.692 4.513   2.187   0.50 26.30  ? 127 ASN A O   1 
ATOM   521  C CB  A ASN A 1 91  ? -15.738 5.680   -0.519  0.50 25.81  ? 127 ASN A CB  1 
ATOM   522  C CB  B ASN A 1 91  ? -15.828 5.670   -0.590  0.50 25.93  ? 127 ASN A CB  1 
ATOM   523  C CG  A ASN A 1 91  ? -15.220 7.094   -0.331  0.50 26.19  ? 127 ASN A CG  1 
ATOM   524  C CG  B ASN A 1 91  ? -15.824 5.797   -2.121  0.50 26.69  ? 127 ASN A CG  1 
ATOM   525  O OD1 A ASN A 1 91  ? -14.437 7.593   -1.140  0.50 27.78  ? 127 ASN A OD1 1 
ATOM   526  O OD1 B ASN A 1 91  ? -14.769 5.839   -2.754  0.50 29.40  ? 127 ASN A OD1 1 
ATOM   527  N ND2 A ASN A 1 91  ? -15.665 7.753   0.731   0.50 28.27  ? 127 ASN A ND2 1 
ATOM   528  N ND2 B ASN A 1 91  ? -17.012 5.894   -2.713  0.50 26.00  ? 127 ASN A ND2 1 
ATOM   529  N N   . LYS A 1 92  ? -13.529 5.161   1.988   1.00 25.80  ? 128 LYS A N   1 
ATOM   530  C CA  . LYS A 1 92  ? -13.303 5.332   3.432   1.00 26.15  ? 128 LYS A CA  1 
ATOM   531  C C   . LYS A 1 92  ? -12.206 6.351   3.691   1.00 26.62  ? 128 LYS A C   1 
ATOM   532  O O   . LYS A 1 92  ? -11.108 6.254   3.112   1.00 25.88  ? 128 LYS A O   1 
ATOM   533  C CB  . LYS A 1 92  ? -12.929 4.008   4.113   1.00 26.20  ? 128 LYS A CB  1 
ATOM   534  C CG  . LYS A 1 92  ? -12.645 4.173   5.604   1.00 26.62  ? 128 LYS A CG  1 
ATOM   535  C CD  . LYS A 1 92  ? -12.627 2.863   6.377   1.00 26.86  ? 128 LYS A CD  1 
ATOM   536  C CE  . LYS A 1 92  ? -12.306 3.142   7.835   1.00 30.98  ? 128 LYS A CE  1 
ATOM   537  N NZ  . LYS A 1 92  ? -12.505 1.939   8.693   1.00 32.70  ? 128 LYS A NZ  1 
ATOM   538  N N   . GLU A 1 93  ? -12.481 7.309   4.579   1.00 26.42  ? 129 GLU A N   1 
ATOM   539  C CA  . GLU A 1 93  ? -11.518 8.389   4.914   1.00 27.72  ? 129 GLU A CA  1 
ATOM   540  C C   . GLU A 1 93  ? -10.116 7.859   5.200   1.00 25.89  ? 129 GLU A C   1 
ATOM   541  O O   . GLU A 1 93  ? -9.952  6.922   5.974   1.00 26.27  ? 129 GLU A O   1 
ATOM   542  C CB  . GLU A 1 93  ? -12.010 9.218   6.112   1.00 27.38  ? 129 GLU A CB  1 
ATOM   543  C CG  . GLU A 1 93  ? -10.953 10.158  6.728   1.00 30.33  ? 129 GLU A CG  1 
ATOM   544  C CD  . GLU A 1 93  ? -11.507 11.042  7.864   1.00 32.10  ? 129 GLU A CD  1 
ATOM   545  O OE1 . GLU A 1 93  ? -12.290 10.545  8.721   1.00 37.22  ? 129 GLU A OE1 1 
ATOM   546  O OE2 . GLU A 1 93  ? -11.156 12.246  7.902   1.00 36.72  ? 129 GLU A OE2 1 
ATOM   547  N N   . GLY A 1 94  ? -9.111  8.462   4.560   1.00 24.74  ? 130 GLY A N   1 
ATOM   548  C CA  . GLY A 1 94  ? -7.717  8.072   4.776   1.00 22.16  ? 130 GLY A CA  1 
ATOM   549  C C   . GLY A 1 94  ? -7.272  6.757   4.149   1.00 20.48  ? 130 GLY A C   1 
ATOM   550  O O   . GLY A 1 94  ? -6.187  6.268   4.456   1.00 20.23  ? 130 GLY A O   1 
ATOM   551  N N   . ILE A 1 95  ? -8.094  6.191   3.272   1.00 19.83  ? 131 ILE A N   1 
ATOM   552  C CA  . ILE A 1 95  ? -7.754  4.940   2.585   1.00 19.26  ? 131 ILE A CA  1 
ATOM   553  C C   . ILE A 1 95  ? -7.660  5.211   1.092   1.00 18.85  ? 131 ILE A C   1 
ATOM   554  O O   . ILE A 1 95  ? -8.597  5.752   0.501   1.00 19.52  ? 131 ILE A O   1 
ATOM   555  C CB  . ILE A 1 95  ? -8.809  3.775   2.838   1.00 19.44  ? 131 ILE A CB  1 
ATOM   556  C CG1 . ILE A 1 95  ? -8.937  3.408   4.330   1.00 19.15  ? 131 ILE A CG1 1 
ATOM   557  C CG2 . ILE A 1 95  ? -8.488  2.509   1.963   1.00 18.66  ? 131 ILE A CG2 1 
ATOM   558  C CD1 . ILE A 1 95  ? -7.638  3.025   5.052   1.00 17.38  ? 131 ILE A CD1 1 
ATOM   559  N N   . VAL A 1 96  ? -6.532  4.827   0.489   1.00 17.69  ? 132 VAL A N   1 
ATOM   560  C CA  . VAL A 1 96  ? -6.326  4.988   -0.945  1.00 17.84  ? 132 VAL A CA  1 
ATOM   561  C C   . VAL A 1 96  ? -6.075  3.599   -1.545  1.00 16.78  ? 132 VAL A C   1 
ATOM   562  O O   . VAL A 1 96  ? -5.205  2.871   -1.062  1.00 16.09  ? 132 VAL A O   1 
ATOM   563  C CB  . VAL A 1 96  ? -5.114  5.936   -1.233  1.00 17.80  ? 132 VAL A CB  1 
ATOM   564  C CG1 . VAL A 1 96  ? -4.667  5.828   -2.700  1.00 21.25  ? 132 VAL A CG1 1 
ATOM   565  C CG2 . VAL A 1 96  ? -5.512  7.368   -0.892  1.00 20.85  ? 132 VAL A CG2 1 
ATOM   566  N N   . TRP A 1 97  ? -6.854  3.235   -2.564  1.00 14.99  ? 133 TRP A N   1 
ATOM   567  C CA  . TRP A 1 97  ? -6.793  1.897   -3.134  1.00 15.41  ? 133 TRP A CA  1 
ATOM   568  C C   . TRP A 1 97  ? -5.792  1.858   -4.316  1.00 15.50  ? 133 TRP A C   1 
ATOM   569  O O   . TRP A 1 97  ? -5.799  2.790   -5.140  1.00 15.91  ? 133 TRP A O   1 
ATOM   570  C CB  . TRP A 1 97  ? -8.205  1.524   -3.645  1.00 16.09  ? 133 TRP A CB  1 
ATOM   571  C CG  . TRP A 1 97  ? -9.139  1.227   -2.502  1.00 15.54  ? 133 TRP A CG  1 
ATOM   572  C CD1 . TRP A 1 97  ? -10.177 2.010   -2.045  1.00 19.34  ? 133 TRP A CD1 1 
ATOM   573  C CD2 . TRP A 1 97  ? -9.061  0.106   -1.621  1.00 16.62  ? 133 TRP A CD2 1 
ATOM   574  N NE1 . TRP A 1 97  ? -10.795 1.385   -0.959  1.00 19.44  ? 133 TRP A NE1 1 
ATOM   575  C CE2 . TRP A 1 97  ? -10.118 0.228   -0.677  1.00 19.36  ? 133 TRP A CE2 1 
ATOM   576  C CE3 . TRP A 1 97  ? -8.227  -1.012  -1.557  1.00 17.40  ? 133 TRP A CE3 1 
ATOM   577  C CZ2 . TRP A 1 97  ? -10.346 -0.731  0.315   1.00 20.82  ? 133 TRP A CZ2 1 
ATOM   578  C CZ3 . TRP A 1 97  ? -8.448  -1.965  -0.550  1.00 18.59  ? 133 TRP A CZ3 1 
ATOM   579  C CH2 . TRP A 1 97  ? -9.500  -1.821  0.356   1.00 17.12  ? 133 TRP A CH2 1 
ATOM   580  N N   . VAL A 1 98  ? -4.991  0.801   -4.397  1.00 14.68  ? 134 VAL A N   1 
ATOM   581  C CA  . VAL A 1 98  ? -4.050  0.584   -5.538  1.00 14.52  ? 134 VAL A CA  1 
ATOM   582  C C   . VAL A 1 98  ? -4.077  -0.860  -6.029  1.00 14.22  ? 134 VAL A C   1 
ATOM   583  O O   . VAL A 1 98  ? -4.212  -1.809  -5.224  1.00 13.46  ? 134 VAL A O   1 
ATOM   584  C CB  . VAL A 1 98  ? -2.584  1.000   -5.193  1.00 13.01  ? 134 VAL A CB  1 
ATOM   585  C CG1 . VAL A 1 98  ? -2.538  2.501   -5.023  1.00 13.65  ? 134 VAL A CG1 1 
ATOM   586  C CG2 . VAL A 1 98  ? -2.060  0.299   -3.893  1.00 14.21  ? 134 VAL A CG2 1 
ATOM   587  N N   . ALA A 1 99  ? -3.987  -1.044  -7.345  1.00 14.25  ? 135 ALA A N   1 
ATOM   588  C CA  . ALA A 1 99  ? -3.872  -2.405  -7.870  1.00 14.56  ? 135 ALA A CA  1 
ATOM   589  C C   . ALA A 1 99  ? -3.136  -2.373  -9.182  1.00 14.66  ? 135 ALA A C   1 
ATOM   590  O O   . ALA A 1 99  ? -3.403  -1.519  -10.055 1.00 14.07  ? 135 ALA A O   1 
ATOM   591  C CB  . ALA A 1 99  ? -5.285  -3.033  -8.093  1.00 15.84  ? 135 ALA A CB  1 
ATOM   592  N N   . THR A 1 100 ? -2.259  -3.346  -9.344  1.00 14.79  ? 136 THR A N   1 
ATOM   593  C CA  . THR A 1 100 ? -1.547  -3.516  -10.604 1.00 15.27  ? 136 THR A CA  1 
ATOM   594  C C   . THR A 1 100 ? -2.450  -4.356  -11.516 1.00 16.03  ? 136 THR A C   1 
ATOM   595  O O   . THR A 1 100 ? -3.045  -5.338  -11.043 1.00 15.93  ? 136 THR A O   1 
ATOM   596  C CB  . THR A 1 100 ? -0.249  -4.268  -10.300 1.00 14.61  ? 136 THR A CB  1 
ATOM   597  O OG1 . THR A 1 100 ? 0.489   -3.546  -9.299  1.00 16.33  ? 136 THR A OG1 1 
ATOM   598  C CG2 . THR A 1 100 ? 0.604   -4.449  -11.558 1.00 14.23  ? 136 THR A CG2 1 
ATOM   599  N N   . GLU A 1 101 ? -2.510  -4.052  -12.815 1.00 16.14  ? 137 GLU A N   1 
ATOM   600  C CA  . GLU A 1 101 ? -3.379  -4.838  -13.718 1.00 18.45  ? 137 GLU A CA  1 
ATOM   601  C C   . GLU A 1 101 ? -2.995  -6.312  -13.562 1.00 18.10  ? 137 GLU A C   1 
ATOM   602  O O   . GLU A 1 101 ? -1.806  -6.624  -13.490 1.00 18.93  ? 137 GLU A O   1 
ATOM   603  C CB  . GLU A 1 101 ? -3.265  -4.339  -15.191 1.00 19.08  ? 137 GLU A CB  1 
ATOM   604  C CG  . GLU A 1 101 ? -4.582  -3.681  -15.751 1.00 25.82  ? 137 GLU A CG  1 
ATOM   605  C CD  . GLU A 1 101 ? -4.861  -2.324  -15.170 1.00 32.74  ? 137 GLU A CD  1 
ATOM   606  O OE1 . GLU A 1 101 ? -3.953  -1.661  -14.617 1.00 36.48  ? 137 GLU A OE1 1 
ATOM   607  O OE2 . GLU A 1 101 ? -6.003  -1.884  -15.278 1.00 39.11  ? 137 GLU A OE2 1 
ATOM   608  N N   . GLY A 1 102 ? -3.980  -7.208  -13.466 1.00 17.59  ? 138 GLY A N   1 
ATOM   609  C CA  . GLY A 1 102 ? -3.655  -8.634  -13.309 1.00 17.67  ? 138 GLY A CA  1 
ATOM   610  C C   . GLY A 1 102 ? -3.829  -9.164  -11.877 1.00 17.46  ? 138 GLY A C   1 
ATOM   611  O O   . GLY A 1 102 ? -3.852  -10.381 -11.670 1.00 18.11  ? 138 GLY A O   1 
ATOM   612  N N   . ALA A 1 103 ? -3.964  -8.257  -10.908 1.00 16.12  ? 139 ALA A N   1 
ATOM   613  C CA  . ALA A 1 103 ? -4.193  -8.695  -9.510  1.00 16.36  ? 139 ALA A CA  1 
ATOM   614  C C   . ALA A 1 103 ? -5.549  -9.391  -9.352  1.00 15.88  ? 139 ALA A C   1 
ATOM   615  O O   . ALA A 1 103 ? -6.474  -9.127  -10.109 1.00 15.33  ? 139 ALA A O   1 
ATOM   616  C CB  . ALA A 1 103 ? -4.129  -7.526  -8.591  1.00 15.97  ? 139 ALA A CB  1 
ATOM   617  N N   . LEU A 1 104 ? -5.656  -10.257 -8.346  1.00 15.48  ? 140 LEU A N   1 
ATOM   618  C CA  . LEU A 1 104 ? -6.907  -10.927 -8.015  1.00 15.71  ? 140 LEU A CA  1 
ATOM   619  C C   . LEU A 1 104 ? -7.484  -10.367 -6.707  1.00 16.42  ? 140 LEU A C   1 
ATOM   620  O O   . LEU A 1 104 ? -6.748  -9.887  -5.864  1.00 14.36  ? 140 LEU A O   1 
ATOM   621  C CB  . LEU A 1 104 ? -6.711  -12.429 -7.837  1.00 15.68  ? 140 LEU A CB  1 
ATOM   622  C CG  . LEU A 1 104 ? -6.086  -13.290 -8.932  1.00 18.02  ? 140 LEU A CG  1 
ATOM   623  C CD1 . LEU A 1 104 ? -6.193  -14.731 -8.491  1.00 18.41  ? 140 LEU A CD1 1 
ATOM   624  C CD2 . LEU A 1 104 ? -6.865  -13.030 -10.275 1.00 21.30  ? 140 LEU A CD2 1 
ATOM   625  N N   . ASN A 1 105 ? -8.794  -10.515 -6.548  1.00 17.77  ? 141 ASN A N   1 
ATOM   626  C CA  . ASN A 1 105 ? -9.551  -10.045 -5.368  1.00 18.89  ? 141 ASN A CA  1 
ATOM   627  C C   . ASN A 1 105 ? -9.398  -10.834 -4.091  1.00 18.20  ? 141 ASN A C   1 
ATOM   628  O O   . ASN A 1 105 ? -9.981  -10.451 -3.074  1.00 21.24  ? 141 ASN A O   1 
ATOM   629  C CB  . ASN A 1 105 ? -11.052 -10.047 -5.699  1.00 19.16  ? 141 ASN A CB  1 
ATOM   630  C CG  . ASN A 1 105 ? -11.873 -9.122  -4.793  1.00 19.26  ? 141 ASN A CG  1 
ATOM   631  O OD1 . ASN A 1 105 ? -12.969 -9.519  -4.314  1.00 22.08  ? 141 ASN A OD1 1 
ATOM   632  N ND2 . ASN A 1 105 ? -11.398 -7.883  -4.585  1.00 14.53  ? 141 ASN A ND2 1 
ATOM   633  N N   . THR A 1 106 ? -8.702  -11.962 -4.111  1.00 20.23  ? 142 THR A N   1 
ATOM   634  C CA  . THR A 1 106 ? -8.644  -12.795 -2.929  1.00 19.54  ? 142 THR A CA  1 
ATOM   635  C C   . THR A 1 106 ? -7.922  -11.994 -1.797  1.00 19.54  ? 142 THR A C   1 
ATOM   636  O O   . THR A 1 106 ? -7.048  -11.149 -2.092  1.00 18.02  ? 142 THR A O   1 
ATOM   637  C CB  . THR A 1 106 ? -7.964  -14.116 -3.218  1.00 20.83  ? 142 THR A CB  1 
ATOM   638  O OG1 . THR A 1 106 ? -6.721  -13.897 -3.884  1.00 22.34  ? 142 THR A OG1 1 
ATOM   639  C CG2 . THR A 1 106 ? -8.863  -14.995 -4.151  1.00 22.46  ? 142 THR A CG2 1 
ATOM   640  N N   . PRO A 1 107 ? -8.306  -12.222 -0.521  1.00 18.01  ? 143 PRO A N   1 
ATOM   641  C CA  . PRO A 1 107 ? -7.502  -11.617 0.568   1.00 16.33  ? 143 PRO A CA  1 
ATOM   642  C C   . PRO A 1 107 ? -6.089  -12.211 0.544   1.00 15.35  ? 143 PRO A C   1 
ATOM   643  O O   . PRO A 1 107 ? -5.882  -13.406 0.227   1.00 15.87  ? 143 PRO A O   1 
ATOM   644  C CB  . PRO A 1 107 ? -8.299  -11.983 1.855   1.00 16.13  ? 143 PRO A CB  1 
ATOM   645  C CG  . PRO A 1 107 ? -9.118  -13.170 1.486   1.00 18.63  ? 143 PRO A CG  1 
ATOM   646  C CD  . PRO A 1 107 ? -9.433  -13.033 -0.004  1.00 18.19  ? 143 PRO A CD  1 
ATOM   647  N N   . LYS A 1 108 ? -5.082  -11.393 0.825   1.00 15.47  ? 144 LYS A N   1 
ATOM   648  C CA  . LYS A 1 108 ? -3.717  -11.898 0.755   1.00 14.97  ? 144 LYS A CA  1 
ATOM   649  C C   . LYS A 1 108 ? -3.250  -12.460 2.107   1.00 16.29  ? 144 LYS A C   1 
ATOM   650  O O   . LYS A 1 108 ? -2.228  -12.007 2.670   1.00 15.24  ? 144 LYS A O   1 
ATOM   651  C CB  . LYS A 1 108 ? -2.737  -10.837 0.200   1.00 14.22  ? 144 LYS A CB  1 
ATOM   652  C CG  . LYS A 1 108 ? -3.331  -10.089 -1.013  1.00 13.31  ? 144 LYS A CG  1 
ATOM   653  C CD  . LYS A 1 108 ? -3.721  -11.105 -2.128  1.00 11.61  ? 144 LYS A CD  1 
ATOM   654  C CE  . LYS A 1 108 ? -4.386  -10.340 -3.326  1.00 12.59  ? 144 LYS A CE  1 
ATOM   655  N NZ  . LYS A 1 108 ? -5.085  -11.394 -4.199  1.00 10.89  ? 144 LYS A NZ  1 
ATOM   656  N N   A ASP A 1 109 ? -4.001  -13.475 2.553   0.50 17.15  ? 145 ASP A N   1 
ATOM   657  N N   B ASP A 1 109 ? -3.946  -13.470 2.618   0.50 16.36  ? 145 ASP A N   1 
ATOM   658  C CA  A ASP A 1 109 ? -3.809  -14.158 3.833   0.50 18.19  ? 145 ASP A CA  1 
ATOM   659  C CA  B ASP A 1 109 ? -3.634  -13.986 3.962   0.50 16.54  ? 145 ASP A CA  1 
ATOM   660  C C   A ASP A 1 109 ? -2.388  -14.700 3.975   0.50 18.23  ? 145 ASP A C   1 
ATOM   661  C C   B ASP A 1 109 ? -2.356  -14.821 4.027   0.50 17.38  ? 145 ASP A C   1 
ATOM   662  O O   A ASP A 1 109 ? -1.829  -14.633 5.067   0.50 18.62  ? 145 ASP A O   1 
ATOM   663  O O   B ASP A 1 109 ? -1.873  -15.124 5.115   0.50 17.90  ? 145 ASP A O   1 
ATOM   664  C CB  A ASP A 1 109 ? -4.851  -15.308 4.022   0.50 18.96  ? 145 ASP A CB  1 
ATOM   665  C CB  B ASP A 1 109 ? -4.825  -14.767 4.544   0.50 16.17  ? 145 ASP A CB  1 
ATOM   666  C CG  A ASP A 1 109 ? -6.255  -14.816 4.459   0.50 20.20  ? 145 ASP A CG  1 
ATOM   667  C CG  B ASP A 1 109 ? -5.347  -15.836 3.593   0.50 14.68  ? 145 ASP A CG  1 
ATOM   668  O OD1 A ASP A 1 109 ? -6.563  -13.615 4.357   0.50 23.77  ? 145 ASP A OD1 1 
ATOM   669  O OD1 B ASP A 1 109 ? -6.344  -16.479 3.930   0.50 11.13  ? 145 ASP A OD1 1 
ATOM   670  O OD2 A ASP A 1 109 ? -7.077  -15.648 4.910   0.50 22.38  ? 145 ASP A OD2 1 
ATOM   671  O OD2 B ASP A 1 109 ? -4.763  -16.028 2.507   0.50 14.54  ? 145 ASP A OD2 1 
ATOM   672  N N   . HIS A 1 110 ? -1.809  -15.218 2.881   1.00 18.30  ? 146 HIS A N   1 
ATOM   673  C CA  . HIS A 1 110 ? -0.477  -15.867 2.891   1.00 19.76  ? 146 HIS A CA  1 
ATOM   674  C C   . HIS A 1 110 ? 0.649   -14.846 3.089   1.00 19.96  ? 146 HIS A C   1 
ATOM   675  O O   . HIS A 1 110 ? 1.769   -15.188 3.523   1.00 21.57  ? 146 HIS A O   1 
ATOM   676  C CB  . HIS A 1 110 ? -0.180  -16.641 1.596   1.00 20.21  ? 146 HIS A CB  1 
ATOM   677  C CG  . HIS A 1 110 ? -0.967  -17.908 1.442   1.00 23.78  ? 146 HIS A CG  1 
ATOM   678  N ND1 . HIS A 1 110 ? -0.501  -19.133 1.873   1.00 24.31  ? 146 HIS A ND1 1 
ATOM   679  C CD2 . HIS A 1 110 ? -2.185  -18.136 0.895   1.00 24.28  ? 146 HIS A CD2 1 
ATOM   680  C CE1 . HIS A 1 110 ? -1.401  -20.060 1.598   1.00 25.24  ? 146 HIS A CE1 1 
ATOM   681  N NE2 . HIS A 1 110 ? -2.438  -19.480 1.018   1.00 24.92  ? 146 HIS A NE2 1 
ATOM   682  N N   . ILE A 1 111 ? 0.364   -13.605 2.755   1.00 18.97  ? 147 ILE A N   1 
ATOM   683  C CA  . ILE A 1 111 ? 1.370   -12.554 2.892   1.00 18.52  ? 147 ILE A CA  1 
ATOM   684  C C   . ILE A 1 111 ? 1.254   -11.954 4.259   1.00 18.05  ? 147 ILE A C   1 
ATOM   685  O O   . ILE A 1 111 ? 2.256   -11.840 4.969   1.00 18.44  ? 147 ILE A O   1 
ATOM   686  C CB  . ILE A 1 111 ? 1.279   -11.511 1.754   1.00 18.37  ? 147 ILE A CB  1 
ATOM   687  C CG1 . ILE A 1 111 ? 1.752   -12.152 0.433   1.00 19.89  ? 147 ILE A CG1 1 
ATOM   688  C CG2 . ILE A 1 111 ? 2.080   -10.229 2.098   1.00 18.09  ? 147 ILE A CG2 1 
ATOM   689  C CD1 . ILE A 1 111 ? 1.388   -11.322 -0.752  1.00 20.18  ? 147 ILE A CD1 1 
ATOM   690  N N   . GLY A 1 112 ? 0.031   -11.608 4.643   1.00 17.74  ? 148 GLY A N   1 
ATOM   691  C CA  . GLY A 1 112 ? -0.261  -11.073 5.969   1.00 17.67  ? 148 GLY A CA  1 
ATOM   692  C C   . GLY A 1 112 ? 0.436   -9.747  6.228   1.00 17.51  ? 148 GLY A C   1 
ATOM   693  O O   . GLY A 1 112 ? 0.665   -8.949  5.298   1.00 16.03  ? 148 GLY A O   1 
ATOM   694  N N   . THR A 1 113 ? 0.779   -9.518  7.491   1.00 17.24  ? 149 THR A N   1 
ATOM   695  C CA  . THR A 1 113 ? 1.473   -8.291  7.892   1.00 17.69  ? 149 THR A CA  1 
ATOM   696  C C   . THR A 1 113 ? 2.803   -8.671  8.521   1.00 18.59  ? 149 THR A C   1 
ATOM   697  O O   . THR A 1 113 ? 3.106   -9.864  8.698   1.00 18.00  ? 149 THR A O   1 
ATOM   698  C CB  . THR A 1 113 ? 0.661   -7.446  8.877   1.00 18.12  ? 149 THR A CB  1 
ATOM   699  O OG1 . THR A 1 113 ? 0.231   -8.271  9.951   1.00 19.51  ? 149 THR A OG1 1 
ATOM   700  C CG2 . THR A 1 113 ? -0.563  -6.782  8.205   1.00 18.82  ? 149 THR A CG2 1 
ATOM   701  N N   . ARG A 1 114 ? 3.605   -7.652  8.821   1.00 18.62  ? 150 ARG A N   1 
ATOM   702  C CA  . ARG A 1 114 ? 4.943   -7.833  9.372   1.00 18.68  ? 150 ARG A CA  1 
ATOM   703  C C   . ARG A 1 114 ? 4.939   -7.817  10.904  1.00 19.24  ? 150 ARG A C   1 
ATOM   704  O O   . ARG A 1 114 ? 4.209   -7.048  11.537  1.00 19.58  ? 150 ARG A O   1 
ATOM   705  C CB  . ARG A 1 114 ? 5.852   -6.705  8.838   1.00 18.14  ? 150 ARG A CB  1 
ATOM   706  C CG  . ARG A 1 114 ? 7.313   -6.809  9.200   1.00 18.24  ? 150 ARG A CG  1 
ATOM   707  C CD  . ARG A 1 114 ? 8.151   -5.675  8.587   1.00 17.48  ? 150 ARG A CD  1 
ATOM   708  N NE  . ARG A 1 114 ? 7.599   -4.338  8.828   1.00 16.84  ? 150 ARG A NE  1 
ATOM   709  C CZ  . ARG A 1 114 ? 7.999   -3.511  9.789   1.00 19.68  ? 150 ARG A CZ  1 
ATOM   710  N NH1 . ARG A 1 114 ? 8.979   -3.858  10.622  1.00 18.85  ? 150 ARG A NH1 1 
ATOM   711  N NH2 . ARG A 1 114 ? 7.428   -2.320  9.906   1.00 19.40  ? 150 ARG A NH2 1 
ATOM   712  N N   . ASN A 1 115 ? 5.770   -8.667  11.484  1.00 20.34  ? 151 ASN A N   1 
ATOM   713  C CA  . ASN A 1 115 ? 6.040   -8.611  12.924  1.00 22.28  ? 151 ASN A CA  1 
ATOM   714  C C   . ASN A 1 115 ? 7.345   -7.866  13.067  1.00 22.14  ? 151 ASN A C   1 
ATOM   715  O O   . ASN A 1 115 ? 8.383   -8.386  12.682  1.00 22.10  ? 151 ASN A O   1 
ATOM   716  C CB  . ASN A 1 115 ? 6.169   -10.016 13.485  1.00 22.35  ? 151 ASN A CB  1 
ATOM   717  C CG  . ASN A 1 115 ? 6.311   -10.035 14.999  1.00 25.62  ? 151 ASN A CG  1 
ATOM   718  O OD1 . ASN A 1 115 ? 6.624   -9.022  15.632  1.00 27.17  ? 151 ASN A OD1 1 
ATOM   719  N ND2 . ASN A 1 115 ? 6.083   -11.208 15.586  1.00 27.15  ? 151 ASN A ND2 1 
ATOM   720  N N   . PRO A 1 116 ? 7.295   -6.624  13.560  1.00 23.40  ? 152 PRO A N   1 
ATOM   721  C CA  . PRO A 1 116 ? 8.499   -5.807  13.552  1.00 25.08  ? 152 PRO A CA  1 
ATOM   722  C C   . PRO A 1 116 ? 9.581   -6.329  14.480  1.00 27.07  ? 152 PRO A C   1 
ATOM   723  O O   . PRO A 1 116 ? 10.730  -5.895  14.374  1.00 28.03  ? 152 PRO A O   1 
ATOM   724  C CB  . PRO A 1 116 ? 8.013   -4.436  14.013  1.00 24.60  ? 152 PRO A CB  1 
ATOM   725  C CG  . PRO A 1 116 ? 6.550   -4.471  13.897  1.00 24.49  ? 152 PRO A CG  1 
ATOM   726  C CD  . PRO A 1 116 ? 6.152   -5.895  14.122  1.00 23.49  ? 152 PRO A CD  1 
ATOM   727  N N   . ASN A 1 117 ? 9.207   -7.257  15.358  1.00 28.62  ? 153 ASN A N   1 
ATOM   728  C CA  . ASN A 1 117 ? 10.163  -7.943  16.215  1.00 30.86  ? 153 ASN A CA  1 
ATOM   729  C C   . ASN A 1 117 ? 11.017  -8.904  15.399  1.00 30.86  ? 153 ASN A C   1 
ATOM   730  O O   . ASN A 1 117 ? 12.100  -9.305  15.840  1.00 31.73  ? 153 ASN A O   1 
ATOM   731  C CB  . ASN A 1 117 ? 9.444   -8.695  17.355  1.00 31.44  ? 153 ASN A CB  1 
ATOM   732  C CG  . ASN A 1 117 ? 8.628   -7.763  18.253  1.00 33.64  ? 153 ASN A CG  1 
ATOM   733  O OD1 . ASN A 1 117 ? 9.173   -6.836  18.865  1.00 35.55  ? 153 ASN A OD1 1 
ATOM   734  N ND2 . ASN A 1 117 ? 7.314   -8.008  18.334  1.00 34.54  ? 153 ASN A ND2 1 
ATOM   735  N N   . ASN A 1 118 ? 10.551  -9.261  14.205  1.00 30.29  ? 154 ASN A N   1 
ATOM   736  C CA  . ASN A 1 118 ? 11.237  -10.288 13.433  1.00 29.94  ? 154 ASN A CA  1 
ATOM   737  C C   . ASN A 1 118 ? 11.869  -9.794  12.142  1.00 29.48  ? 154 ASN A C   1 
ATOM   738  O O   . ASN A 1 118 ? 12.892  -10.348 11.697  1.00 30.04  ? 154 ASN A O   1 
ATOM   739  C CB  . ASN A 1 118 ? 10.288  -11.454 13.139  1.00 31.07  ? 154 ASN A CB  1 
ATOM   740  C CG  . ASN A 1 118 ? 9.760   -12.120 14.408  1.00 32.97  ? 154 ASN A CG  1 
ATOM   741  O OD1 . ASN A 1 118 ? 10.430  -12.156 15.443  1.00 35.86  ? 154 ASN A OD1 1 
ATOM   742  N ND2 . ASN A 1 118 ? 8.548   -12.663 14.322  1.00 36.29  ? 154 ASN A ND2 1 
ATOM   743  N N   . ASN A 1 119 ? 11.248  -8.779  11.537  1.00 27.26  ? 155 ASN A N   1 
ATOM   744  C CA  . ASN A 1 119 ? 11.688  -8.216  10.267  1.00 25.68  ? 155 ASN A CA  1 
ATOM   745  C C   . ASN A 1 119 ? 11.603  -6.707  10.332  1.00 23.27  ? 155 ASN A C   1 
ATOM   746  O O   . ASN A 1 119 ? 10.605  -6.157  10.796  1.00 22.12  ? 155 ASN A O   1 
ATOM   747  C CB  . ASN A 1 119 ? 10.794  -8.700  9.129   1.00 26.40  ? 155 ASN A CB  1 
ATOM   748  C CG  . ASN A 1 119 ? 10.864  -10.194 8.923   1.00 29.16  ? 155 ASN A CG  1 
ATOM   749  O OD1 . ASN A 1 119 ? 11.737  -10.702 8.218   1.00 32.51  ? 155 ASN A OD1 1 
ATOM   750  N ND2 . ASN A 1 119 ? 9.939   -10.911 9.535   1.00 31.52  ? 155 ASN A ND2 1 
ATOM   751  N N   . ALA A 1 120 ? 12.677  -6.057  9.887   1.00 21.43  ? 156 ALA A N   1 
ATOM   752  C CA  . ALA A 1 120 ? 12.700  -4.623  9.607   1.00 19.85  ? 156 ALA A CA  1 
ATOM   753  C C   . ALA A 1 120 ? 11.786  -4.345  8.408   1.00 18.99  ? 156 ALA A C   1 
ATOM   754  O O   . ALA A 1 120 ? 11.629  -5.223  7.552   1.00 17.89  ? 156 ALA A O   1 
ATOM   755  C CB  . ALA A 1 120 ? 14.112  -4.218  9.256   1.00 20.28  ? 156 ALA A CB  1 
ATOM   756  N N   . ALA A 1 121 ? 11.228  -3.141  8.324   1.00 17.26  ? 157 ALA A N   1 
ATOM   757  C CA  . ALA A 1 121 ? 10.454  -2.746  7.122   1.00 17.69  ? 157 ALA A CA  1 
ATOM   758  C C   . ALA A 1 121 ? 11.303  -2.800  5.840   1.00 18.47  ? 157 ALA A C   1 
ATOM   759  O O   . ALA A 1 121 ? 12.482  -2.462  5.840   1.00 18.70  ? 157 ALA A O   1 
ATOM   760  C CB  . ALA A 1 121 ? 9.860   -1.378  7.303   1.00 16.82  ? 157 ALA A CB  1 
ATOM   761  N N   . THR A 1 122 ? 10.687  -3.253  4.755   1.00 17.91  ? 158 THR A N   1 
ATOM   762  C CA  . THR A 1 122 ? 11.289  -3.222  3.413   1.00 18.45  ? 158 THR A CA  1 
ATOM   763  C C   . THR A 1 122 ? 11.177  -1.786  2.945   1.00 16.94  ? 158 THR A C   1 
ATOM   764  O O   . THR A 1 122 ? 10.107  -1.208  3.022   1.00 16.60  ? 158 THR A O   1 
ATOM   765  C CB  . THR A 1 122 ? 10.443  -4.170  2.484   1.00 18.09  ? 158 THR A CB  1 
ATOM   766  O OG1 . THR A 1 122 ? 10.511  -5.506  2.992   1.00 21.81  ? 158 THR A OG1 1 
ATOM   767  C CG2 . THR A 1 122 ? 10.866  -4.145  1.032   1.00 17.43  ? 158 THR A CG2 1 
ATOM   768  N N   . VAL A 1 123 ? 12.262  -1.203  2.433   1.00 16.55  ? 159 VAL A N   1 
ATOM   769  C CA  . VAL A 1 123 ? 12.177  0.133   1.871   1.00 16.09  ? 159 VAL A CA  1 
ATOM   770  C C   . VAL A 1 123 ? 11.174  0.100   0.699   1.00 17.00  ? 159 VAL A C   1 
ATOM   771  O O   . VAL A 1 123 ? 11.299  -0.730  -0.204  1.00 17.71  ? 159 VAL A O   1 
ATOM   772  C CB  . VAL A 1 123 ? 13.563  0.636   1.385   1.00 17.48  ? 159 VAL A CB  1 
ATOM   773  C CG1 . VAL A 1 123 ? 13.417  1.911   0.579   1.00 15.76  ? 159 VAL A CG1 1 
ATOM   774  C CG2 . VAL A 1 123 ? 14.516  0.842   2.594   1.00 15.59  ? 159 VAL A CG2 1 
ATOM   775  N N   . LEU A 1 124 ? 10.198  1.002   0.727   1.00 16.56  ? 160 LEU A N   1 
ATOM   776  C CA  . LEU A 1 124 ? 9.153   1.022   -0.282  1.00 16.60  ? 160 LEU A CA  1 
ATOM   777  C C   . LEU A 1 124 ? 9.781   1.476   -1.589  1.00 17.01  ? 160 LEU A C   1 
ATOM   778  O O   . LEU A 1 124 ? 10.392  2.563   -1.653  1.00 14.28  ? 160 LEU A O   1 
ATOM   779  C CB  . LEU A 1 124 ? 8.041   1.971   0.126   1.00 17.14  ? 160 LEU A CB  1 
ATOM   780  C CG  . LEU A 1 124 ? 6.681   1.757   -0.572  1.00 20.20  ? 160 LEU A CG  1 
ATOM   781  C CD1 . LEU A 1 124 ? 5.571   2.385   0.223   1.00 16.67  ? 160 LEU A CD1 1 
ATOM   782  C CD2 . LEU A 1 124 ? 6.691   2.375   -1.978  1.00 21.66  ? 160 LEU A CD2 1 
ATOM   783  N N   . GLN A 1 125 ? 9.644   0.621   -2.595  1.00 15.59  ? 161 GLN A N   1 
ATOM   784  C CA  . GLN A 1 125 ? 10.085  0.894   -3.977  1.00 16.77  ? 161 GLN A CA  1 
ATOM   785  C C   . GLN A 1 125 ? 8.921   0.852   -4.942  1.00 16.13  ? 161 GLN A C   1 
ATOM   786  O O   . GLN A 1 125 ? 8.012   0.006   -4.821  1.00 15.04  ? 161 GLN A O   1 
ATOM   787  C CB  . GLN A 1 125 ? 11.138  -0.127  -4.436  1.00 16.03  ? 161 GLN A CB  1 
ATOM   788  C CG  . GLN A 1 125 ? 12.415  -0.116  -3.589  1.00 17.96  ? 161 GLN A CG  1 
ATOM   789  C CD  . GLN A 1 125 ? 13.460  -1.052  -4.184  1.00 18.39  ? 161 GLN A CD  1 
ATOM   790  O OE1 . GLN A 1 125 ? 13.981  -1.941  -3.512  1.00 22.03  ? 161 GLN A OE1 1 
ATOM   791  N NE2 . GLN A 1 125 ? 13.714  -0.887  -5.483  1.00 18.20  ? 161 GLN A NE2 1 
ATOM   792  N N   . LEU A 1 126 ? 8.942   1.787   -5.896  1.00 14.85  ? 162 LEU A N   1 
ATOM   793  C CA  . LEU A 1 126 ? 7.914   1.856   -6.953  1.00 15.52  ? 162 LEU A CA  1 
ATOM   794  C C   . LEU A 1 126 ? 8.601   1.840   -8.312  1.00 16.64  ? 162 LEU A C   1 
ATOM   795  O O   . LEU A 1 126 ? 9.749   2.306   -8.402  1.00 17.16  ? 162 LEU A O   1 
ATOM   796  C CB  . LEU A 1 126 ? 7.088   3.132   -6.813  1.00 15.34  ? 162 LEU A CB  1 
ATOM   797  C CG  . LEU A 1 126 ? 6.131   3.253   -5.614  1.00 16.76  ? 162 LEU A CG  1 
ATOM   798  C CD1 . LEU A 1 126 ? 5.577   4.684   -5.594  1.00 18.03  ? 162 LEU A CD1 1 
ATOM   799  C CD2 . LEU A 1 126 ? 5.058   2.222   -5.737  1.00 18.47  ? 162 LEU A CD2 1 
ATOM   800  N N   . PRO A 1 127 ? 7.959   1.284   -9.358  1.00 16.16  ? 163 PRO A N   1 
ATOM   801  C CA  . PRO A 1 127 ? 8.587   1.313   -10.701 1.00 15.78  ? 163 PRO A CA  1 
ATOM   802  C C   . PRO A 1 127 ? 9.032   2.699   -11.064 1.00 15.29  ? 163 PRO A C   1 
ATOM   803  O O   . PRO A 1 127 ? 8.360   3.674   -10.710 1.00 15.26  ? 163 PRO A O   1 
ATOM   804  C CB  . PRO A 1 127 ? 7.417   0.886   -11.624 1.00 17.13  ? 163 PRO A CB  1 
ATOM   805  C CG  . PRO A 1 127 ? 6.596   -0.041  -10.709 1.00 18.33  ? 163 PRO A CG  1 
ATOM   806  C CD  . PRO A 1 127 ? 6.673   0.551   -9.357  1.00 16.92  ? 163 PRO A CD  1 
ATOM   807  N N   . GLN A 1 128 ? 10.185  2.823   -11.727 1.00 15.78  ? 164 GLN A N   1 
ATOM   808  C CA  . GLN A 1 128 ? 10.645  4.140   -12.118 1.00 15.05  ? 164 GLN A CA  1 
ATOM   809  C C   . GLN A 1 128 ? 9.617   4.778   -13.056 1.00 15.75  ? 164 GLN A C   1 
ATOM   810  O O   . GLN A 1 128 ? 9.084   4.107   -13.954 1.00 16.85  ? 164 GLN A O   1 
ATOM   811  C CB  . GLN A 1 128 ? 11.976  4.019   -12.848 1.00 16.06  ? 164 GLN A CB  1 
ATOM   812  C CG  . GLN A 1 128 ? 12.759  5.296   -12.847 1.00 16.61  ? 164 GLN A CG  1 
ATOM   813  C CD  . GLN A 1 128 ? 14.035  5.149   -13.614 1.00 17.49  ? 164 GLN A CD  1 
ATOM   814  O OE1 . GLN A 1 128 ? 14.261  5.851   -14.605 1.00 19.00  ? 164 GLN A OE1 1 
ATOM   815  N NE2 . GLN A 1 128 ? 14.865  4.223   -13.196 1.00 15.89  ? 164 GLN A NE2 1 
ATOM   816  N N   . GLY A 1 129 ? 9.360   6.055   -12.845 1.00 15.97  ? 165 GLY A N   1 
ATOM   817  C CA  . GLY A 1 129 ? 8.384   6.808   -13.643 1.00 17.39  ? 165 GLY A CA  1 
ATOM   818  C C   . GLY A 1 129 ? 6.960   6.741   -13.099 1.00 18.44  ? 165 GLY A C   1 
ATOM   819  O O   . GLY A 1 129 ? 6.033   7.279   -13.721 1.00 18.74  ? 165 GLY A O   1 
ATOM   820  N N   . THR A 1 130 ? 6.776   6.086   -11.944 1.00 17.26  ? 166 THR A N   1 
ATOM   821  C CA  . THR A 1 130 ? 5.478   6.085   -11.277 1.00 16.96  ? 166 THR A CA  1 
ATOM   822  C C   . THR A 1 130 ? 5.082   7.535   -10.958 1.00 18.17  ? 166 THR A C   1 
ATOM   823  O O   . THR A 1 130 ? 5.894   8.320   -10.456 1.00 17.26  ? 166 THR A O   1 
ATOM   824  C CB  . THR A 1 130 ? 5.462   5.191   -9.983  1.00 16.49  ? 166 THR A CB  1 
ATOM   825  O OG1 . THR A 1 130 ? 5.630   3.798   -10.346 1.00 15.91  ? 166 THR A OG1 1 
ATOM   826  C CG2 . THR A 1 130 ? 4.128   5.373   -9.180  1.00 17.72  ? 166 THR A CG2 1 
ATOM   827  N N   . THR A 1 131 ? 3.844   7.879   -11.274 1.00 17.97  ? 167 THR A N   1 
ATOM   828  C CA  . THR A 1 131 ? 3.317   9.213   -10.988 1.00 21.11  ? 167 THR A CA  1 
ATOM   829  C C   . THR A 1 131 ? 3.034   9.330   -9.506  1.00 21.50  ? 167 THR A C   1 
ATOM   830  O O   . THR A 1 131 ? 2.243   8.546   -8.951  1.00 21.88  ? 167 THR A O   1 
ATOM   831  C CB  . THR A 1 131 ? 1.985   9.434   -11.732 1.00 20.85  ? 167 THR A CB  1 
ATOM   832  O OG1 . THR A 1 131 ? 2.181   9.271   -13.135 1.00 22.70  ? 167 THR A OG1 1 
ATOM   833  C CG2 . THR A 1 131 ? 1.337   10.829  -11.424 1.00 22.44  ? 167 THR A CG2 1 
ATOM   834  N N   . LEU A 1 132 ? 3.637   10.334  -8.880  1.00 22.37  ? 168 LEU A N   1 
ATOM   835  C CA  . LEU A 1 132 ? 3.412   10.632  -7.485  1.00 23.18  ? 168 LEU A CA  1 
ATOM   836  C C   . LEU A 1 132 ? 2.810   12.043  -7.362  1.00 25.14  ? 168 LEU A C   1 
ATOM   837  O O   . LEU A 1 132 ? 3.121   12.892  -8.183  1.00 25.17  ? 168 LEU A O   1 
ATOM   838  C CB  . LEU A 1 132 ? 4.741   10.543  -6.753  1.00 23.45  ? 168 LEU A CB  1 
ATOM   839  C CG  . LEU A 1 132 ? 5.302   9.152   -6.367  1.00 24.75  ? 168 LEU A CG  1 
ATOM   840  C CD1 . LEU A 1 132 ? 6.643   9.334   -5.720  1.00 26.40  ? 168 LEU A CD1 1 
ATOM   841  C CD2 . LEU A 1 132 ? 4.370   8.470   -5.386  1.00 25.65  ? 168 LEU A CD2 1 
ATOM   842  N N   . PRO A 1 133 ? 1.938   12.289  -6.352  1.00 26.64  ? 169 PRO A N   1 
ATOM   843  C CA  . PRO A 1 133 ? 1.400   13.661  -6.237  1.00 27.46  ? 169 PRO A CA  1 
ATOM   844  C C   . PRO A 1 133 ? 2.503   14.591  -5.709  1.00 28.93  ? 169 PRO A C   1 
ATOM   845  O O   . PRO A 1 133 ? 3.529   14.109  -5.201  1.00 28.52  ? 169 PRO A O   1 
ATOM   846  C CB  . PRO A 1 133 ? 0.267   13.534  -5.210  1.00 28.34  ? 169 PRO A CB  1 
ATOM   847  C CG  . PRO A 1 133 ? 0.084   12.021  -4.954  1.00 27.38  ? 169 PRO A CG  1 
ATOM   848  C CD  . PRO A 1 133 ? 1.444   11.407  -5.275  1.00 26.59  ? 169 PRO A CD  1 
ATOM   849  N N   . LYS A 1 134 ? 2.313   15.909  -5.854  1.00 29.46  ? 170 LYS A N   1 
ATOM   850  C CA  . LYS A 1 134 ? 3.269   16.876  -5.305  1.00 29.68  ? 170 LYS A CA  1 
ATOM   851  C C   . LYS A 1 134 ? 3.537   16.650  -3.823  1.00 28.49  ? 170 LYS A C   1 
ATOM   852  O O   . LYS A 1 134 ? 2.603   16.450  -3.029  1.00 29.69  ? 170 LYS A O   1 
ATOM   853  C CB  . LYS A 1 134 ? 2.809   18.324  -5.573  1.00 29.76  ? 170 LYS A CB  1 
ATOM   854  C CG  . LYS A 1 134 ? 3.494   18.970  -6.767  1.00 31.89  ? 170 LYS A CG  1 
ATOM   855  C CD  . LYS A 1 134 ? 3.163   20.488  -6.875  1.00 32.55  ? 170 LYS A CD  1 
ATOM   856  C CE  . LYS A 1 134 ? 2.033   20.787  -7.907  1.00 38.02  ? 170 LYS A CE  1 
ATOM   857  N NZ  . LYS A 1 134 ? 0.688   20.164  -7.589  1.00 39.53  ? 170 LYS A NZ  1 
ATOM   858  N N   . GLY A 1 135 ? 4.808   16.659  -3.445  1.00 27.40  ? 171 GLY A N   1 
ATOM   859  C CA  . GLY A 1 135 ? 5.158   16.481  -2.043  1.00 26.45  ? 171 GLY A CA  1 
ATOM   860  C C   . GLY A 1 135 ? 5.391   15.035  -1.625  1.00 26.19  ? 171 GLY A C   1 
ATOM   861  O O   . GLY A 1 135 ? 5.723   14.758  -0.470  1.00 26.31  ? 171 GLY A O   1 
ATOM   862  N N   . PHE A 1 136 ? 5.242   14.117  -2.572  1.00 25.77  ? 172 PHE A N   1 
ATOM   863  C CA  . PHE A 1 136 ? 5.627   12.723  -2.343  1.00 25.14  ? 172 PHE A CA  1 
ATOM   864  C C   . PHE A 1 136 ? 6.884   12.360  -3.151  1.00 25.48  ? 172 PHE A C   1 
ATOM   865  O O   . PHE A 1 136 ? 7.010   12.785  -4.302  1.00 24.64  ? 172 PHE A O   1 
ATOM   866  C CB  . PHE A 1 136 ? 4.467   11.817  -2.739  1.00 23.80  ? 172 PHE A CB  1 
ATOM   867  C CG  . PHE A 1 136 ? 3.322   11.845  -1.768  1.00 22.51  ? 172 PHE A CG  1 
ATOM   868  C CD1 . PHE A 1 136 ? 3.345   11.046  -0.621  1.00 21.56  ? 172 PHE A CD1 1 
ATOM   869  C CD2 . PHE A 1 136 ? 2.226   12.671  -1.999  1.00 23.20  ? 172 PHE A CD2 1 
ATOM   870  C CE1 . PHE A 1 136 ? 2.269   11.059  0.282   1.00 23.03  ? 172 PHE A CE1 1 
ATOM   871  C CE2 . PHE A 1 136 ? 1.137   12.690  -1.090  1.00 23.31  ? 172 PHE A CE2 1 
ATOM   872  C CZ  . PHE A 1 136 ? 1.173   11.880  0.039   1.00 22.78  ? 172 PHE A CZ  1 
ATOM   873  N N   . TYR A 1 137 ? 7.764   11.551  -2.553  1.00 26.15  ? 173 TYR A N   1 
ATOM   874  C CA  . TYR A 1 137 ? 8.988   11.056  -3.182  1.00 28.51  ? 173 TYR A CA  1 
ATOM   875  C C   . TYR A 1 137 ? 9.135   9.562   -2.887  1.00 30.58  ? 173 TYR A C   1 
ATOM   876  O O   . TYR A 1 137 ? 8.817   9.127   -1.785  1.00 30.67  ? 173 TYR A O   1 
ATOM   877  C CB  . TYR A 1 137 ? 10.200  11.808  -2.611  1.00 28.58  ? 173 TYR A CB  1 
ATOM   878  C CG  . TYR A 1 137 ? 9.968   13.299  -2.625  1.00 29.50  ? 173 TYR A CG  1 
ATOM   879  C CD1 . TYR A 1 137 ? 10.158  14.038  -3.793  1.00 29.75  ? 173 TYR A CD1 1 
ATOM   880  C CD2 . TYR A 1 137 ? 9.472   13.957  -1.501  1.00 29.86  ? 173 TYR A CD2 1 
ATOM   881  C CE1 . TYR A 1 137 ? 9.908   15.417  -3.824  1.00 29.56  ? 173 TYR A CE1 1 
ATOM   882  C CE2 . TYR A 1 137 ? 9.225   15.343  -1.527  1.00 30.23  ? 173 TYR A CE2 1 
ATOM   883  C CZ  . TYR A 1 137 ? 9.441   16.053  -2.701  1.00 29.96  ? 173 TYR A CZ  1 
ATOM   884  O OH  . TYR A 1 137 ? 9.185   17.410  -2.762  1.00 30.15  ? 173 TYR A OH  1 
ATOM   885  N N   . ALA A 1 138 ? 9.604   8.783   -3.858  1.00 32.63  ? 174 ALA A N   1 
ATOM   886  C CA  . ALA A 1 138 ? 9.818   7.344   -3.632  1.00 35.16  ? 174 ALA A CA  1 
ATOM   887  C C   . ALA A 1 138 ? 10.979  6.793   -4.433  1.00 36.94  ? 174 ALA A C   1 
ATOM   888  O O   . ALA A 1 138 ? 11.217  7.232   -5.561  1.00 37.74  ? 174 ALA A O   1 
ATOM   889  C CB  . ALA A 1 138 ? 8.538   6.543   -3.947  1.00 35.57  ? 174 ALA A CB  1 
HETATM 890  O O   . HOH B 2 .   ? 6.115   -9.291  -7.719  1.00 28.12  ? 175 HOH A O   1 
HETATM 891  O O   . HOH B 2 .   ? 0.490   -14.692 -8.257  1.00 31.55  ? 176 HOH A O   1 
HETATM 892  O O   . HOH B 2 .   ? 5.882   -6.597  -6.935  1.00 26.29  ? 177 HOH A O   1 
HETATM 893  O O   . HOH B 2 .   ? 0.894   -0.876  -9.185  1.00 25.78  ? 178 HOH A O   1 
HETATM 894  O O   . HOH B 2 .   ? 3.442   2.192   -9.793  1.00 27.18  ? 179 HOH A O   1 
HETATM 895  O O   . HOH B 2 .   ? 4.119   1.104   3.732   1.00 30.53  ? 180 HOH A O   1 
HETATM 896  O O   . HOH B 2 .   ? 2.031   -4.546  4.232   1.00 30.88  ? 181 HOH A O   1 
HETATM 897  O O   . HOH B 2 .   ? -8.705  -4.914  2.594   1.00 28.87  ? 182 HOH A O   1 
HETATM 898  O O   . HOH B 2 .   ? 0.022   -6.351  4.534   1.00 27.35  ? 183 HOH A O   1 
HETATM 899  O O   . HOH B 2 .   ? -3.299  -13.533 -4.410  1.00 27.80  ? 184 HOH A O   1 
HETATM 900  O O   . HOH B 2 .   ? -12.083 -6.853  -2.070  1.00 31.60  ? 185 HOH A O   1 
HETATM 901  O O   . HOH B 2 .   ? -0.178  -8.108  -11.177 1.00 29.31  ? 186 HOH A O   1 
HETATM 902  O O   . HOH B 2 .   ? 3.587   -5.943  -3.917  1.00 27.08  ? 187 HOH A O   1 
HETATM 903  O O   . HOH B 2 .   ? -12.478 -6.138  -6.584  1.00 32.45  ? 188 HOH A O   1 
HETATM 904  O O   . HOH B 2 .   ? 2.010   16.162  -0.531  1.00 42.50  ? 189 HOH A O   1 
HETATM 905  O O   . HOH B 2 .   ? 8.939   -2.097  -2.041  1.00 30.61  ? 190 HOH A O   1 
HETATM 906  O O   . HOH B 2 .   ? 1.679   0.577   -13.582 1.00 35.25  ? 191 HOH A O   1 
HETATM 907  O O   . HOH B 2 .   ? -3.733  1.588   -8.845  1.00 29.63  ? 192 HOH A O   1 
HETATM 908  O O   . HOH B 2 .   ? 15.408  -2.376  -7.260  1.00 33.33  ? 193 HOH A O   1 
HETATM 909  O O   . HOH B 2 .   ? -3.570  -8.897  8.839   1.00 38.22  ? 194 HOH A O   1 
HETATM 910  O O   . HOH B 2 .   ? 4.077   -6.230  -10.633 1.00 31.50  ? 195 HOH A O   1 
HETATM 911  O O   . HOH B 2 .   ? -1.641  3.252   8.694   1.00 46.63  ? 196 HOH A O   1 
HETATM 912  O O   . HOH B 2 .   ? 14.706  -2.660  2.552   1.00 38.45  ? 197 HOH A O   1 
HETATM 913  O O   . HOH B 2 .   ? 4.390   -13.389 4.857   1.00 49.15  ? 198 HOH A O   1 
HETATM 914  O O   . HOH B 2 .   ? 2.902   -4.615  -8.747  1.00 27.07  ? 199 HOH A O   1 
HETATM 915  O O   . HOH B 2 .   ? -3.307  13.807  4.609   1.00 47.71  ? 200 HOH A O   1 
HETATM 916  O O   . HOH B 2 .   ? -0.149  -11.568 9.294   1.00 44.73  ? 201 HOH A O   1 
HETATM 917  O O   . HOH B 2 .   ? -8.768  5.177   -3.570  1.00 34.91  ? 202 HOH A O   1 
HETATM 918  O O   . HOH B 2 .   ? 11.868  0.710   -12.551 1.00 35.57  ? 203 HOH A O   1 
HETATM 919  O O   . HOH B 2 .   ? 7.451   11.243  0.349   1.00 46.97  ? 204 HOH A O   1 
HETATM 920  O O   . HOH B 2 .   ? -11.206 -4.471  9.039   1.00 39.39  ? 205 HOH A O   1 
HETATM 921  O O   . HOH B 2 .   ? 6.221   -0.043  8.332   1.00 32.67  ? 206 HOH A O   1 
HETATM 922  O O   . HOH B 2 .   ? -9.929  -12.757 -8.259  1.00 45.51  ? 207 HOH A O   1 
HETATM 923  O O   . HOH B 2 .   ? 0.013   9.817   -8.164  1.00 35.81  ? 208 HOH A O   1 
HETATM 924  O O   . HOH B 2 .   ? 13.202  -2.612  -0.951  1.00 37.02  ? 209 HOH A O   1 
HETATM 925  O O   . HOH B 2 .   ? -15.041 -8.030  -3.130  1.00 35.70  ? 210 HOH A O   1 
HETATM 926  O O   . HOH B 2 .   ? 8.801   1.594   -15.078 1.00 39.49  ? 211 HOH A O   1 
HETATM 927  O O   . HOH B 2 .   ? 9.583   -2.504  -11.365 1.00 38.56  ? 212 HOH A O   1 
HETATM 928  O O   . HOH B 2 .   ? 6.905   -3.550  -10.325 1.00 37.63  ? 213 HOH A O   1 
HETATM 929  O O   . HOH B 2 .   ? 4.300   -9.968  -9.520  1.00 38.02  ? 214 HOH A O   1 
HETATM 930  O O   . HOH B 2 .   ? -4.855  4.076   -15.399 1.00 41.32  ? 215 HOH A O   1 
HETATM 931  O O   . HOH B 2 .   ? 7.533   -10.711 10.123  1.00 39.32  ? 216 HOH A O   1 
HETATM 932  O O   . HOH B 2 .   ? -10.020 -6.338  10.554  1.00 43.74  ? 217 HOH A O   1 
HETATM 933  O O   . HOH B 2 .   ? 8.581   4.451   7.390   1.00 40.79  ? 218 HOH A O   1 
HETATM 934  O O   . HOH B 2 .   ? 6.279   -9.547  2.137   1.00 42.71  ? 219 HOH A O   1 
HETATM 935  O O   . HOH B 2 .   ? 8.488   8.911   1.738   1.00 44.38  ? 220 HOH A O   1 
HETATM 936  O O   . HOH B 2 .   ? 4.690   -2.533  -8.588  1.00 41.76  ? 221 HOH A O   1 
HETATM 937  O O   . HOH B 2 .   ? 10.697  4.808   -0.188  1.00 39.75  ? 222 HOH A O   1 
HETATM 938  O O   . HOH B 2 .   ? 12.755  -11.671 -3.576  1.00 49.41  ? 223 HOH A O   1 
HETATM 939  O O   . HOH B 2 .   ? -2.087  -14.733 0.004   1.00 48.77  ? 224 HOH A O   1 
HETATM 940  O O   . HOH B 2 .   ? 10.257  -6.603  5.585   1.00 46.31  ? 225 HOH A O   1 
HETATM 941  O O   . HOH B 2 .   ? 8.216   1.747   8.953   1.00 38.80  ? 226 HOH A O   1 
HETATM 942  O O   . HOH B 2 .   ? 9.782   5.526   -8.170  1.00 46.06  ? 227 HOH A O   1 
HETATM 943  O O   . HOH B 2 .   ? -0.165  -14.898 -1.728  1.00 44.73  ? 228 HOH A O   1 
HETATM 944  O O   . HOH B 2 .   ? -5.274  3.782   -7.710  1.00 44.91  ? 229 HOH A O   1 
HETATM 945  O O   . HOH B 2 .   ? 6.234   -12.398 -10.579 1.00 38.96  ? 230 HOH A O   1 
HETATM 946  O O   . HOH B 2 .   ? 3.761   0.001   9.811   1.00 41.96  ? 231 HOH A O   1 
HETATM 947  O O   . HOH B 2 .   ? -11.401 5.235   0.115   1.00 50.52  ? 232 HOH A O   1 
HETATM 948  O O   . HOH B 2 .   ? -0.289  -3.023  11.363  1.00 61.65  ? 233 HOH A O   1 
HETATM 949  O O   . HOH B 2 .   ? 6.269   9.176   -15.329 1.00 38.25  ? 234 HOH A O   1 
HETATM 950  O O   . HOH B 2 .   ? -17.932 2.866   1.893   1.00 39.37  ? 235 HOH A O   1 
HETATM 951  O O   . HOH B 2 .   ? 3.775   6.642   12.056  1.00 64.39  ? 236 HOH A O   1 
HETATM 952  O O   . HOH B 2 .   ? -4.294  -14.974 -1.887  1.00 43.74  ? 237 HOH A O   1 
HETATM 953  O O   . HOH B 2 .   ? -3.698  -15.966 -5.664  1.00 54.65  ? 238 HOH A O   1 
HETATM 954  O O   . HOH B 2 .   ? -10.668 11.715  2.592   1.00 86.72  ? 239 HOH A O   1 
HETATM 955  O O   . HOH B 2 .   ? 15.398  -7.560  8.833   1.00 55.41  ? 240 HOH A O   1 
HETATM 956  O O   . HOH B 2 .   ? 5.364   11.950  -10.706 1.00 51.40  ? 241 HOH A O   1 
HETATM 957  O O   . HOH B 2 .   ? -8.413  -10.422 9.213   1.00 47.05  ? 242 HOH A O   1 
HETATM 958  O O   . HOH B 2 .   ? -5.362  -1.914  -12.006 1.00 42.47  ? 243 HOH A O   1 
HETATM 959  O O   . HOH B 2 .   ? 14.725  1.509   -12.682 1.00 41.96  ? 244 HOH A O   1 
HETATM 960  O O   . HOH B 2 .   ? -6.821  -7.300  -12.184 1.00 52.31  ? 245 HOH A O   1 
HETATM 961  O O   . HOH B 2 .   ? 9.369   7.148   -0.205  1.00 48.33  ? 246 HOH A O   1 
HETATM 962  O O   . HOH B 2 .   ? -5.925  7.300   -5.992  1.00 49.61  ? 247 HOH A O   1 
HETATM 963  O O   . HOH B 2 .   ? -0.170  -16.790 -10.736 1.00 49.17  ? 248 HOH A O   1 
HETATM 964  O O   . HOH B 2 .   ? -11.261 5.332   -2.624  1.00 43.10  ? 249 HOH A O   1 
HETATM 965  O O   . HOH B 2 .   ? -13.200 4.185   -4.134  1.00 48.61  ? 250 HOH A O   1 
HETATM 966  O O   . HOH B 2 .   ? -2.562  8.416   14.077  1.00 86.73  ? 251 HOH A O   1 
HETATM 967  O O   . HOH B 2 .   ? 1.938   -16.341 -12.474 1.00 49.61  ? 252 HOH A O   1 
HETATM 968  O O   . HOH B 2 .   ? 0.628   -15.296 -5.656  1.00 54.28  ? 253 HOH A O   1 
HETATM 969  O O   . HOH B 2 .   ? 6.617   -11.086 -13.154 1.00 65.68  ? 254 HOH A O   1 
HETATM 970  O O   . HOH B 2 .   ? 9.087   15.402  6.916   1.00 72.08  ? 255 HOH A O   1 
HETATM 971  O O   . HOH B 2 .   ? -2.367  4.583   13.194  1.00 64.39  ? 256 HOH A O   1 
HETATM 972  O O   . HOH B 2 .   ? -7.514  -17.832 -9.642  1.00 56.70  ? 257 HOH A O   1 
HETATM 973  O O   . HOH B 2 .   ? 9.721   5.168   2.439   1.00 42.88  ? 258 HOH A O   1 
HETATM 974  O O   . HOH B 2 .   ? 6.253   14.564  -6.431  1.00 69.27  ? 259 HOH A O   1 
HETATM 975  O O   . HOH B 2 .   ? 1.964   -9.394  12.026  1.00 53.62  ? 260 HOH A O   1 
HETATM 976  O O   . HOH B 2 .   ? -11.130 -10.510 -0.892  1.00 56.84  ? 261 HOH A O   1 
HETATM 977  O O   . HOH B 2 .   ? -7.819  -4.271  -16.559 1.00 50.67  ? 262 HOH A O   1 
HETATM 978  O O   . HOH B 2 .   ? -8.986  -3.138  -13.687 0.33 46.58  ? 263 HOH A O   1 
HETATM 979  O O   . HOH B 2 .   ? 0.049   16.947  -7.367  1.00 57.67  ? 264 HOH A O   1 
HETATM 980  O O   . HOH B 2 .   ? 1.817   -19.072 3.233   1.00 52.57  ? 265 HOH A O   1 
HETATM 981  O O   . HOH B 2 .   ? -5.777  -17.207 0.536   1.00 51.51  ? 266 HOH A O   1 
HETATM 982  O O   . HOH B 2 .   ? -0.828  -22.755 -12.066 1.00 56.48  ? 267 HOH A O   1 
HETATM 983  O O   . HOH B 2 .   ? -1.148  -21.151 -10.459 1.00 55.20  ? 268 HOH A O   1 
HETATM 984  O O   . HOH B 2 .   ? 2.696   -21.062 -8.719  1.00 48.22  ? 269 HOH A O   1 
HETATM 985  O O   . HOH B 2 .   ? -6.370  6.865   8.216   1.00 47.57  ? 270 HOH A O   1 
HETATM 986  O O   . HOH B 2 .   ? 10.452  11.425  1.947   1.00 58.67  ? 271 HOH A O   1 
HETATM 987  O O   . HOH B 2 .   ? -15.623 6.348   -4.932  1.00 58.60  ? 272 HOH A O   1 
HETATM 988  O O   . HOH B 2 .   ? 3.610   -16.024 -6.177  1.00 56.34  ? 273 HOH A O   1 
HETATM 989  O O   . HOH B 2 .   ? -7.088  8.915   -7.921  1.00 57.94  ? 274 HOH A O   1 
HETATM 990  O O   . HOH B 2 .   ? -5.691  -10.104 -15.195 1.00 107.16 ? 275 HOH A O   1 
HETATM 991  O O   . HOH B 2 .   ? -6.234  10.949  -1.474  1.00 56.40  ? 276 HOH A O   1 
HETATM 992  O O   . HOH B 2 .   ? 16.231  2.393   -7.865  1.00 58.13  ? 277 HOH A O   1 
HETATM 993  O O   . HOH B 2 .   ? -3.352  14.334  -4.491  1.00 55.03  ? 278 HOH A O   1 
HETATM 994  O O   . HOH B 2 .   ? -2.451  -12.416 -12.102 1.00 46.75  ? 279 HOH A O   1 
HETATM 995  O O   . HOH B 2 .   ? -8.443  0.828   -8.534  1.00 55.86  ? 280 HOH A O   1 
HETATM 996  O O   . HOH B 2 .   ? 0.166   10.121  9.688   1.00 61.88  ? 281 HOH A O   1 
HETATM 997  O O   . HOH B 2 .   ? 8.073   7.601   -8.439  1.00 51.20  ? 282 HOH A O   1 
HETATM 998  O O   . HOH B 2 .   ? 1.393   -0.469  13.270  1.00 62.81  ? 283 HOH A O   1 
HETATM 999  O O   . HOH B 2 .   ? 6.793   -13.152 -8.530  1.00 49.99  ? 284 HOH A O   1 
HETATM 1000 O O   . HOH B 2 .   ? 3.926   -9.411  -13.427 1.00 61.60  ? 285 HOH A O   1 
HETATM 1001 O O   . HOH B 2 .   ? -15.329 7.169   5.715   1.00 63.54  ? 286 HOH A O   1 
HETATM 1002 O O   . HOH B 2 .   ? -9.135  -11.311 5.106   1.00 55.03  ? 287 HOH A O   1 
HETATM 1003 O O   . HOH B 2 .   ? 2.319   8.845   11.873  1.00 75.40  ? 288 HOH A O   1 
HETATM 1004 O O   . HOH B 2 .   ? -5.410  16.642  -2.161  1.00 59.63  ? 289 HOH A O   1 
HETATM 1005 O O   . HOH B 2 .   ? 14.705  0.967   -10.107 1.00 69.15  ? 290 HOH A O   1 
HETATM 1006 O O   . HOH B 2 .   ? -7.188  -6.527  11.076  1.00 55.65  ? 291 HOH A O   1 
HETATM 1007 O O   . HOH B 2 .   ? 8.760   -8.573  1.989   1.00 55.55  ? 292 HOH A O   1 
HETATM 1008 O O   . HOH B 2 .   ? -6.635  -19.788 0.118   1.00 79.63  ? 293 HOH A O   1 
HETATM 1009 O O   . HOH B 2 .   ? 2.326   4.709   12.811  1.00 63.77  ? 294 HOH A O   1 
HETATM 1010 O O   . HOH B 2 .   ? -2.439  -4.756  11.062  1.00 55.13  ? 295 HOH A O   1 
HETATM 1011 O O   . HOH B 2 .   ? -19.117 6.819   -0.391  1.00 59.22  ? 296 HOH A O   1 
HETATM 1012 O O   . HOH B 2 .   ? 2.791   -8.359  -11.204 1.00 43.99  ? 297 HOH A O   1 
HETATM 1013 O O   . HOH B 2 .   ? -9.593  4.704   -7.455  1.00 76.64  ? 298 HOH A O   1 
HETATM 1014 O O   . HOH B 2 .   ? 3.641   19.048  9.932   1.00 75.77  ? 299 HOH A O   1 
HETATM 1015 O O   . HOH B 2 .   ? 1.594   -20.771 -12.163 1.00 63.70  ? 300 HOH A O   1 
HETATM 1016 O O   . HOH B 2 .   ? 19.111  -1.931  6.744   1.00 86.19  ? 301 HOH A O   1 
HETATM 1017 O O   . HOH B 2 .   ? -2.460  14.573  -6.938  1.00 71.11  ? 302 HOH A O   1 
HETATM 1018 O O   . HOH B 2 .   ? -3.622  -25.957 -11.490 1.00 57.98  ? 303 HOH A O   1 
HETATM 1019 O O   . HOH B 2 .   ? 14.128  2.359   6.896   1.00 67.84  ? 304 HOH A O   1 
HETATM 1020 O O   . HOH B 2 .   ? 1.268   1.156   9.972   1.00 61.55  ? 305 HOH A O   1 
HETATM 1021 O O   . HOH B 2 .   ? -8.573  5.369   7.488   1.00 61.68  ? 306 HOH A O   1 
HETATM 1022 O O   . HOH B 2 .   ? -4.366  -11.377 11.592  1.00 69.53  ? 307 HOH A O   1 
HETATM 1023 O O   . HOH B 2 .   ? 17.392  -0.181  5.182   1.00 57.88  ? 308 HOH A O   1 
HETATM 1024 O O   . HOH B 2 .   ? 16.427  -7.105  11.926  1.00 68.03  ? 309 HOH A O   1 
HETATM 1025 O O   . HOH B 2 .   ? 13.559  -5.807  3.193   1.00 54.19  ? 310 HOH A O   1 
HETATM 1026 O O   . HOH B 2 .   ? -1.943  -9.197  10.896  1.00 51.57  ? 311 HOH A O   1 
HETATM 1027 O O   . HOH B 2 .   ? 16.185  2.537   5.351   1.00 60.55  ? 312 HOH A O   1 
HETATM 1028 O O   . HOH B 2 .   ? 2.096   17.700  4.295   1.00 56.73  ? 313 HOH A O   1 
HETATM 1029 O O   . HOH B 2 .   ? -3.400  -20.946 -9.580  1.00 67.44  ? 314 HOH A O   1 
HETATM 1030 O O   . HOH B 2 .   ? -15.019 5.325   8.180   1.00 54.11  ? 315 HOH A O   1 
HETATM 1031 O O   . HOH B 2 .   ? 10.410  -14.893 -1.585  1.00 63.00  ? 316 HOH A O   1 
HETATM 1032 O O   . HOH B 2 .   ? 8.964   18.362  4.398   1.00 81.23  ? 317 HOH A O   1 
HETATM 1033 O O   . HOH B 2 .   ? 7.504   12.311  -9.188  1.00 74.46  ? 318 HOH A O   1 
HETATM 1034 O O   . HOH B 2 .   ? 4.322   -15.952 -11.870 1.00 55.92  ? 319 HOH A O   1 
HETATM 1035 O O   . HOH B 2 .   ? 15.742  -4.763  13.173  1.00 70.40  ? 320 HOH A O   1 
HETATM 1036 O O   . HOH B 2 .   ? 21.764  10.154  12.546  1.00 60.05  ? 321 HOH A O   1 
HETATM 1037 O O   . HOH B 2 .   ? 1.086   -19.091 -14.232 1.00 57.08  ? 322 HOH A O   1 
HETATM 1038 O O   . HOH B 2 .   ? 5.183   -15.436 -9.269  1.00 56.64  ? 323 HOH A O   1 
HETATM 1039 O O   . HOH B 2 .   ? -7.879  -16.312 -11.410 1.00 52.48  ? 324 HOH A O   1 
HETATM 1040 O O   . HOH B 2 .   ? 1.900   21.935  -0.862  1.00 88.84  ? 325 HOH A O   1 
HETATM 1041 O O   . HOH B 2 .   ? 3.084   -17.807 1.149   1.00 66.59  ? 326 HOH A O   1 
HETATM 1042 O O   . HOH B 2 .   ? 5.394   -12.044 9.332   1.00 63.69  ? 327 HOH A O   1 
HETATM 1043 O O   . HOH B 2 .   ? 5.640   -15.350 -4.681  1.00 64.43  ? 328 HOH A O   1 
HETATM 1044 O O   . HOH B 2 .   ? -4.966  -11.727 6.474   1.00 63.26  ? 329 HOH A O   1 
HETATM 1045 O O   . HOH B 2 .   ? 14.802  -0.802  7.083   1.00 67.64  ? 330 HOH A O   1 
HETATM 1046 O O   . HOH B 2 .   ? -7.768  -18.023 -1.691  1.00 88.51  ? 331 HOH A O   1 
HETATM 1047 O O   . HOH B 2 .   ? 8.570   -13.608 11.106  1.00 75.82  ? 332 HOH A O   1 
HETATM 1048 O O   . HOH B 2 .   ? -5.249  -18.977 -10.410 1.00 70.67  ? 333 HOH A O   1 
HETATM 1049 O O   . HOH B 2 .   ? 18.436  -6.998  13.679  1.00 67.20  ? 334 HOH A O   1 
HETATM 1050 O O   . HOH B 2 .   ? 8.078   14.748  9.760   1.00 70.39  ? 335 HOH A O   1 
HETATM 1051 O O   . HOH B 2 .   ? -8.474  -17.413 -7.288  1.00 60.70  ? 336 HOH A O   1 
HETATM 1052 O O   . HOH B 2 .   ? 21.636  6.248   13.915  1.00 78.35  ? 337 HOH A O   1 
HETATM 1053 O O   . HOH B 2 .   ? 22.225  5.039   17.261  1.00 51.71  ? 338 HOH A O   1 
HETATM 1054 O O   . HOH B 2 .   ? 4.559   -13.259 14.399  1.00 79.01  ? 339 HOH A O   1 
HETATM 1055 O O   . HOH B 2 .   ? 10.558  -8.771  4.118   1.00 58.93  ? 340 HOH A O   1 
HETATM 1056 O O   . HOH B 2 .   ? 11.819  16.513  6.060   1.00 77.86  ? 341 HOH A O   1 
HETATM 1057 O O   . HOH B 2 .   ? -0.130  21.861  3.528   1.00 78.76  ? 342 HOH A O   1 
HETATM 1058 O O   . HOH B 2 .   ? -7.257  9.647   8.670   1.00 64.62  ? 343 HOH A O   1 
HETATM 1059 O O   . HOH B 2 .   ? 11.118  -2.919  12.659  1.00 74.28  ? 344 HOH A O   1 
HETATM 1060 O O   . HOH B 2 .   ? 22.056  12.140  17.559  1.00 49.69  ? 345 HOH A O   1 
HETATM 1061 O O   . HOH B 2 .   ? 22.616  14.375  14.882  1.00 66.77  ? 346 HOH A O   1 
HETATM 1062 O O   . HOH B 2 .   ? -5.417  13.681  -10.687 1.00 84.48  ? 347 HOH A O   1 
HETATM 1063 O O   . HOH B 2 .   ? -6.985  6.469   -9.229  1.00 57.81  ? 348 HOH A O   1 
HETATM 1064 O O   . HOH B 2 .   ? -8.805  11.028  -6.341  1.00 70.23  ? 349 HOH A O   1 
HETATM 1065 O O   . HOH B 2 .   ? 4.947   -13.844 -13.169 1.00 62.67  ? 350 HOH A O   1 
HETATM 1066 O O   . HOH B 2 .   ? 8.665   -0.861  14.707  1.00 65.08  ? 351 HOH A O   1 
HETATM 1067 O O   . HOH B 2 .   ? -0.921  -25.932 -16.099 1.00 49.39  ? 352 HOH A O   1 
HETATM 1068 O O   . HOH B 2 .   ? 24.029  10.819  18.529  1.00 63.36  ? 353 HOH A O   1 
HETATM 1069 O O   . HOH B 2 .   ? -5.794  8.816   -13.158 1.00 59.19  ? 354 HOH A O   1 
HETATM 1070 O O   . HOH B 2 .   ? 19.567  8.422   19.016  1.00 61.71  ? 355 HOH A O   1 
HETATM 1071 O O   . HOH B 2 .   ? 20.559  2.496   16.520  1.00 64.86  ? 356 HOH A O   1 
HETATM 1072 O O   . HOH B 2 .   ? 7.846   9.908   -10.821 1.00 66.91  ? 357 HOH A O   1 
HETATM 1073 O O   . HOH B 2 .   ? 6.097   12.336  9.506   1.00 70.68  ? 358 HOH A O   1 
HETATM 1074 O O   . HOH B 2 .   ? -7.606  3.110   -7.671  1.00 52.57  ? 359 HOH A O   1 
HETATM 1075 O O   . HOH B 2 .   ? -4.649  10.618  9.588   1.00 76.32  ? 360 HOH A O   1 
HETATM 1076 O O   . HOH B 2 .   ? 3.788   17.910  6.275   1.00 92.06  ? 361 HOH A O   1 
HETATM 1077 O O   . HOH B 2 .   ? 25.488  13.535  16.763  1.00 64.16  ? 362 HOH A O   1 
HETATM 1078 O O   . HOH B 2 .   ? 26.928  13.516  19.612  1.00 67.78  ? 363 HOH A O   1 
HETATM 1079 O O   . HOH B 2 .   ? -7.623  8.311   -3.983  1.00 69.79  ? 364 HOH A O   1 
HETATM 1080 O O   . HOH B 2 .   ? -2.604  -23.996 -15.084 0.33 61.64  ? 365 HOH A O   1 
HETATM 1081 O O   . HOH B 2 .   ? -3.012  13.464  9.601   1.00 69.71  ? 366 HOH A O   1 
HETATM 1082 O O   . HOH B 2 .   ? 15.647  12.770  17.376  1.00 59.77  ? 367 HOH A O   1 
HETATM 1083 O O   . HOH B 2 .   ? 24.944  16.231  19.561  1.00 64.22  ? 368 HOH A O   1 
HETATM 1084 O O   . HOH B 2 .   ? 18.113  6.856   15.030  1.00 67.25  ? 369 HOH A O   1 
HETATM 1085 O O   . HOH B 2 .   ? 2.949   -11.489 11.327  1.00 74.21  ? 370 HOH A O   1 
HETATM 1086 O O   . HOH B 2 .   ? 4.080   12.600  -12.966 1.00 67.82  ? 371 HOH A O   1 
HETATM 1087 O O   . HOH B 2 .   ? 13.931  -5.966  6.062   1.00 62.59  ? 372 HOH A O   1 
HETATM 1088 O O   . HOH B 2 .   ? -8.841  1.016   11.946  1.00 70.87  ? 373 HOH A O   1 
HETATM 1089 O O   . HOH B 2 .   ? -4.485  -21.426 0.340   1.00 81.82  ? 374 HOH A O   1 
HETATM 1090 O O   . HOH B 2 .   ? 0.765   -14.778 6.738   1.00 61.74  ? 375 HOH A O   1 
HETATM 1091 O O   . HOH B 2 .   ? -7.927  9.166   1.143   1.00 61.54  ? 376 HOH A O   1 
HETATM 1092 O O   . HOH B 2 .   ? 28.181  15.510  16.029  1.00 73.95  ? 377 HOH A O   1 
HETATM 1093 O O   . HOH B 2 .   ? 31.267  13.494  18.203  1.00 64.27  ? 378 HOH A O   1 
HETATM 1094 O O   . HOH B 2 .   ? 10.490  2.290   14.188  1.00 86.10  ? 379 HOH A O   1 
HETATM 1095 O O   . HOH B 2 .   ? -14.663 10.075  -2.165  1.00 80.21  ? 380 HOH A O   1 
HETATM 1096 O O   . HOH B 2 .   ? 15.726  -2.353  5.192   1.00 74.84  ? 381 HOH A O   1 
HETATM 1097 O O   . HOH B 2 .   ? 17.577  -11.012 7.962   1.00 84.11  ? 382 HOH A O   1 
HETATM 1098 O O   . HOH B 2 .   ? -12.945 -1.385  8.394   0.50 46.49  ? 383 HOH A O   1 
HETATM 1099 O O   . HOH B 2 .   ? 13.736  15.399  13.615  1.00 83.96  ? 384 HOH A O   1 
HETATM 1100 O O   . HOH B 2 .   ? 25.319  17.570  14.705  1.00 66.99  ? 385 HOH A O   1 
HETATM 1101 O O   . HOH B 2 .   ? 16.513  18.539  14.564  1.00 74.56  ? 386 HOH A O   1 
HETATM 1102 O O   . HOH B 2 .   ? 2.015   14.403  -10.424 1.00 73.57  ? 387 HOH A O   1 
HETATM 1103 O O   . HOH B 2 .   ? -1.444  11.672  -9.290  1.00 57.60  ? 388 HOH A O   1 
HETATM 1104 O O   . HOH B 2 .   ? 11.335  12.773  6.016   1.00 70.36  ? 389 HOH A O   1 
HETATM 1105 O O   . HOH B 2 .   ? 17.017  0.593   18.628  1.00 77.28  ? 390 HOH A O   1 
HETATM 1106 O O   . HOH B 2 .   ? 16.320  -9.345  10.573  1.00 71.94  ? 391 HOH A O   1 
HETATM 1107 O O   . HOH B 2 .   ? 5.625   11.141  11.965  1.00 71.50  ? 392 HOH A O   1 
HETATM 1108 O O   . HOH B 2 .   ? -2.192  -13.069 8.898   1.00 67.59  ? 393 HOH A O   1 
HETATM 1109 O O   . HOH B 2 .   ? -5.961  -17.721 -6.098  1.00 60.62  ? 394 HOH A O   1 
HETATM 1110 O O   . HOH B 2 .   ? 12.265  0.286   -8.722  1.00 46.73  ? 395 HOH A O   1 
HETATM 1111 O O   . HOH B 2 .   ? 17.055  -5.185  6.883   1.00 64.82  ? 396 HOH A O   1 
HETATM 1112 O O   . HOH B 2 .   ? 6.189   -13.436 -15.482 1.00 68.61  ? 397 HOH A O   1 
HETATM 1113 O O   . HOH B 2 .   ? 19.390  20.577  12.710  1.00 74.90  ? 398 HOH A O   1 
HETATM 1114 O O   . HOH B 2 .   ? 16.350  9.247   12.448  1.00 60.40  ? 399 HOH A O   1 
HETATM 1115 O O   . HOH B 2 .   ? 3.556   -0.619  -9.004  1.00 45.09  ? 400 HOH A O   1 
HETATM 1116 O O   . HOH B 2 .   ? 3.849   -5.141  17.613  1.00 65.24  ? 401 HOH A O   1 
HETATM 1117 O O   . HOH B 2 .   ? 2.858   -8.162  14.985  1.00 54.71  ? 402 HOH A O   1 
HETATM 1118 O O   . HOH B 2 .   ? 30.790  12.386  14.187  1.00 61.97  ? 403 HOH A O   1 
HETATM 1119 O O   . HOH B 2 .   ? 21.227  5.266   8.826   1.00 64.55  ? 404 HOH A O   1 
HETATM 1120 O O   . HOH B 2 .   ? -6.314  -9.591  9.882   1.00 49.85  ? 405 HOH A O   1 
HETATM 1121 O O   . HOH B 2 .   ? 0.029   -19.899 -8.653  1.00 75.59  ? 406 HOH A O   1 
HETATM 1122 O O   . HOH B 2 .   ? 2.087   -17.505 5.068   1.00 57.06  ? 407 HOH A O   1 
HETATM 1123 O O   . HOH B 2 .   ? 19.314  8.556   7.416   1.00 75.21  ? 408 HOH A O   1 
HETATM 1124 O O   . HOH B 2 .   ? 1.701   -15.829 -0.969  1.00 77.40  ? 409 HOH A O   1 
HETATM 1125 O O   . HOH B 2 .   ? -8.965  11.998  4.675   1.00 68.76  ? 410 HOH A O   1 
HETATM 1126 O O   . HOH B 2 .   ? 3.569   -1.768  14.492  1.00 68.25  ? 411 HOH A O   1 
HETATM 1127 O O   . HOH B 2 .   ? -7.115  6.755   -12.835 1.00 53.39  ? 412 HOH A O   1 
HETATM 1128 O O   . HOH B 2 .   ? 7.925   12.604  -6.988  1.00 57.40  ? 413 HOH A O   1 
HETATM 1129 O O   . HOH B 2 .   ? 7.651   4.200   9.926   1.00 72.00  ? 414 HOH A O   1 
HETATM 1130 O O   . HOH B 2 .   ? -10.490 4.490   -10.753 1.00 55.62  ? 415 HOH A O   1 
HETATM 1131 O O   . HOH B 2 .   ? 12.016  13.444  17.565  1.00 75.87  ? 416 HOH A O   1 
HETATM 1132 O O   . HOH B 2 .   ? -8.117  -1.986  -11.504 1.00 55.01  ? 417 HOH A O   1 
# 
loop_
_pdbx_poly_seq_scheme.asym_id 
_pdbx_poly_seq_scheme.entity_id 
_pdbx_poly_seq_scheme.seq_id 
_pdbx_poly_seq_scheme.mon_id 
_pdbx_poly_seq_scheme.ndb_seq_num 
_pdbx_poly_seq_scheme.pdb_seq_num 
_pdbx_poly_seq_scheme.auth_seq_num 
_pdbx_poly_seq_scheme.pdb_mon_id 
_pdbx_poly_seq_scheme.auth_mon_id 
_pdbx_poly_seq_scheme.pdb_strand_id 
_pdbx_poly_seq_scheme.pdb_ins_code 
_pdbx_poly_seq_scheme.hetero 
A 1 1   MET 1   -8  ?   ?   ?   A . n 
A 1 2   GLY 2   -7  ?   ?   ?   A . n 
A 1 3   SER 3   -6  ?   ?   ?   A . n 
A 1 4   ASP 4   -5  ?   ?   ?   A . n 
A 1 5   LYS 5   -4  ?   ?   ?   A . n 
A 1 6   ILE 6   -3  ?   ?   ?   A . n 
A 1 7   HIS 7   -2  ?   ?   ?   A . n 
A 1 8   HIS 8   -1  ?   ?   ?   A . n 
A 1 9   HIS 9   0   ?   ?   ?   A . n 
A 1 10  HIS 10  1   ?   ?   ?   A . n 
A 1 11  HIS 11  2   ?   ?   ?   A . n 
A 1 12  HIS 12  3   ?   ?   ?   A . n 
A 1 13  ASN 13  49  ?   ?   ?   A . n 
A 1 14  THR 14  50  50  THR THR A . n 
A 1 15  ALA 15  51  51  ALA ALA A . n 
A 1 16  SER 16  52  52  SER SER A . n 
A 1 17  TRP 17  53  53  TRP TRP A . n 
A 1 18  PHE 18  54  54  PHE PHE A . n 
A 1 19  THR 19  55  55  THR THR A . n 
A 1 20  ALA 20  56  56  ALA ALA A . n 
A 1 21  LEU 21  57  57  LEU LEU A . n 
A 1 22  THR 22  58  58  THR THR A . n 
A 1 23  GLN 23  59  59  GLN GLN A . n 
A 1 24  HIS 24  60  60  HIS HIS A . n 
A 1 25  GLY 25  61  61  GLY GLY A . n 
A 1 26  LYS 26  62  62  LYS LYS A . n 
A 1 27  GLU 27  63  63  GLU GLU A . n 
A 1 28  GLU 28  64  64  GLU GLU A . n 
A 1 29  LEU 29  65  65  LEU LEU A . n 
A 1 30  ARG 30  66  66  ARG ARG A . n 
A 1 31  PHE 31  67  67  PHE PHE A . n 
A 1 32  PRO 32  68  68  PRO PRO A . n 
A 1 33  ARG 33  69  69  ARG ARG A . n 
A 1 34  GLY 34  70  70  GLY GLY A . n 
A 1 35  GLN 35  71  71  GLN GLN A . n 
A 1 36  GLY 36  72  72  GLY GLY A . n 
A 1 37  VAL 37  73  73  VAL VAL A . n 
A 1 38  PRO 38  74  74  PRO PRO A . n 
A 1 39  ILE 39  75  75  ILE ILE A . n 
A 1 40  ASN 40  76  76  ASN ASN A . n 
A 1 41  THR 41  77  77  THR THR A . n 
A 1 42  ASN 42  78  78  ASN ASN A . n 
A 1 43  SER 43  79  79  SER SER A . n 
A 1 44  GLY 44  80  80  GLY GLY A . n 
A 1 45  PRO 45  81  81  PRO PRO A . n 
A 1 46  ASP 46  82  82  ASP ASP A . n 
A 1 47  ASP 47  83  83  ASP ASP A . n 
A 1 48  GLN 48  84  84  GLN GLN A . n 
A 1 49  ILE 49  85  85  ILE ILE A . n 
A 1 50  GLY 50  86  86  GLY GLY A . n 
A 1 51  TYR 51  87  87  TYR TYR A . n 
A 1 52  TYR 52  88  88  TYR TYR A . n 
A 1 53  ARG 53  89  89  ARG ARG A . n 
A 1 54  ARG 54  90  90  ARG ARG A . n 
A 1 55  ALA 55  91  91  ALA ALA A . n 
A 1 56  THR 56  92  ?   ?   ?   A . n 
A 1 57  ARG 57  93  ?   ?   ?   A . n 
A 1 58  ARG 58  94  ?   ?   ?   A . n 
A 1 59  VAL 59  95  ?   ?   ?   A . n 
A 1 60  ARG 60  96  ?   ?   ?   A . n 
A 1 61  GLY 61  97  ?   ?   ?   A . n 
A 1 62  GLY 62  98  ?   ?   ?   A . n 
A 1 63  ASP 63  99  ?   ?   ?   A . n 
A 1 64  GLY 64  100 ?   ?   ?   A . n 
A 1 65  LYS 65  101 ?   ?   ?   A . n 
A 1 66  MET 66  102 ?   ?   ?   A . n 
A 1 67  LYS 67  103 ?   ?   ?   A . n 
A 1 68  GLU 68  104 ?   ?   ?   A . n 
A 1 69  LEU 69  105 105 LEU LEU A . n 
A 1 70  SER 70  106 106 SER SER A . n 
A 1 71  PRO 71  107 107 PRO PRO A . n 
A 1 72  ARG 72  108 108 ARG ARG A . n 
A 1 73  TRP 73  109 109 TRP TRP A . n 
A 1 74  TYR 74  110 110 TYR TYR A . n 
A 1 75  PHE 75  111 111 PHE PHE A . n 
A 1 76  TYR 76  112 112 TYR TYR A . n 
A 1 77  TYR 77  113 113 TYR TYR A . n 
A 1 78  LEU 78  114 114 LEU LEU A . n 
A 1 79  GLY 79  115 115 GLY GLY A . n 
A 1 80  THR 80  116 116 THR THR A . n 
A 1 81  GLY 81  117 117 GLY GLY A . n 
A 1 82  PRO 82  118 118 PRO PRO A . n 
A 1 83  GLU 83  119 119 GLU GLU A . n 
A 1 84  ALA 84  120 120 ALA ALA A . n 
A 1 85  SER 85  121 121 SER SER A . n 
A 1 86  LEU 86  122 122 LEU LEU A . n 
A 1 87  PRO 87  123 123 PRO PRO A . n 
A 1 88  TYR 88  124 124 TYR TYR A . n 
A 1 89  GLY 89  125 125 GLY GLY A . n 
A 1 90  ALA 90  126 126 ALA ALA A . n 
A 1 91  ASN 91  127 127 ASN ASN A . n 
A 1 92  LYS 92  128 128 LYS LYS A . n 
A 1 93  GLU 93  129 129 GLU GLU A . n 
A 1 94  GLY 94  130 130 GLY GLY A . n 
A 1 95  ILE 95  131 131 ILE ILE A . n 
A 1 96  VAL 96  132 132 VAL VAL A . n 
A 1 97  TRP 97  133 133 TRP TRP A . n 
A 1 98  VAL 98  134 134 VAL VAL A . n 
A 1 99  ALA 99  135 135 ALA ALA A . n 
A 1 100 THR 100 136 136 THR THR A . n 
A 1 101 GLU 101 137 137 GLU GLU A . n 
A 1 102 GLY 102 138 138 GLY GLY A . n 
A 1 103 ALA 103 139 139 ALA ALA A . n 
A 1 104 LEU 104 140 140 LEU LEU A . n 
A 1 105 ASN 105 141 141 ASN ASN A . n 
A 1 106 THR 106 142 142 THR THR A . n 
A 1 107 PRO 107 143 143 PRO PRO A . n 
A 1 108 LYS 108 144 144 LYS LYS A . n 
A 1 109 ASP 109 145 145 ASP ASP A . n 
A 1 110 HIS 110 146 146 HIS HIS A . n 
A 1 111 ILE 111 147 147 ILE ILE A . n 
A 1 112 GLY 112 148 148 GLY GLY A . n 
A 1 113 THR 113 149 149 THR THR A . n 
A 1 114 ARG 114 150 150 ARG ARG A . n 
A 1 115 ASN 115 151 151 ASN ASN A . n 
A 1 116 PRO 116 152 152 PRO PRO A . n 
A 1 117 ASN 117 153 153 ASN ASN A . n 
A 1 118 ASN 118 154 154 ASN ASN A . n 
A 1 119 ASN 119 155 155 ASN ASN A . n 
A 1 120 ALA 120 156 156 ALA ALA A . n 
A 1 121 ALA 121 157 157 ALA ALA A . n 
A 1 122 THR 122 158 158 THR THR A . n 
A 1 123 VAL 123 159 159 VAL VAL A . n 
A 1 124 LEU 124 160 160 LEU LEU A . n 
A 1 125 GLN 125 161 161 GLN GLN A . n 
A 1 126 LEU 126 162 162 LEU LEU A . n 
A 1 127 PRO 127 163 163 PRO PRO A . n 
A 1 128 GLN 128 164 164 GLN GLN A . n 
A 1 129 GLY 129 165 165 GLY GLY A . n 
A 1 130 THR 130 166 166 THR THR A . n 
A 1 131 THR 131 167 167 THR THR A . n 
A 1 132 LEU 132 168 168 LEU LEU A . n 
A 1 133 PRO 133 169 169 PRO PRO A . n 
A 1 134 LYS 134 170 170 LYS LYS A . n 
A 1 135 GLY 135 171 171 GLY GLY A . n 
A 1 136 PHE 136 172 172 PHE PHE A . n 
A 1 137 TYR 137 173 173 TYR TYR A . n 
A 1 138 ALA 138 174 174 ALA ALA A . n 
# 
loop_
_pdbx_nonpoly_scheme.asym_id 
_pdbx_nonpoly_scheme.entity_id 
_pdbx_nonpoly_scheme.mon_id 
_pdbx_nonpoly_scheme.ndb_seq_num 
_pdbx_nonpoly_scheme.pdb_seq_num 
_pdbx_nonpoly_scheme.auth_seq_num 
_pdbx_nonpoly_scheme.pdb_mon_id 
_pdbx_nonpoly_scheme.auth_mon_id 
_pdbx_nonpoly_scheme.pdb_strand_id 
_pdbx_nonpoly_scheme.pdb_ins_code 
B 2 HOH 1   175 1   HOH HOH A . 
B 2 HOH 2   176 2   HOH HOH A . 
B 2 HOH 3   177 3   HOH HOH A . 
B 2 HOH 4   178 4   HOH HOH A . 
B 2 HOH 5   179 5   HOH HOH A . 
B 2 HOH 6   180 6   HOH HOH A . 
B 2 HOH 7   181 7   HOH HOH A . 
B 2 HOH 8   182 8   HOH HOH A . 
B 2 HOH 9   183 9   HOH HOH A . 
B 2 HOH 10  184 10  HOH HOH A . 
B 2 HOH 11  185 11  HOH HOH A . 
B 2 HOH 12  186 12  HOH HOH A . 
B 2 HOH 13  187 13  HOH HOH A . 
B 2 HOH 14  188 14  HOH HOH A . 
B 2 HOH 15  189 15  HOH HOH A . 
B 2 HOH 16  190 16  HOH HOH A . 
B 2 HOH 17  191 17  HOH HOH A . 
B 2 HOH 18  192 18  HOH HOH A . 
B 2 HOH 19  193 19  HOH HOH A . 
B 2 HOH 20  194 20  HOH HOH A . 
B 2 HOH 21  195 21  HOH HOH A . 
B 2 HOH 22  196 22  HOH HOH A . 
B 2 HOH 23  197 23  HOH HOH A . 
B 2 HOH 24  198 24  HOH HOH A . 
B 2 HOH 25  199 25  HOH HOH A . 
B 2 HOH 26  200 26  HOH HOH A . 
B 2 HOH 27  201 27  HOH HOH A . 
B 2 HOH 28  202 28  HOH HOH A . 
B 2 HOH 29  203 29  HOH HOH A . 
B 2 HOH 30  204 30  HOH HOH A . 
B 2 HOH 31  205 31  HOH HOH A . 
B 2 HOH 32  206 32  HOH HOH A . 
B 2 HOH 33  207 33  HOH HOH A . 
B 2 HOH 34  208 34  HOH HOH A . 
B 2 HOH 35  209 35  HOH HOH A . 
B 2 HOH 36  210 36  HOH HOH A . 
B 2 HOH 37  211 37  HOH HOH A . 
B 2 HOH 38  212 38  HOH HOH A . 
B 2 HOH 39  213 39  HOH HOH A . 
B 2 HOH 40  214 40  HOH HOH A . 
B 2 HOH 41  215 41  HOH HOH A . 
B 2 HOH 42  216 42  HOH HOH A . 
B 2 HOH 43  217 43  HOH HOH A . 
B 2 HOH 44  218 44  HOH HOH A . 
B 2 HOH 45  219 46  HOH HOH A . 
B 2 HOH 46  220 47  HOH HOH A . 
B 2 HOH 47  221 48  HOH HOH A . 
B 2 HOH 48  222 49  HOH HOH A . 
B 2 HOH 49  223 50  HOH HOH A . 
B 2 HOH 50  224 51  HOH HOH A . 
B 2 HOH 51  225 52  HOH HOH A . 
B 2 HOH 52  226 53  HOH HOH A . 
B 2 HOH 53  227 54  HOH HOH A . 
B 2 HOH 54  228 55  HOH HOH A . 
B 2 HOH 55  229 56  HOH HOH A . 
B 2 HOH 56  230 57  HOH HOH A . 
B 2 HOH 57  231 58  HOH HOH A . 
B 2 HOH 58  232 59  HOH HOH A . 
B 2 HOH 59  233 60  HOH HOH A . 
B 2 HOH 60  234 61  HOH HOH A . 
B 2 HOH 61  235 62  HOH HOH A . 
B 2 HOH 62  236 63  HOH HOH A . 
B 2 HOH 63  237 64  HOH HOH A . 
B 2 HOH 64  238 65  HOH HOH A . 
B 2 HOH 65  239 66  HOH HOH A . 
B 2 HOH 66  240 67  HOH HOH A . 
B 2 HOH 67  241 69  HOH HOH A . 
B 2 HOH 68  242 70  HOH HOH A . 
B 2 HOH 69  243 71  HOH HOH A . 
B 2 HOH 70  244 72  HOH HOH A . 
B 2 HOH 71  245 73  HOH HOH A . 
B 2 HOH 72  246 74  HOH HOH A . 
B 2 HOH 73  247 75  HOH HOH A . 
B 2 HOH 74  248 76  HOH HOH A . 
B 2 HOH 75  249 77  HOH HOH A . 
B 2 HOH 76  250 78  HOH HOH A . 
B 2 HOH 77  251 79  HOH HOH A . 
B 2 HOH 78  252 80  HOH HOH A . 
B 2 HOH 79  253 81  HOH HOH A . 
B 2 HOH 80  254 82  HOH HOH A . 
B 2 HOH 81  255 83  HOH HOH A . 
B 2 HOH 82  256 84  HOH HOH A . 
B 2 HOH 83  257 85  HOH HOH A . 
B 2 HOH 84  258 86  HOH HOH A . 
B 2 HOH 85  259 87  HOH HOH A . 
B 2 HOH 86  260 88  HOH HOH A . 
B 2 HOH 87  261 89  HOH HOH A . 
B 2 HOH 88  262 90  HOH HOH A . 
B 2 HOH 89  263 91  HOH HOH A . 
B 2 HOH 90  264 92  HOH HOH A . 
B 2 HOH 91  265 93  HOH HOH A . 
B 2 HOH 92  266 94  HOH HOH A . 
B 2 HOH 93  267 95  HOH HOH A . 
B 2 HOH 94  268 96  HOH HOH A . 
B 2 HOH 95  269 98  HOH HOH A . 
B 2 HOH 96  270 100 HOH HOH A . 
B 2 HOH 97  271 101 HOH HOH A . 
B 2 HOH 98  272 102 HOH HOH A . 
B 2 HOH 99  273 103 HOH HOH A . 
B 2 HOH 100 274 104 HOH HOH A . 
B 2 HOH 101 275 105 HOH HOH A . 
B 2 HOH 102 276 106 HOH HOH A . 
B 2 HOH 103 277 107 HOH HOH A . 
B 2 HOH 104 278 108 HOH HOH A . 
B 2 HOH 105 279 109 HOH HOH A . 
B 2 HOH 106 280 110 HOH HOH A . 
B 2 HOH 107 281 112 HOH HOH A . 
B 2 HOH 108 282 113 HOH HOH A . 
B 2 HOH 109 283 114 HOH HOH A . 
B 2 HOH 110 284 115 HOH HOH A . 
B 2 HOH 111 285 116 HOH HOH A . 
B 2 HOH 112 286 117 HOH HOH A . 
B 2 HOH 113 287 118 HOH HOH A . 
B 2 HOH 114 288 119 HOH HOH A . 
B 2 HOH 115 289 120 HOH HOH A . 
B 2 HOH 116 290 121 HOH HOH A . 
B 2 HOH 117 291 122 HOH HOH A . 
B 2 HOH 118 292 123 HOH HOH A . 
B 2 HOH 119 293 124 HOH HOH A . 
B 2 HOH 120 294 125 HOH HOH A . 
B 2 HOH 121 295 126 HOH HOH A . 
B 2 HOH 122 296 127 HOH HOH A . 
B 2 HOH 123 297 129 HOH HOH A . 
B 2 HOH 124 298 130 HOH HOH A . 
B 2 HOH 125 299 131 HOH HOH A . 
B 2 HOH 126 300 132 HOH HOH A . 
B 2 HOH 127 301 133 HOH HOH A . 
B 2 HOH 128 302 136 HOH HOH A . 
B 2 HOH 129 303 137 HOH HOH A . 
B 2 HOH 130 304 138 HOH HOH A . 
B 2 HOH 131 305 139 HOH HOH A . 
B 2 HOH 132 306 140 HOH HOH A . 
B 2 HOH 133 307 141 HOH HOH A . 
B 2 HOH 134 308 142 HOH HOH A . 
B 2 HOH 135 309 143 HOH HOH A . 
B 2 HOH 136 310 144 HOH HOH A . 
B 2 HOH 137 311 146 HOH HOH A . 
B 2 HOH 138 312 147 HOH HOH A . 
B 2 HOH 139 313 148 HOH HOH A . 
B 2 HOH 140 314 149 HOH HOH A . 
B 2 HOH 141 315 150 HOH HOH A . 
B 2 HOH 142 316 151 HOH HOH A . 
B 2 HOH 143 317 152 HOH HOH A . 
B 2 HOH 144 318 153 HOH HOH A . 
B 2 HOH 145 319 154 HOH HOH A . 
B 2 HOH 146 320 156 HOH HOH A . 
B 2 HOH 147 321 157 HOH HOH A . 
B 2 HOH 148 322 158 HOH HOH A . 
B 2 HOH 149 323 159 HOH HOH A . 
B 2 HOH 150 324 160 HOH HOH A . 
B 2 HOH 151 325 161 HOH HOH A . 
B 2 HOH 152 326 162 HOH HOH A . 
B 2 HOH 153 327 163 HOH HOH A . 
B 2 HOH 154 328 164 HOH HOH A . 
B 2 HOH 155 329 165 HOH HOH A . 
B 2 HOH 156 330 166 HOH HOH A . 
B 2 HOH 157 331 167 HOH HOH A . 
B 2 HOH 158 332 168 HOH HOH A . 
B 2 HOH 159 333 169 HOH HOH A . 
B 2 HOH 160 334 170 HOH HOH A . 
B 2 HOH 161 335 171 HOH HOH A . 
B 2 HOH 162 336 172 HOH HOH A . 
B 2 HOH 163 337 173 HOH HOH A . 
B 2 HOH 164 338 177 HOH HOH A . 
B 2 HOH 165 339 178 HOH HOH A . 
B 2 HOH 166 340 179 HOH HOH A . 
B 2 HOH 167 341 180 HOH HOH A . 
B 2 HOH 168 342 181 HOH HOH A . 
B 2 HOH 169 343 182 HOH HOH A . 
B 2 HOH 170 344 183 HOH HOH A . 
B 2 HOH 171 345 184 HOH HOH A . 
B 2 HOH 172 346 185 HOH HOH A . 
B 2 HOH 173 347 186 HOH HOH A . 
B 2 HOH 174 348 187 HOH HOH A . 
B 2 HOH 175 349 188 HOH HOH A . 
B 2 HOH 176 350 189 HOH HOH A . 
B 2 HOH 177 351 191 HOH HOH A . 
B 2 HOH 178 352 192 HOH HOH A . 
B 2 HOH 179 353 193 HOH HOH A . 
B 2 HOH 180 354 194 HOH HOH A . 
B 2 HOH 181 355 195 HOH HOH A . 
B 2 HOH 182 356 196 HOH HOH A . 
B 2 HOH 183 357 197 HOH HOH A . 
B 2 HOH 184 358 198 HOH HOH A . 
B 2 HOH 185 359 199 HOH HOH A . 
B 2 HOH 186 360 200 HOH HOH A . 
B 2 HOH 187 361 201 HOH HOH A . 
B 2 HOH 188 362 202 HOH HOH A . 
B 2 HOH 189 363 203 HOH HOH A . 
B 2 HOH 190 364 204 HOH HOH A . 
B 2 HOH 191 365 206 HOH HOH A . 
B 2 HOH 192 366 207 HOH HOH A . 
B 2 HOH 193 367 208 HOH HOH A . 
B 2 HOH 194 368 209 HOH HOH A . 
B 2 HOH 195 369 210 HOH HOH A . 
B 2 HOH 196 370 211 HOH HOH A . 
B 2 HOH 197 371 212 HOH HOH A . 
B 2 HOH 198 372 213 HOH HOH A . 
B 2 HOH 199 373 214 HOH HOH A . 
B 2 HOH 200 374 215 HOH HOH A . 
B 2 HOH 201 375 216 HOH HOH A . 
B 2 HOH 202 376 217 HOH HOH A . 
B 2 HOH 203 377 218 HOH HOH A . 
B 2 HOH 204 378 220 HOH HOH A . 
B 2 HOH 205 379 221 HOH HOH A . 
B 2 HOH 206 380 222 HOH HOH A . 
B 2 HOH 207 381 223 HOH HOH A . 
B 2 HOH 208 382 224 HOH HOH A . 
B 2 HOH 209 383 225 HOH HOH A . 
B 2 HOH 210 384 226 HOH HOH A . 
B 2 HOH 211 385 227 HOH HOH A . 
B 2 HOH 212 386 229 HOH HOH A . 
B 2 HOH 213 387 232 HOH HOH A . 
B 2 HOH 214 388 233 HOH HOH A . 
B 2 HOH 215 389 234 HOH HOH A . 
B 2 HOH 216 390 235 HOH HOH A . 
B 2 HOH 217 391 236 HOH HOH A . 
B 2 HOH 218 392 237 HOH HOH A . 
B 2 HOH 219 393 240 HOH HOH A . 
B 2 HOH 220 394 241 HOH HOH A . 
B 2 HOH 221 395 245 HOH HOH A . 
B 2 HOH 222 396 246 HOH HOH A . 
B 2 HOH 223 397 247 HOH HOH A . 
B 2 HOH 224 398 248 HOH HOH A . 
B 2 HOH 225 399 253 HOH HOH A . 
B 2 HOH 226 400 254 HOH HOH A . 
B 2 HOH 227 401 255 HOH HOH A . 
B 2 HOH 228 402 256 HOH HOH A . 
B 2 HOH 229 403 257 HOH HOH A . 
B 2 HOH 230 404 258 HOH HOH A . 
B 2 HOH 231 405 263 HOH HOH A . 
B 2 HOH 232 406 264 HOH HOH A . 
B 2 HOH 233 407 265 HOH HOH A . 
B 2 HOH 234 408 266 HOH HOH A . 
B 2 HOH 235 409 267 HOH HOH A . 
B 2 HOH 236 410 269 HOH HOH A . 
B 2 HOH 237 411 270 HOH HOH A . 
B 2 HOH 238 412 271 HOH HOH A . 
B 2 HOH 239 413 273 HOH HOH A . 
B 2 HOH 240 414 274 HOH HOH A . 
B 2 HOH 241 415 275 HOH HOH A . 
B 2 HOH 242 416 276 HOH HOH A . 
B 2 HOH 243 417 277 HOH HOH A . 
# 
_pdbx_struct_assembly.id                   1 
_pdbx_struct_assembly.details              author_defined_assembly 
_pdbx_struct_assembly.method_details       ? 
_pdbx_struct_assembly.oligomeric_details   monomeric 
_pdbx_struct_assembly.oligomeric_count     1 
# 
_pdbx_struct_assembly_gen.assembly_id       1 
_pdbx_struct_assembly_gen.oper_expression   1 
_pdbx_struct_assembly_gen.asym_id_list      A,B 
# 
_pdbx_struct_oper_list.id                   1 
_pdbx_struct_oper_list.type                 'identity operation' 
_pdbx_struct_oper_list.name                 1_555 
_pdbx_struct_oper_list.symmetry_operation   x,y,z 
_pdbx_struct_oper_list.matrix[1][1]         1.0000000000 
_pdbx_struct_oper_list.matrix[1][2]         0.0000000000 
_pdbx_struct_oper_list.matrix[1][3]         0.0000000000 
_pdbx_struct_oper_list.vector[1]            0.0000000000 
_pdbx_struct_oper_list.matrix[2][1]         0.0000000000 
_pdbx_struct_oper_list.matrix[2][2]         1.0000000000 
_pdbx_struct_oper_list.matrix[2][3]         0.0000000000 
_pdbx_struct_oper_list.vector[2]            0.0000000000 
_pdbx_struct_oper_list.matrix[3][1]         0.0000000000 
_pdbx_struct_oper_list.matrix[3][2]         0.0000000000 
_pdbx_struct_oper_list.matrix[3][3]         1.0000000000 
_pdbx_struct_oper_list.vector[3]            0.0000000000 
# 
loop_
_pdbx_struct_special_symmetry.id 
_pdbx_struct_special_symmetry.PDB_model_num 
_pdbx_struct_special_symmetry.auth_asym_id 
_pdbx_struct_special_symmetry.auth_comp_id 
_pdbx_struct_special_symmetry.auth_seq_id 
_pdbx_struct_special_symmetry.PDB_ins_code 
_pdbx_struct_special_symmetry.label_asym_id 
_pdbx_struct_special_symmetry.label_comp_id 
_pdbx_struct_special_symmetry.label_seq_id 
1 1 A HOH 263 ? B HOH . 
2 1 A HOH 365 ? B HOH . 
# 
loop_
_pdbx_audit_revision_history.ordinal 
_pdbx_audit_revision_history.data_content_type 
_pdbx_audit_revision_history.major_revision 
_pdbx_audit_revision_history.minor_revision 
_pdbx_audit_revision_history.revision_date 
1 'Structure model' 1 0 2007-04-03 
2 'Structure model' 1 1 2008-05-01 
3 'Structure model' 1 2 2011-07-13 
4 'Structure model' 1 3 2023-08-30 
# 
_pdbx_audit_revision_details.ordinal             1 
_pdbx_audit_revision_details.revision_ordinal    1 
_pdbx_audit_revision_details.data_content_type   'Structure model' 
_pdbx_audit_revision_details.provider            repository 
_pdbx_audit_revision_details.type                'Initial release' 
_pdbx_audit_revision_details.description         ? 
_pdbx_audit_revision_details.details             ? 
# 
loop_
_pdbx_audit_revision_group.ordinal 
_pdbx_audit_revision_group.revision_ordinal 
_pdbx_audit_revision_group.data_content_type 
_pdbx_audit_revision_group.group 
1 2 'Structure model' 'Version format compliance' 
2 3 'Structure model' 'Version format compliance' 
3 4 'Structure model' 'Data collection'           
4 4 'Structure model' 'Database references'       
5 4 'Structure model' 'Refinement description'    
# 
loop_
_pdbx_audit_revision_category.ordinal 
_pdbx_audit_revision_category.revision_ordinal 
_pdbx_audit_revision_category.data_content_type 
_pdbx_audit_revision_category.category 
1 4 'Structure model' chem_comp_atom                
2 4 'Structure model' chem_comp_bond                
3 4 'Structure model' database_2                    
4 4 'Structure model' pdbx_initial_refinement_model 
5 4 'Structure model' struct_ref_seq_dif            
# 
loop_
_pdbx_audit_revision_item.ordinal 
_pdbx_audit_revision_item.revision_ordinal 
_pdbx_audit_revision_item.data_content_type 
_pdbx_audit_revision_item.item 
1 4 'Structure model' '_database_2.pdbx_DOI'                
2 4 'Structure model' '_database_2.pdbx_database_accession' 
3 4 'Structure model' '_struct_ref_seq_dif.details'         
# 
loop_
_software.name 
_software.classification 
_software.version 
_software.citation_id 
_software.pdbx_ordinal 
REFMAC   refinement        5.2.0019 ? 1 
Blu-Ice  'data collection' .        ? 2 
HKL-2000 'data reduction'  .        ? 3 
HKL-2000 'data scaling'    .        ? 4 
PHASER   phasing           .        ? 5 
# 
_pdbx_validate_symm_contact.id                1 
_pdbx_validate_symm_contact.PDB_model_num     1 
_pdbx_validate_symm_contact.auth_atom_id_1    OE2 
_pdbx_validate_symm_contact.auth_asym_id_1    A 
_pdbx_validate_symm_contact.auth_comp_id_1    GLU 
_pdbx_validate_symm_contact.auth_seq_id_1     137 
_pdbx_validate_symm_contact.PDB_ins_code_1    ? 
_pdbx_validate_symm_contact.label_alt_id_1    ? 
_pdbx_validate_symm_contact.site_symmetry_1   1_555 
_pdbx_validate_symm_contact.auth_atom_id_2    O 
_pdbx_validate_symm_contact.auth_asym_id_2    A 
_pdbx_validate_symm_contact.auth_comp_id_2    HOH 
_pdbx_validate_symm_contact.auth_seq_id_2     417 
_pdbx_validate_symm_contact.PDB_ins_code_2    ? 
_pdbx_validate_symm_contact.label_alt_id_2    ? 
_pdbx_validate_symm_contact.site_symmetry_2   7_555 
_pdbx_validate_symm_contact.dist              2.16 
# 
_pdbx_validate_rmsd_angle.id                         1 
_pdbx_validate_rmsd_angle.PDB_model_num              1 
_pdbx_validate_rmsd_angle.auth_atom_id_1             NE 
_pdbx_validate_rmsd_angle.auth_asym_id_1             A 
_pdbx_validate_rmsd_angle.auth_comp_id_1             ARG 
_pdbx_validate_rmsd_angle.auth_seq_id_1              69 
_pdbx_validate_rmsd_angle.PDB_ins_code_1             ? 
_pdbx_validate_rmsd_angle.label_alt_id_1             ? 
_pdbx_validate_rmsd_angle.auth_atom_id_2             CZ 
_pdbx_validate_rmsd_angle.auth_asym_id_2             A 
_pdbx_validate_rmsd_angle.auth_comp_id_2             ARG 
_pdbx_validate_rmsd_angle.auth_seq_id_2              69 
_pdbx_validate_rmsd_angle.PDB_ins_code_2             ? 
_pdbx_validate_rmsd_angle.label_alt_id_2             ? 
_pdbx_validate_rmsd_angle.auth_atom_id_3             NH2 
_pdbx_validate_rmsd_angle.auth_asym_id_3             A 
_pdbx_validate_rmsd_angle.auth_comp_id_3             ARG 
_pdbx_validate_rmsd_angle.auth_seq_id_3              69 
_pdbx_validate_rmsd_angle.PDB_ins_code_3             ? 
_pdbx_validate_rmsd_angle.label_alt_id_3             ? 
_pdbx_validate_rmsd_angle.angle_value                117.16 
_pdbx_validate_rmsd_angle.angle_target_value         120.30 
_pdbx_validate_rmsd_angle.angle_deviation            -3.14 
_pdbx_validate_rmsd_angle.angle_standard_deviation   0.50 
_pdbx_validate_rmsd_angle.linker_flag                N 
# 
loop_
_pdbx_validate_torsion.id 
_pdbx_validate_torsion.PDB_model_num 
_pdbx_validate_torsion.auth_comp_id 
_pdbx_validate_torsion.auth_asym_id 
_pdbx_validate_torsion.auth_seq_id 
_pdbx_validate_torsion.PDB_ins_code 
_pdbx_validate_torsion.label_alt_id 
_pdbx_validate_torsion.phi 
_pdbx_validate_torsion.psi 
1 1 LYS A 144 ? ? -90.79 59.95 
2 1 LYS A 144 ? ? -90.79 59.92 
# 
loop_
_pdbx_unobs_or_zero_occ_atoms.id 
_pdbx_unobs_or_zero_occ_atoms.PDB_model_num 
_pdbx_unobs_or_zero_occ_atoms.polymer_flag 
_pdbx_unobs_or_zero_occ_atoms.occupancy_flag 
_pdbx_unobs_or_zero_occ_atoms.auth_asym_id 
_pdbx_unobs_or_zero_occ_atoms.auth_comp_id 
_pdbx_unobs_or_zero_occ_atoms.auth_seq_id 
_pdbx_unobs_or_zero_occ_atoms.PDB_ins_code 
_pdbx_unobs_or_zero_occ_atoms.auth_atom_id 
_pdbx_unobs_or_zero_occ_atoms.label_alt_id 
_pdbx_unobs_or_zero_occ_atoms.label_asym_id 
_pdbx_unobs_or_zero_occ_atoms.label_comp_id 
_pdbx_unobs_or_zero_occ_atoms.label_seq_id 
_pdbx_unobs_or_zero_occ_atoms.label_atom_id 
1 1 Y 1 A ARG 108 ? NH1 ? A ARG 72 NH1 
2 1 Y 1 A ARG 108 ? NH2 ? A ARG 72 NH2 
# 
loop_
_pdbx_unobs_or_zero_occ_residues.id 
_pdbx_unobs_or_zero_occ_residues.PDB_model_num 
_pdbx_unobs_or_zero_occ_residues.polymer_flag 
_pdbx_unobs_or_zero_occ_residues.occupancy_flag 
_pdbx_unobs_or_zero_occ_residues.auth_asym_id 
_pdbx_unobs_or_zero_occ_residues.auth_comp_id 
_pdbx_unobs_or_zero_occ_residues.auth_seq_id 
_pdbx_unobs_or_zero_occ_residues.PDB_ins_code 
_pdbx_unobs_or_zero_occ_residues.label_asym_id 
_pdbx_unobs_or_zero_occ_residues.label_comp_id 
_pdbx_unobs_or_zero_occ_residues.label_seq_id 
1  1 Y 1 A MET -8  ? A MET 1  
2  1 Y 1 A GLY -7  ? A GLY 2  
3  1 Y 1 A SER -6  ? A SER 3  
4  1 Y 1 A ASP -5  ? A ASP 4  
5  1 Y 1 A LYS -4  ? A LYS 5  
6  1 Y 1 A ILE -3  ? A ILE 6  
7  1 Y 1 A HIS -2  ? A HIS 7  
8  1 Y 1 A HIS -1  ? A HIS 8  
9  1 Y 1 A HIS 0   ? A HIS 9  
10 1 Y 1 A HIS 1   ? A HIS 10 
11 1 Y 1 A HIS 2   ? A HIS 11 
12 1 Y 1 A HIS 3   ? A HIS 12 
13 1 Y 1 A ASN 49  ? A ASN 13 
14 1 Y 1 A THR 92  ? A THR 56 
15 1 Y 1 A ARG 93  ? A ARG 57 
16 1 Y 1 A ARG 94  ? A ARG 58 
17 1 Y 1 A VAL 95  ? A VAL 59 
18 1 Y 1 A ARG 96  ? A ARG 60 
19 1 Y 1 A GLY 97  ? A GLY 61 
20 1 Y 1 A GLY 98  ? A GLY 62 
21 1 Y 1 A ASP 99  ? A ASP 63 
22 1 Y 1 A GLY 100 ? A GLY 64 
23 1 Y 1 A LYS 101 ? A LYS 65 
24 1 Y 1 A MET 102 ? A MET 66 
25 1 Y 1 A LYS 103 ? A LYS 67 
26 1 Y 1 A GLU 104 ? A GLU 68 
# 
loop_
_chem_comp_atom.comp_id 
_chem_comp_atom.atom_id 
_chem_comp_atom.type_symbol 
_chem_comp_atom.pdbx_aromatic_flag 
_chem_comp_atom.pdbx_stereo_config 
_chem_comp_atom.pdbx_ordinal 
ALA N    N N N 1   
ALA CA   C N S 2   
ALA C    C N N 3   
ALA O    O N N 4   
ALA CB   C N N 5   
ALA OXT  O N N 6   
ALA H    H N N 7   
ALA H2   H N N 8   
ALA HA   H N N 9   
ALA HB1  H N N 10  
ALA HB2  H N N 11  
ALA HB3  H N N 12  
ALA HXT  H N N 13  
ARG N    N N N 14  
ARG CA   C N S 15  
ARG C    C N N 16  
ARG O    O N N 17  
ARG CB   C N N 18  
ARG CG   C N N 19  
ARG CD   C N N 20  
ARG NE   N N N 21  
ARG CZ   C N N 22  
ARG NH1  N N N 23  
ARG NH2  N N N 24  
ARG OXT  O N N 25  
ARG H    H N N 26  
ARG H2   H N N 27  
ARG HA   H N N 28  
ARG HB2  H N N 29  
ARG HB3  H N N 30  
ARG HG2  H N N 31  
ARG HG3  H N N 32  
ARG HD2  H N N 33  
ARG HD3  H N N 34  
ARG HE   H N N 35  
ARG HH11 H N N 36  
ARG HH12 H N N 37  
ARG HH21 H N N 38  
ARG HH22 H N N 39  
ARG HXT  H N N 40  
ASN N    N N N 41  
ASN CA   C N S 42  
ASN C    C N N 43  
ASN O    O N N 44  
ASN CB   C N N 45  
ASN CG   C N N 46  
ASN OD1  O N N 47  
ASN ND2  N N N 48  
ASN OXT  O N N 49  
ASN H    H N N 50  
ASN H2   H N N 51  
ASN HA   H N N 52  
ASN HB2  H N N 53  
ASN HB3  H N N 54  
ASN HD21 H N N 55  
ASN HD22 H N N 56  
ASN HXT  H N N 57  
ASP N    N N N 58  
ASP CA   C N S 59  
ASP C    C N N 60  
ASP O    O N N 61  
ASP CB   C N N 62  
ASP CG   C N N 63  
ASP OD1  O N N 64  
ASP OD2  O N N 65  
ASP OXT  O N N 66  
ASP H    H N N 67  
ASP H2   H N N 68  
ASP HA   H N N 69  
ASP HB2  H N N 70  
ASP HB3  H N N 71  
ASP HD2  H N N 72  
ASP HXT  H N N 73  
GLN N    N N N 74  
GLN CA   C N S 75  
GLN C    C N N 76  
GLN O    O N N 77  
GLN CB   C N N 78  
GLN CG   C N N 79  
GLN CD   C N N 80  
GLN OE1  O N N 81  
GLN NE2  N N N 82  
GLN OXT  O N N 83  
GLN H    H N N 84  
GLN H2   H N N 85  
GLN HA   H N N 86  
GLN HB2  H N N 87  
GLN HB3  H N N 88  
GLN HG2  H N N 89  
GLN HG3  H N N 90  
GLN HE21 H N N 91  
GLN HE22 H N N 92  
GLN HXT  H N N 93  
GLU N    N N N 94  
GLU CA   C N S 95  
GLU C    C N N 96  
GLU O    O N N 97  
GLU CB   C N N 98  
GLU CG   C N N 99  
GLU CD   C N N 100 
GLU OE1  O N N 101 
GLU OE2  O N N 102 
GLU OXT  O N N 103 
GLU H    H N N 104 
GLU H2   H N N 105 
GLU HA   H N N 106 
GLU HB2  H N N 107 
GLU HB3  H N N 108 
GLU HG2  H N N 109 
GLU HG3  H N N 110 
GLU HE2  H N N 111 
GLU HXT  H N N 112 
GLY N    N N N 113 
GLY CA   C N N 114 
GLY C    C N N 115 
GLY O    O N N 116 
GLY OXT  O N N 117 
GLY H    H N N 118 
GLY H2   H N N 119 
GLY HA2  H N N 120 
GLY HA3  H N N 121 
GLY HXT  H N N 122 
HIS N    N N N 123 
HIS CA   C N S 124 
HIS C    C N N 125 
HIS O    O N N 126 
HIS CB   C N N 127 
HIS CG   C Y N 128 
HIS ND1  N Y N 129 
HIS CD2  C Y N 130 
HIS CE1  C Y N 131 
HIS NE2  N Y N 132 
HIS OXT  O N N 133 
HIS H    H N N 134 
HIS H2   H N N 135 
HIS HA   H N N 136 
HIS HB2  H N N 137 
HIS HB3  H N N 138 
HIS HD1  H N N 139 
HIS HD2  H N N 140 
HIS HE1  H N N 141 
HIS HE2  H N N 142 
HIS HXT  H N N 143 
HOH O    O N N 144 
HOH H1   H N N 145 
HOH H2   H N N 146 
ILE N    N N N 147 
ILE CA   C N S 148 
ILE C    C N N 149 
ILE O    O N N 150 
ILE CB   C N S 151 
ILE CG1  C N N 152 
ILE CG2  C N N 153 
ILE CD1  C N N 154 
ILE OXT  O N N 155 
ILE H    H N N 156 
ILE H2   H N N 157 
ILE HA   H N N 158 
ILE HB   H N N 159 
ILE HG12 H N N 160 
ILE HG13 H N N 161 
ILE HG21 H N N 162 
ILE HG22 H N N 163 
ILE HG23 H N N 164 
ILE HD11 H N N 165 
ILE HD12 H N N 166 
ILE HD13 H N N 167 
ILE HXT  H N N 168 
LEU N    N N N 169 
LEU CA   C N S 170 
LEU C    C N N 171 
LEU O    O N N 172 
LEU CB   C N N 173 
LEU CG   C N N 174 
LEU CD1  C N N 175 
LEU CD2  C N N 176 
LEU OXT  O N N 177 
LEU H    H N N 178 
LEU H2   H N N 179 
LEU HA   H N N 180 
LEU HB2  H N N 181 
LEU HB3  H N N 182 
LEU HG   H N N 183 
LEU HD11 H N N 184 
LEU HD12 H N N 185 
LEU HD13 H N N 186 
LEU HD21 H N N 187 
LEU HD22 H N N 188 
LEU HD23 H N N 189 
LEU HXT  H N N 190 
LYS N    N N N 191 
LYS CA   C N S 192 
LYS C    C N N 193 
LYS O    O N N 194 
LYS CB   C N N 195 
LYS CG   C N N 196 
LYS CD   C N N 197 
LYS CE   C N N 198 
LYS NZ   N N N 199 
LYS OXT  O N N 200 
LYS H    H N N 201 
LYS H2   H N N 202 
LYS HA   H N N 203 
LYS HB2  H N N 204 
LYS HB3  H N N 205 
LYS HG2  H N N 206 
LYS HG3  H N N 207 
LYS HD2  H N N 208 
LYS HD3  H N N 209 
LYS HE2  H N N 210 
LYS HE3  H N N 211 
LYS HZ1  H N N 212 
LYS HZ2  H N N 213 
LYS HZ3  H N N 214 
LYS HXT  H N N 215 
MET N    N N N 216 
MET CA   C N S 217 
MET C    C N N 218 
MET O    O N N 219 
MET CB   C N N 220 
MET CG   C N N 221 
MET SD   S N N 222 
MET CE   C N N 223 
MET OXT  O N N 224 
MET H    H N N 225 
MET H2   H N N 226 
MET HA   H N N 227 
MET HB2  H N N 228 
MET HB3  H N N 229 
MET HG2  H N N 230 
MET HG3  H N N 231 
MET HE1  H N N 232 
MET HE2  H N N 233 
MET HE3  H N N 234 
MET HXT  H N N 235 
PHE N    N N N 236 
PHE CA   C N S 237 
PHE C    C N N 238 
PHE O    O N N 239 
PHE CB   C N N 240 
PHE CG   C Y N 241 
PHE CD1  C Y N 242 
PHE CD2  C Y N 243 
PHE CE1  C Y N 244 
PHE CE2  C Y N 245 
PHE CZ   C Y N 246 
PHE OXT  O N N 247 
PHE H    H N N 248 
PHE H2   H N N 249 
PHE HA   H N N 250 
PHE HB2  H N N 251 
PHE HB3  H N N 252 
PHE HD1  H N N 253 
PHE HD2  H N N 254 
PHE HE1  H N N 255 
PHE HE2  H N N 256 
PHE HZ   H N N 257 
PHE HXT  H N N 258 
PRO N    N N N 259 
PRO CA   C N S 260 
PRO C    C N N 261 
PRO O    O N N 262 
PRO CB   C N N 263 
PRO CG   C N N 264 
PRO CD   C N N 265 
PRO OXT  O N N 266 
PRO H    H N N 267 
PRO HA   H N N 268 
PRO HB2  H N N 269 
PRO HB3  H N N 270 
PRO HG2  H N N 271 
PRO HG3  H N N 272 
PRO HD2  H N N 273 
PRO HD3  H N N 274 
PRO HXT  H N N 275 
SER N    N N N 276 
SER CA   C N S 277 
SER C    C N N 278 
SER O    O N N 279 
SER CB   C N N 280 
SER OG   O N N 281 
SER OXT  O N N 282 
SER H    H N N 283 
SER H2   H N N 284 
SER HA   H N N 285 
SER HB2  H N N 286 
SER HB3  H N N 287 
SER HG   H N N 288 
SER HXT  H N N 289 
THR N    N N N 290 
THR CA   C N S 291 
THR C    C N N 292 
THR O    O N N 293 
THR CB   C N R 294 
THR OG1  O N N 295 
THR CG2  C N N 296 
THR OXT  O N N 297 
THR H    H N N 298 
THR H2   H N N 299 
THR HA   H N N 300 
THR HB   H N N 301 
THR HG1  H N N 302 
THR HG21 H N N 303 
THR HG22 H N N 304 
THR HG23 H N N 305 
THR HXT  H N N 306 
TRP N    N N N 307 
TRP CA   C N S 308 
TRP C    C N N 309 
TRP O    O N N 310 
TRP CB   C N N 311 
TRP CG   C Y N 312 
TRP CD1  C Y N 313 
TRP CD2  C Y N 314 
TRP NE1  N Y N 315 
TRP CE2  C Y N 316 
TRP CE3  C Y N 317 
TRP CZ2  C Y N 318 
TRP CZ3  C Y N 319 
TRP CH2  C Y N 320 
TRP OXT  O N N 321 
TRP H    H N N 322 
TRP H2   H N N 323 
TRP HA   H N N 324 
TRP HB2  H N N 325 
TRP HB3  H N N 326 
TRP HD1  H N N 327 
TRP HE1  H N N 328 
TRP HE3  H N N 329 
TRP HZ2  H N N 330 
TRP HZ3  H N N 331 
TRP HH2  H N N 332 
TRP HXT  H N N 333 
TYR N    N N N 334 
TYR CA   C N S 335 
TYR C    C N N 336 
TYR O    O N N 337 
TYR CB   C N N 338 
TYR CG   C Y N 339 
TYR CD1  C Y N 340 
TYR CD2  C Y N 341 
TYR CE1  C Y N 342 
TYR CE2  C Y N 343 
TYR CZ   C Y N 344 
TYR OH   O N N 345 
TYR OXT  O N N 346 
TYR H    H N N 347 
TYR H2   H N N 348 
TYR HA   H N N 349 
TYR HB2  H N N 350 
TYR HB3  H N N 351 
TYR HD1  H N N 352 
TYR HD2  H N N 353 
TYR HE1  H N N 354 
TYR HE2  H N N 355 
TYR HH   H N N 356 
TYR HXT  H N N 357 
VAL N    N N N 358 
VAL CA   C N S 359 
VAL C    C N N 360 
VAL O    O N N 361 
VAL CB   C N N 362 
VAL CG1  C N N 363 
VAL CG2  C N N 364 
VAL OXT  O N N 365 
VAL H    H N N 366 
VAL H2   H N N 367 
VAL HA   H N N 368 
VAL HB   H N N 369 
VAL HG11 H N N 370 
VAL HG12 H N N 371 
VAL HG13 H N N 372 
VAL HG21 H N N 373 
VAL HG22 H N N 374 
VAL HG23 H N N 375 
VAL HXT  H N N 376 
# 
loop_
_chem_comp_bond.comp_id 
_chem_comp_bond.atom_id_1 
_chem_comp_bond.atom_id_2 
_chem_comp_bond.value_order 
_chem_comp_bond.pdbx_aromatic_flag 
_chem_comp_bond.pdbx_stereo_config 
_chem_comp_bond.pdbx_ordinal 
ALA N   CA   sing N N 1   
ALA N   H    sing N N 2   
ALA N   H2   sing N N 3   
ALA CA  C    sing N N 4   
ALA CA  CB   sing N N 5   
ALA CA  HA   sing N N 6   
ALA C   O    doub N N 7   
ALA C   OXT  sing N N 8   
ALA CB  HB1  sing N N 9   
ALA CB  HB2  sing N N 10  
ALA CB  HB3  sing N N 11  
ALA OXT HXT  sing N N 12  
ARG N   CA   sing N N 13  
ARG N   H    sing N N 14  
ARG N   H2   sing N N 15  
ARG CA  C    sing N N 16  
ARG CA  CB   sing N N 17  
ARG CA  HA   sing N N 18  
ARG C   O    doub N N 19  
ARG C   OXT  sing N N 20  
ARG CB  CG   sing N N 21  
ARG CB  HB2  sing N N 22  
ARG CB  HB3  sing N N 23  
ARG CG  CD   sing N N 24  
ARG CG  HG2  sing N N 25  
ARG CG  HG3  sing N N 26  
ARG CD  NE   sing N N 27  
ARG CD  HD2  sing N N 28  
ARG CD  HD3  sing N N 29  
ARG NE  CZ   sing N N 30  
ARG NE  HE   sing N N 31  
ARG CZ  NH1  sing N N 32  
ARG CZ  NH2  doub N N 33  
ARG NH1 HH11 sing N N 34  
ARG NH1 HH12 sing N N 35  
ARG NH2 HH21 sing N N 36  
ARG NH2 HH22 sing N N 37  
ARG OXT HXT  sing N N 38  
ASN N   CA   sing N N 39  
ASN N   H    sing N N 40  
ASN N   H2   sing N N 41  
ASN CA  C    sing N N 42  
ASN CA  CB   sing N N 43  
ASN CA  HA   sing N N 44  
ASN C   O    doub N N 45  
ASN C   OXT  sing N N 46  
ASN CB  CG   sing N N 47  
ASN CB  HB2  sing N N 48  
ASN CB  HB3  sing N N 49  
ASN CG  OD1  doub N N 50  
ASN CG  ND2  sing N N 51  
ASN ND2 HD21 sing N N 52  
ASN ND2 HD22 sing N N 53  
ASN OXT HXT  sing N N 54  
ASP N   CA   sing N N 55  
ASP N   H    sing N N 56  
ASP N   H2   sing N N 57  
ASP CA  C    sing N N 58  
ASP CA  CB   sing N N 59  
ASP CA  HA   sing N N 60  
ASP C   O    doub N N 61  
ASP C   OXT  sing N N 62  
ASP CB  CG   sing N N 63  
ASP CB  HB2  sing N N 64  
ASP CB  HB3  sing N N 65  
ASP CG  OD1  doub N N 66  
ASP CG  OD2  sing N N 67  
ASP OD2 HD2  sing N N 68  
ASP OXT HXT  sing N N 69  
GLN N   CA   sing N N 70  
GLN N   H    sing N N 71  
GLN N   H2   sing N N 72  
GLN CA  C    sing N N 73  
GLN CA  CB   sing N N 74  
GLN CA  HA   sing N N 75  
GLN C   O    doub N N 76  
GLN C   OXT  sing N N 77  
GLN CB  CG   sing N N 78  
GLN CB  HB2  sing N N 79  
GLN CB  HB3  sing N N 80  
GLN CG  CD   sing N N 81  
GLN CG  HG2  sing N N 82  
GLN CG  HG3  sing N N 83  
GLN CD  OE1  doub N N 84  
GLN CD  NE2  sing N N 85  
GLN NE2 HE21 sing N N 86  
GLN NE2 HE22 sing N N 87  
GLN OXT HXT  sing N N 88  
GLU N   CA   sing N N 89  
GLU N   H    sing N N 90  
GLU N   H2   sing N N 91  
GLU CA  C    sing N N 92  
GLU CA  CB   sing N N 93  
GLU CA  HA   sing N N 94  
GLU C   O    doub N N 95  
GLU C   OXT  sing N N 96  
GLU CB  CG   sing N N 97  
GLU CB  HB2  sing N N 98  
GLU CB  HB3  sing N N 99  
GLU CG  CD   sing N N 100 
GLU CG  HG2  sing N N 101 
GLU CG  HG3  sing N N 102 
GLU CD  OE1  doub N N 103 
GLU CD  OE2  sing N N 104 
GLU OE2 HE2  sing N N 105 
GLU OXT HXT  sing N N 106 
GLY N   CA   sing N N 107 
GLY N   H    sing N N 108 
GLY N   H2   sing N N 109 
GLY CA  C    sing N N 110 
GLY CA  HA2  sing N N 111 
GLY CA  HA3  sing N N 112 
GLY C   O    doub N N 113 
GLY C   OXT  sing N N 114 
GLY OXT HXT  sing N N 115 
HIS N   CA   sing N N 116 
HIS N   H    sing N N 117 
HIS N   H2   sing N N 118 
HIS CA  C    sing N N 119 
HIS CA  CB   sing N N 120 
HIS CA  HA   sing N N 121 
HIS C   O    doub N N 122 
HIS C   OXT  sing N N 123 
HIS CB  CG   sing N N 124 
HIS CB  HB2  sing N N 125 
HIS CB  HB3  sing N N 126 
HIS CG  ND1  sing Y N 127 
HIS CG  CD2  doub Y N 128 
HIS ND1 CE1  doub Y N 129 
HIS ND1 HD1  sing N N 130 
HIS CD2 NE2  sing Y N 131 
HIS CD2 HD2  sing N N 132 
HIS CE1 NE2  sing Y N 133 
HIS CE1 HE1  sing N N 134 
HIS NE2 HE2  sing N N 135 
HIS OXT HXT  sing N N 136 
HOH O   H1   sing N N 137 
HOH O   H2   sing N N 138 
ILE N   CA   sing N N 139 
ILE N   H    sing N N 140 
ILE N   H2   sing N N 141 
ILE CA  C    sing N N 142 
ILE CA  CB   sing N N 143 
ILE CA  HA   sing N N 144 
ILE C   O    doub N N 145 
ILE C   OXT  sing N N 146 
ILE CB  CG1  sing N N 147 
ILE CB  CG2  sing N N 148 
ILE CB  HB   sing N N 149 
ILE CG1 CD1  sing N N 150 
ILE CG1 HG12 sing N N 151 
ILE CG1 HG13 sing N N 152 
ILE CG2 HG21 sing N N 153 
ILE CG2 HG22 sing N N 154 
ILE CG2 HG23 sing N N 155 
ILE CD1 HD11 sing N N 156 
ILE CD1 HD12 sing N N 157 
ILE CD1 HD13 sing N N 158 
ILE OXT HXT  sing N N 159 
LEU N   CA   sing N N 160 
LEU N   H    sing N N 161 
LEU N   H2   sing N N 162 
LEU CA  C    sing N N 163 
LEU CA  CB   sing N N 164 
LEU CA  HA   sing N N 165 
LEU C   O    doub N N 166 
LEU C   OXT  sing N N 167 
LEU CB  CG   sing N N 168 
LEU CB  HB2  sing N N 169 
LEU CB  HB3  sing N N 170 
LEU CG  CD1  sing N N 171 
LEU CG  CD2  sing N N 172 
LEU CG  HG   sing N N 173 
LEU CD1 HD11 sing N N 174 
LEU CD1 HD12 sing N N 175 
LEU CD1 HD13 sing N N 176 
LEU CD2 HD21 sing N N 177 
LEU CD2 HD22 sing N N 178 
LEU CD2 HD23 sing N N 179 
LEU OXT HXT  sing N N 180 
LYS N   CA   sing N N 181 
LYS N   H    sing N N 182 
LYS N   H2   sing N N 183 
LYS CA  C    sing N N 184 
LYS CA  CB   sing N N 185 
LYS CA  HA   sing N N 186 
LYS C   O    doub N N 187 
LYS C   OXT  sing N N 188 
LYS CB  CG   sing N N 189 
LYS CB  HB2  sing N N 190 
LYS CB  HB3  sing N N 191 
LYS CG  CD   sing N N 192 
LYS CG  HG2  sing N N 193 
LYS CG  HG3  sing N N 194 
LYS CD  CE   sing N N 195 
LYS CD  HD2  sing N N 196 
LYS CD  HD3  sing N N 197 
LYS CE  NZ   sing N N 198 
LYS CE  HE2  sing N N 199 
LYS CE  HE3  sing N N 200 
LYS NZ  HZ1  sing N N 201 
LYS NZ  HZ2  sing N N 202 
LYS NZ  HZ3  sing N N 203 
LYS OXT HXT  sing N N 204 
MET N   CA   sing N N 205 
MET N   H    sing N N 206 
MET N   H2   sing N N 207 
MET CA  C    sing N N 208 
MET CA  CB   sing N N 209 
MET CA  HA   sing N N 210 
MET C   O    doub N N 211 
MET C   OXT  sing N N 212 
MET CB  CG   sing N N 213 
MET CB  HB2  sing N N 214 
MET CB  HB3  sing N N 215 
MET CG  SD   sing N N 216 
MET CG  HG2  sing N N 217 
MET CG  HG3  sing N N 218 
MET SD  CE   sing N N 219 
MET CE  HE1  sing N N 220 
MET CE  HE2  sing N N 221 
MET CE  HE3  sing N N 222 
MET OXT HXT  sing N N 223 
PHE N   CA   sing N N 224 
PHE N   H    sing N N 225 
PHE N   H2   sing N N 226 
PHE CA  C    sing N N 227 
PHE CA  CB   sing N N 228 
PHE CA  HA   sing N N 229 
PHE C   O    doub N N 230 
PHE C   OXT  sing N N 231 
PHE CB  CG   sing N N 232 
PHE CB  HB2  sing N N 233 
PHE CB  HB3  sing N N 234 
PHE CG  CD1  doub Y N 235 
PHE CG  CD2  sing Y N 236 
PHE CD1 CE1  sing Y N 237 
PHE CD1 HD1  sing N N 238 
PHE CD2 CE2  doub Y N 239 
PHE CD2 HD2  sing N N 240 
PHE CE1 CZ   doub Y N 241 
PHE CE1 HE1  sing N N 242 
PHE CE2 CZ   sing Y N 243 
PHE CE2 HE2  sing N N 244 
PHE CZ  HZ   sing N N 245 
PHE OXT HXT  sing N N 246 
PRO N   CA   sing N N 247 
PRO N   CD   sing N N 248 
PRO N   H    sing N N 249 
PRO CA  C    sing N N 250 
PRO CA  CB   sing N N 251 
PRO CA  HA   sing N N 252 
PRO C   O    doub N N 253 
PRO C   OXT  sing N N 254 
PRO CB  CG   sing N N 255 
PRO CB  HB2  sing N N 256 
PRO CB  HB3  sing N N 257 
PRO CG  CD   sing N N 258 
PRO CG  HG2  sing N N 259 
PRO CG  HG3  sing N N 260 
PRO CD  HD2  sing N N 261 
PRO CD  HD3  sing N N 262 
PRO OXT HXT  sing N N 263 
SER N   CA   sing N N 264 
SER N   H    sing N N 265 
SER N   H2   sing N N 266 
SER CA  C    sing N N 267 
SER CA  CB   sing N N 268 
SER CA  HA   sing N N 269 
SER C   O    doub N N 270 
SER C   OXT  sing N N 271 
SER CB  OG   sing N N 272 
SER CB  HB2  sing N N 273 
SER CB  HB3  sing N N 274 
SER OG  HG   sing N N 275 
SER OXT HXT  sing N N 276 
THR N   CA   sing N N 277 
THR N   H    sing N N 278 
THR N   H2   sing N N 279 
THR CA  C    sing N N 280 
THR CA  CB   sing N N 281 
THR CA  HA   sing N N 282 
THR C   O    doub N N 283 
THR C   OXT  sing N N 284 
THR CB  OG1  sing N N 285 
THR CB  CG2  sing N N 286 
THR CB  HB   sing N N 287 
THR OG1 HG1  sing N N 288 
THR CG2 HG21 sing N N 289 
THR CG2 HG22 sing N N 290 
THR CG2 HG23 sing N N 291 
THR OXT HXT  sing N N 292 
TRP N   CA   sing N N 293 
TRP N   H    sing N N 294 
TRP N   H2   sing N N 295 
TRP CA  C    sing N N 296 
TRP CA  CB   sing N N 297 
TRP CA  HA   sing N N 298 
TRP C   O    doub N N 299 
TRP C   OXT  sing N N 300 
TRP CB  CG   sing N N 301 
TRP CB  HB2  sing N N 302 
TRP CB  HB3  sing N N 303 
TRP CG  CD1  doub Y N 304 
TRP CG  CD2  sing Y N 305 
TRP CD1 NE1  sing Y N 306 
TRP CD1 HD1  sing N N 307 
TRP CD2 CE2  doub Y N 308 
TRP CD2 CE3  sing Y N 309 
TRP NE1 CE2  sing Y N 310 
TRP NE1 HE1  sing N N 311 
TRP CE2 CZ2  sing Y N 312 
TRP CE3 CZ3  doub Y N 313 
TRP CE3 HE3  sing N N 314 
TRP CZ2 CH2  doub Y N 315 
TRP CZ2 HZ2  sing N N 316 
TRP CZ3 CH2  sing Y N 317 
TRP CZ3 HZ3  sing N N 318 
TRP CH2 HH2  sing N N 319 
TRP OXT HXT  sing N N 320 
TYR N   CA   sing N N 321 
TYR N   H    sing N N 322 
TYR N   H2   sing N N 323 
TYR CA  C    sing N N 324 
TYR CA  CB   sing N N 325 
TYR CA  HA   sing N N 326 
TYR C   O    doub N N 327 
TYR C   OXT  sing N N 328 
TYR CB  CG   sing N N 329 
TYR CB  HB2  sing N N 330 
TYR CB  HB3  sing N N 331 
TYR CG  CD1  doub Y N 332 
TYR CG  CD2  sing Y N 333 
TYR CD1 CE1  sing Y N 334 
TYR CD1 HD1  sing N N 335 
TYR CD2 CE2  doub Y N 336 
TYR CD2 HD2  sing N N 337 
TYR CE1 CZ   doub Y N 338 
TYR CE1 HE1  sing N N 339 
TYR CE2 CZ   sing Y N 340 
TYR CE2 HE2  sing N N 341 
TYR CZ  OH   sing N N 342 
TYR OH  HH   sing N N 343 
TYR OXT HXT  sing N N 344 
VAL N   CA   sing N N 345 
VAL N   H    sing N N 346 
VAL N   H2   sing N N 347 
VAL CA  C    sing N N 348 
VAL CA  CB   sing N N 349 
VAL CA  HA   sing N N 350 
VAL C   O    doub N N 351 
VAL C   OXT  sing N N 352 
VAL CB  CG1  sing N N 353 
VAL CB  CG2  sing N N 354 
VAL CB  HB   sing N N 355 
VAL CG1 HG11 sing N N 356 
VAL CG1 HG12 sing N N 357 
VAL CG1 HG13 sing N N 358 
VAL CG2 HG21 sing N N 359 
VAL CG2 HG22 sing N N 360 
VAL CG2 HG23 sing N N 361 
VAL OXT HXT  sing N N 362 
# 
_pdbx_entity_nonpoly.entity_id   2 
_pdbx_entity_nonpoly.name        water 
_pdbx_entity_nonpoly.comp_id     HOH 
# 
_pdbx_initial_refinement_model.id               1 
_pdbx_initial_refinement_model.entity_id_list   ? 
_pdbx_initial_refinement_model.type             'experimental model' 
_pdbx_initial_refinement_model.source_name      PDB 
_pdbx_initial_refinement_model.accession_code   2OFZ 
_pdbx_initial_refinement_model.details          'pdb entry 2ofz' 
# 
